data_2IVW
#
_entry.id   2IVW
#
_cell.length_a   1.000
_cell.length_b   1.000
_cell.length_c   1.000
_cell.angle_alpha   90.00
_cell.angle_beta   90.00
_cell.angle_gamma   90.00
#
_symmetry.space_group_name_H-M   'P 1'
#
_entity_poly.entity_id   1
_entity_poly.type   'polypeptide(L)'
_entity_poly.pdbx_seq_one_letter_code
;ETDKKGENAPDTKRIKETLEKFSLENMRYVGILKSGQKVSGFIEAEGYVYTVGVGNYLGQNYGRIESITDDSIVLNELIE
DSTGNWVSRKAELLLNSSDKNTEQAAAPAAEQN
;
_entity_poly.pdbx_strand_id   A
#
# COMPACT_ATOMS: atom_id res chain seq x y z
N GLU A 1 -7.00 6.53 -38.53
CA GLU A 1 -5.98 5.66 -37.95
C GLU A 1 -5.78 5.96 -36.47
N THR A 2 -5.66 4.90 -35.67
CA THR A 2 -5.47 5.05 -34.23
C THR A 2 -4.29 4.22 -33.74
N ASP A 3 -3.42 4.85 -32.95
CA ASP A 3 -2.25 4.16 -32.42
C ASP A 3 -2.33 4.07 -30.89
N LYS A 4 -1.79 2.98 -30.35
CA LYS A 4 -1.80 2.76 -28.91
C LYS A 4 -0.39 2.49 -28.39
N LYS A 5 0.35 3.56 -28.09
CA LYS A 5 1.70 3.42 -27.58
C LYS A 5 1.98 4.45 -26.49
N GLY A 6 2.99 4.18 -25.66
CA GLY A 6 3.33 5.08 -24.58
C GLY A 6 4.55 5.93 -24.90
N GLU A 7 4.37 6.96 -25.72
CA GLU A 7 5.46 7.84 -26.10
C GLU A 7 5.59 9.00 -25.12
N ASN A 8 6.57 9.87 -25.36
CA ASN A 8 6.80 11.02 -24.51
C ASN A 8 5.71 12.07 -24.70
N ALA A 9 4.56 11.84 -24.06
CA ALA A 9 3.44 12.78 -24.16
C ALA A 9 2.84 13.06 -22.79
N PRO A 10 2.10 14.17 -22.68
CA PRO A 10 1.45 14.58 -21.43
C PRO A 10 0.30 13.66 -21.05
N ASP A 11 -0.46 14.05 -20.03
CA ASP A 11 -1.59 13.26 -19.57
C ASP A 11 -2.82 14.15 -19.33
N THR A 12 -3.90 13.54 -18.88
CA THR A 12 -5.13 14.27 -18.61
C THR A 12 -5.58 14.08 -17.16
N LYS A 13 -6.68 14.73 -16.79
CA LYS A 13 -7.21 14.64 -15.44
C LYS A 13 -7.82 13.26 -15.19
N ARG A 14 -8.06 12.53 -16.27
CA ARG A 14 -8.64 11.18 -16.17
C ARG A 14 -7.84 10.33 -15.19
N ILE A 15 -8.45 9.25 -14.72
CA ILE A 15 -7.79 8.34 -13.78
C ILE A 15 -7.75 6.92 -14.33
N LYS A 16 -6.97 6.07 -13.68
CA LYS A 16 -6.83 4.67 -14.10
C LYS A 16 -7.79 3.78 -13.32
N GLU A 17 -7.46 3.55 -12.05
CA GLU A 17 -8.29 2.70 -11.18
C GLU A 17 -9.04 3.56 -10.16
N THR A 18 -10.08 2.97 -9.58
CA THR A 18 -10.89 3.66 -8.58
C THR A 18 -10.04 4.13 -7.41
N LEU A 19 -8.91 3.46 -7.20
CA LEU A 19 -8.00 3.81 -6.11
C LEU A 19 -7.38 5.19 -6.33
N GLU A 20 -7.55 5.71 -7.54
CA GLU A 20 -7.01 7.02 -7.89
C GLU A 20 -7.67 8.12 -7.07
N LYS A 21 -8.94 7.93 -6.76
CA LYS A 21 -9.70 8.89 -5.97
C LYS A 21 -9.35 8.80 -4.50
N PHE A 22 -8.48 7.85 -4.16
CA PHE A 22 -8.06 7.65 -2.78
C PHE A 22 -6.61 8.10 -2.59
N SER A 23 -6.30 8.58 -1.38
CA SER A 23 -4.96 9.04 -1.07
C SER A 23 -4.20 7.98 -0.28
N LEU A 24 -2.88 8.16 -0.18
CA LEU A 24 -2.03 7.22 0.54
C LEU A 24 -2.35 7.25 2.04
N GLU A 25 -2.52 8.46 2.57
CA GLU A 25 -2.83 8.63 3.99
C GLU A 25 -4.01 7.75 4.40
N ASN A 26 -4.87 7.44 3.42
CA ASN A 26 -6.05 6.61 3.68
C ASN A 26 -5.71 5.14 3.56
N MET A 27 -4.78 4.82 2.66
CA MET A 27 -4.36 3.43 2.45
C MET A 27 -3.70 2.87 3.71
N ARG A 28 -4.12 1.68 4.11
CA ARG A 28 -3.56 1.02 5.29
C ARG A 28 -3.60 -0.49 5.14
N TYR A 29 -2.70 -1.16 5.85
CA TYR A 29 -2.63 -2.62 5.80
C TYR A 29 -3.73 -3.25 6.66
N VAL A 30 -4.63 -4.00 6.01
CA VAL A 30 -5.73 -4.66 6.71
C VAL A 30 -5.42 -6.12 6.95
N GLY A 31 -4.86 -6.78 5.93
CA GLY A 31 -4.53 -8.19 6.05
C GLY A 31 -3.89 -8.74 4.79
N ILE A 32 -4.10 -10.03 4.54
CA ILE A 32 -3.55 -10.68 3.36
C ILE A 32 -4.54 -11.64 2.74
N LEU A 33 -4.27 -12.04 1.50
CA LEU A 33 -5.16 -12.97 0.79
C LEU A 33 -4.35 -14.11 0.16
N LYS A 34 -4.96 -15.28 0.10
CA LYS A 34 -4.32 -16.45 -0.48
C LYS A 34 -4.31 -16.37 -2.01
N SER A 35 -3.21 -16.82 -2.61
CA SER A 35 -3.08 -16.80 -4.06
C SER A 35 -2.45 -18.09 -4.57
N GLY A 36 -3.20 -19.18 -4.49
CA GLY A 36 -2.69 -20.47 -4.94
C GLY A 36 -1.64 -21.05 -4.01
N GLN A 37 -0.42 -20.54 -4.09
CA GLN A 37 0.67 -21.01 -3.24
C GLN A 37 1.52 -19.85 -2.75
N LYS A 38 0.88 -18.70 -2.56
CA LYS A 38 1.59 -17.51 -2.09
C LYS A 38 0.65 -16.61 -1.28
N VAL A 39 1.21 -15.56 -0.69
CA VAL A 39 0.42 -14.63 0.12
C VAL A 39 0.48 -13.22 -0.47
N SER A 40 -0.69 -12.62 -0.65
CA SER A 40 -0.77 -11.27 -1.20
C SER A 40 -1.18 -10.27 -0.12
N GLY A 41 -0.59 -9.07 -0.18
CA GLY A 41 -0.89 -8.05 0.80
C GLY A 41 -2.23 -7.37 0.52
N PHE A 42 -3.12 -7.42 1.50
CA PHE A 42 -4.44 -6.81 1.36
C PHE A 42 -4.46 -5.40 1.97
N ILE A 43 -4.65 -4.40 1.12
CA ILE A 43 -4.68 -3.02 1.58
C ILE A 43 -6.05 -2.40 1.33
N GLU A 44 -6.48 -1.55 2.25
CA GLU A 44 -7.77 -0.88 2.13
C GLU A 44 -7.62 0.63 2.10
N ALA A 45 -8.43 1.29 1.29
CA ALA A 45 -8.38 2.74 1.17
C ALA A 45 -9.75 3.37 1.40
N GLU A 46 -9.93 3.99 2.57
CA GLU A 46 -11.19 4.62 2.91
C GLU A 46 -12.37 3.72 2.54
N GLY A 47 -12.46 2.56 3.17
CA GLY A 47 -13.54 1.64 2.89
C GLY A 47 -13.20 0.67 1.77
N TYR A 48 -12.58 1.19 0.71
CA TYR A 48 -12.21 0.38 -0.43
C TYR A 48 -11.26 -0.74 -0.01
N VAL A 49 -11.52 -1.94 -0.52
CA VAL A 49 -10.69 -3.10 -0.20
C VAL A 49 -10.08 -3.71 -1.47
N TYR A 50 -8.77 -3.56 -1.60
CA TYR A 50 -8.06 -4.09 -2.76
C TYR A 50 -6.80 -4.84 -2.34
N THR A 51 -6.62 -6.04 -2.87
CA THR A 51 -5.46 -6.85 -2.54
C THR A 51 -4.37 -6.70 -3.61
N VAL A 52 -3.12 -6.91 -3.21
CA VAL A 52 -1.99 -6.79 -4.11
C VAL A 52 -0.96 -7.89 -3.85
N GLY A 53 -0.24 -8.27 -4.89
CA GLY A 53 0.78 -9.30 -4.75
C GLY A 53 2.07 -8.94 -5.45
N VAL A 54 3.06 -9.83 -5.36
CA VAL A 54 4.37 -9.59 -5.99
C VAL A 54 4.20 -8.96 -7.37
N GLY A 55 4.55 -7.68 -7.47
CA GLY A 55 4.45 -6.98 -8.74
C GLY A 55 3.04 -6.51 -9.02
N ASN A 56 2.52 -5.62 -8.17
CA ASN A 56 1.18 -5.10 -8.32
C ASN A 56 1.16 -3.58 -8.10
N TYR A 57 -0.03 -3.00 -8.19
CA TYR A 57 -0.19 -1.56 -8.00
C TYR A 57 -0.93 -1.26 -6.69
N LEU A 58 -0.65 -0.08 -6.13
CA LEU A 58 -1.30 0.33 -4.88
C LEU A 58 -0.93 1.76 -4.53
N GLY A 59 -1.50 2.26 -3.44
CA GLY A 59 -1.22 3.62 -3.01
C GLY A 59 -2.09 4.64 -3.73
N GLN A 60 -1.65 5.89 -3.72
CA GLN A 60 -2.39 6.96 -4.37
C GLN A 60 -1.77 7.31 -5.72
N ASN A 61 -0.64 8.01 -5.68
CA ASN A 61 0.05 8.41 -6.91
C ASN A 61 0.35 7.19 -7.77
N TYR A 62 1.53 6.60 -7.56
CA TYR A 62 1.94 5.43 -8.32
C TYR A 62 2.77 4.48 -7.46
N GLY A 63 2.08 3.62 -6.72
CA GLY A 63 2.75 2.67 -5.85
C GLY A 63 2.78 1.28 -6.44
N ARG A 64 3.93 0.62 -6.36
CA ARG A 64 4.09 -0.74 -6.89
C ARG A 64 4.64 -1.67 -5.82
N ILE A 65 3.92 -2.76 -5.57
CA ILE A 65 4.35 -3.74 -4.59
C ILE A 65 5.27 -4.78 -5.20
N GLU A 66 6.34 -5.12 -4.48
CA GLU A 66 7.31 -6.11 -4.96
C GLU A 66 7.44 -7.26 -3.96
N SER A 67 7.61 -6.92 -2.69
CA SER A 67 7.76 -7.92 -1.65
C SER A 67 6.56 -7.91 -0.71
N ILE A 68 6.11 -9.10 -0.33
CA ILE A 68 4.96 -9.23 0.57
C ILE A 68 5.20 -10.32 1.60
N THR A 69 5.41 -9.92 2.85
CA THR A 69 5.65 -10.86 3.94
C THR A 69 4.51 -10.85 4.94
N ASP A 70 4.52 -11.80 5.86
CA ASP A 70 3.48 -11.90 6.88
C ASP A 70 3.49 -10.67 7.79
N ASP A 71 2.43 -9.88 7.74
CA ASP A 71 2.32 -8.69 8.56
C ASP A 71 3.33 -7.62 8.11
N SER A 72 3.65 -7.63 6.82
CA SER A 72 4.60 -6.68 6.26
C SER A 72 4.57 -6.72 4.75
N ILE A 73 4.72 -5.54 4.13
CA ILE A 73 4.71 -5.43 2.68
C ILE A 73 5.67 -4.35 2.20
N VAL A 74 6.52 -4.69 1.23
CA VAL A 74 7.49 -3.73 0.69
C VAL A 74 7.09 -3.30 -0.72
N LEU A 75 6.84 -2.00 -0.87
CA LEU A 75 6.45 -1.45 -2.17
C LEU A 75 7.17 -0.13 -2.43
N ASN A 76 7.17 0.29 -3.69
CA ASN A 76 7.82 1.53 -4.08
C ASN A 76 6.79 2.57 -4.53
N GLU A 77 6.57 3.57 -3.69
CA GLU A 77 5.61 4.63 -3.99
C GLU A 77 6.26 5.74 -4.81
N LEU A 78 5.67 6.06 -5.95
CA LEU A 78 6.18 7.09 -6.83
C LEU A 78 5.39 8.40 -6.67
N ILE A 79 6.09 9.48 -6.38
CA ILE A 79 5.45 10.77 -6.21
C ILE A 79 6.38 11.91 -6.64
N GLU A 80 5.79 12.96 -7.21
CA GLU A 80 6.57 14.11 -7.66
C GLU A 80 7.37 14.71 -6.52
N ASP A 81 8.57 15.18 -6.83
CA ASP A 81 9.45 15.78 -5.83
C ASP A 81 10.18 16.99 -6.40
N SER A 82 11.19 17.46 -5.67
CA SER A 82 11.97 18.61 -6.10
C SER A 82 12.58 18.37 -7.48
N THR A 83 12.71 17.09 -7.84
CA THR A 83 13.28 16.72 -9.13
C THR A 83 12.38 17.16 -10.29
N GLY A 84 11.15 17.55 -9.96
CA GLY A 84 10.21 17.99 -10.97
C GLY A 84 9.54 16.82 -11.68
N ASN A 85 9.70 15.62 -11.13
CA ASN A 85 9.11 14.43 -11.72
C ASN A 85 8.85 13.37 -10.65
N TRP A 86 7.86 12.52 -10.89
CA TRP A 86 7.50 11.46 -9.96
C TRP A 86 8.71 10.59 -9.64
N VAL A 87 9.15 10.62 -8.38
CA VAL A 87 10.29 9.83 -7.95
C VAL A 87 9.85 8.61 -7.15
N SER A 88 10.46 7.47 -7.42
CA SER A 88 10.13 6.23 -6.72
C SER A 88 10.73 6.22 -5.32
N ARG A 89 9.97 5.72 -4.36
CA ARG A 89 10.42 5.64 -2.97
C ARG A 89 10.02 4.32 -2.34
N LYS A 90 11.02 3.44 -2.14
CA LYS A 90 10.77 2.14 -1.54
C LYS A 90 10.45 2.28 -0.05
N ALA A 91 9.38 1.61 0.38
CA ALA A 91 8.97 1.66 1.78
C ALA A 91 8.30 0.35 2.20
N GLU A 92 8.60 -0.10 3.41
CA GLU A 92 8.03 -1.34 3.93
C GLU A 92 7.11 -1.06 5.11
N LEU A 93 5.81 -1.31 4.92
CA LEU A 93 4.84 -1.08 5.97
C LEU A 93 4.52 -2.39 6.71
N LEU A 94 4.24 -2.27 8.00
CA LEU A 94 3.92 -3.43 8.82
C LEU A 94 2.45 -3.41 9.25
N LEU A 95 1.83 -4.58 9.25
CA LEU A 95 0.42 -4.71 9.64
C LEU A 95 0.15 -3.92 10.92
N ASN A 96 -0.81 -2.99 10.85
CA ASN A 96 -1.17 -2.17 12.00
C ASN A 96 -2.22 -2.88 12.85
N SER A 97 -1.95 -4.13 13.19
CA SER A 97 -2.87 -4.91 14.01
C SER A 97 -3.10 -4.25 15.37
N SER A 98 -3.98 -4.84 16.16
CA SER A 98 -4.30 -4.31 17.48
C SER A 98 -3.16 -4.60 18.46
N ASP A 99 -2.06 -3.86 18.33
CA ASP A 99 -0.91 -4.04 19.20
C ASP A 99 -0.63 -2.78 19.99
N LYS A 100 -1.67 -1.98 20.21
CA LYS A 100 -1.54 -0.72 20.95
C LYS A 100 -1.01 -0.98 22.36
N ASN A 101 -0.32 0.00 22.92
CA ASN A 101 0.24 -0.12 24.26
C ASN A 101 -0.56 0.71 25.26
N THR A 102 -1.60 0.09 25.83
CA THR A 102 -2.45 0.77 26.80
C THR A 102 -2.26 0.19 28.20
N GLU A 103 -1.02 0.19 28.68
CA GLU A 103 -0.70 -0.34 30.00
C GLU A 103 -1.18 0.61 31.10
N GLN A 104 -1.40 0.06 32.29
CA GLN A 104 -1.86 0.87 33.42
C GLN A 104 -0.89 1.99 33.72
N ALA A 105 -1.41 3.10 34.24
CA ALA A 105 -0.59 4.26 34.58
C ALA A 105 -1.24 5.09 35.67
N ALA A 106 -0.50 6.06 36.20
CA ALA A 106 -1.00 6.93 37.25
C ALA A 106 -2.22 7.72 36.78
N ALA A 107 -3.29 7.67 37.56
CA ALA A 107 -4.51 8.39 37.22
C ALA A 107 -5.07 9.14 38.43
N PRO A 108 -5.93 10.13 38.18
CA PRO A 108 -6.54 10.94 39.23
C PRO A 108 -7.55 10.15 40.06
N ALA A 109 -7.06 9.42 41.06
CA ALA A 109 -7.93 8.63 41.92
C ALA A 109 -7.19 8.18 43.17
N ALA A 110 -7.95 7.80 44.20
CA ALA A 110 -7.36 7.35 45.46
C ALA A 110 -7.60 5.86 45.67
N GLU A 111 -6.66 5.21 46.35
CA GLU A 111 -6.77 3.78 46.63
C GLU A 111 -7.03 3.52 48.11
N GLN A 112 -7.32 2.27 48.44
CA GLN A 112 -7.60 1.90 49.83
C GLN A 112 -6.38 1.24 50.47
N ASN A 113 -5.60 0.53 49.67
CA ASN A 113 -4.41 -0.15 50.16
C ASN A 113 -3.17 0.28 49.37
N GLU A 1 -7.02 -15.23 -23.35
CA GLU A 1 -5.82 -15.93 -22.88
C GLU A 1 -5.19 -15.21 -21.70
N THR A 2 -4.09 -15.74 -21.19
CA THR A 2 -3.40 -15.15 -20.06
C THR A 2 -2.15 -14.40 -20.51
N ASP A 3 -2.16 -13.94 -21.76
CA ASP A 3 -1.03 -13.21 -22.32
C ASP A 3 -0.97 -11.80 -21.75
N LYS A 4 0.21 -11.39 -21.29
CA LYS A 4 0.40 -10.07 -20.72
C LYS A 4 1.88 -9.68 -20.73
N LYS A 5 2.24 -8.76 -21.62
CA LYS A 5 3.62 -8.30 -21.73
C LYS A 5 3.89 -7.18 -20.74
N GLY A 6 5.14 -7.08 -20.30
CA GLY A 6 5.52 -6.05 -19.35
C GLY A 6 6.98 -6.14 -18.93
N GLU A 7 7.75 -5.11 -19.24
CA GLU A 7 9.17 -5.08 -18.90
C GLU A 7 9.36 -4.83 -17.40
N ASN A 8 10.56 -5.12 -16.91
CA ASN A 8 10.87 -4.93 -15.50
C ASN A 8 11.37 -3.52 -15.24
N ALA A 9 10.54 -2.53 -15.57
CA ALA A 9 10.91 -1.13 -15.37
C ALA A 9 9.96 -0.46 -14.40
N PRO A 10 10.41 0.67 -13.82
CA PRO A 10 9.61 1.44 -12.86
C PRO A 10 8.41 2.12 -13.51
N ASP A 11 8.44 2.22 -14.83
CA ASP A 11 7.35 2.86 -15.58
C ASP A 11 6.66 1.84 -16.48
N THR A 12 5.35 1.68 -16.28
CA THR A 12 4.58 0.74 -17.08
C THR A 12 3.48 1.46 -17.87
N LYS A 13 2.71 0.70 -18.64
CA LYS A 13 1.63 1.27 -19.43
C LYS A 13 0.28 0.97 -18.81
N ARG A 14 0.27 0.76 -17.49
CA ARG A 14 -0.96 0.48 -16.77
C ARG A 14 -1.94 1.64 -16.88
N ILE A 15 -3.20 1.38 -16.54
CA ILE A 15 -4.23 2.40 -16.60
C ILE A 15 -4.63 2.87 -15.21
N LYS A 16 -5.35 3.99 -15.15
CA LYS A 16 -5.80 4.54 -13.87
C LYS A 16 -6.85 3.65 -13.23
N GLU A 17 -7.09 3.85 -11.94
CA GLU A 17 -8.08 3.07 -11.21
C GLU A 17 -8.74 3.90 -10.12
N THR A 18 -9.86 3.39 -9.59
CA THR A 18 -10.59 4.09 -8.54
C THR A 18 -9.68 4.49 -7.39
N LEU A 19 -8.68 3.64 -7.11
CA LEU A 19 -7.74 3.91 -6.04
C LEU A 19 -7.08 5.27 -6.22
N GLU A 20 -7.02 5.73 -7.46
CA GLU A 20 -6.42 7.03 -7.75
C GLU A 20 -7.14 8.15 -7.03
N LYS A 21 -8.37 7.87 -6.60
CA LYS A 21 -9.18 8.85 -5.89
C LYS A 21 -9.00 8.72 -4.39
N PHE A 22 -7.92 8.05 -3.98
CA PHE A 22 -7.64 7.86 -2.56
C PHE A 22 -6.18 8.17 -2.25
N SER A 23 -5.95 8.87 -1.14
CA SER A 23 -4.61 9.24 -0.73
C SER A 23 -3.89 8.06 -0.08
N LEU A 24 -2.56 8.12 -0.05
CA LEU A 24 -1.76 7.05 0.54
C LEU A 24 -1.93 7.02 2.05
N GLU A 25 -1.98 8.21 2.66
CA GLU A 25 -2.13 8.32 4.11
C GLU A 25 -3.37 7.55 4.58
N ASN A 26 -4.30 7.34 3.66
CA ASN A 26 -5.54 6.62 3.98
C ASN A 26 -5.35 5.11 3.83
N MET A 27 -4.45 4.72 2.94
CA MET A 27 -4.16 3.30 2.70
C MET A 27 -3.60 2.66 3.95
N ARG A 28 -4.14 1.50 4.32
CA ARG A 28 -3.69 0.77 5.49
C ARG A 28 -3.87 -0.73 5.31
N TYR A 29 -3.08 -1.51 6.04
CA TYR A 29 -3.16 -2.96 5.96
C TYR A 29 -4.38 -3.49 6.70
N VAL A 30 -5.25 -4.19 5.97
CA VAL A 30 -6.46 -4.75 6.55
C VAL A 30 -6.36 -6.27 6.67
N GLY A 31 -5.87 -6.91 5.61
CA GLY A 31 -5.73 -8.35 5.63
C GLY A 31 -4.80 -8.86 4.54
N ILE A 32 -4.89 -10.14 4.24
CA ILE A 32 -4.04 -10.75 3.21
C ILE A 32 -4.76 -11.88 2.50
N LEU A 33 -4.18 -12.35 1.40
CA LEU A 33 -4.77 -13.44 0.63
C LEU A 33 -3.69 -14.39 0.12
N LYS A 34 -3.63 -15.59 0.71
CA LYS A 34 -2.65 -16.58 0.31
C LYS A 34 -3.21 -17.50 -0.77
N SER A 35 -2.35 -17.90 -1.70
CA SER A 35 -2.77 -18.78 -2.80
C SER A 35 -1.82 -19.97 -2.91
N GLY A 36 -1.93 -20.91 -1.97
CA GLY A 36 -1.09 -22.08 -1.99
C GLY A 36 0.35 -21.77 -1.61
N GLN A 37 1.15 -21.43 -2.60
CA GLN A 37 2.56 -21.11 -2.36
C GLN A 37 2.82 -19.62 -2.58
N LYS A 38 1.77 -18.82 -2.51
CA LYS A 38 1.89 -17.38 -2.69
C LYS A 38 1.13 -16.63 -1.61
N VAL A 39 1.53 -15.38 -1.36
CA VAL A 39 0.89 -14.56 -0.35
C VAL A 39 0.68 -13.14 -0.84
N SER A 40 -0.56 -12.68 -0.84
CA SER A 40 -0.90 -11.34 -1.29
C SER A 40 -1.25 -10.44 -0.12
N GLY A 41 -1.16 -9.13 -0.33
CA GLY A 41 -1.49 -8.18 0.72
C GLY A 41 -2.78 -7.42 0.44
N PHE A 42 -3.70 -7.47 1.41
CA PHE A 42 -4.98 -6.79 1.27
C PHE A 42 -4.93 -5.41 1.92
N ILE A 43 -5.00 -4.37 1.09
CA ILE A 43 -4.97 -3.00 1.60
C ILE A 43 -6.29 -2.28 1.33
N GLU A 44 -6.70 -1.43 2.26
CA GLU A 44 -7.94 -0.69 2.12
C GLU A 44 -7.68 0.81 2.08
N ALA A 45 -8.45 1.53 1.27
CA ALA A 45 -8.30 2.97 1.14
C ALA A 45 -9.63 3.68 1.37
N GLU A 46 -9.76 4.32 2.52
CA GLU A 46 -10.99 5.04 2.86
C GLU A 46 -12.22 4.20 2.54
N GLY A 47 -12.33 3.05 3.18
CA GLY A 47 -13.46 2.17 2.94
C GLY A 47 -13.21 1.19 1.81
N TYR A 48 -12.56 1.67 0.76
CA TYR A 48 -12.26 0.83 -0.40
C TYR A 48 -11.39 -0.37 0.00
N VAL A 49 -11.68 -1.52 -0.58
CA VAL A 49 -10.93 -2.74 -0.29
C VAL A 49 -10.35 -3.34 -1.56
N TYR A 50 -9.02 -3.28 -1.67
CA TYR A 50 -8.33 -3.83 -2.84
C TYR A 50 -7.07 -4.58 -2.42
N THR A 51 -6.90 -5.77 -2.97
CA THR A 51 -5.74 -6.61 -2.67
C THR A 51 -4.65 -6.43 -3.72
N VAL A 52 -3.40 -6.65 -3.31
CA VAL A 52 -2.26 -6.52 -4.22
C VAL A 52 -1.25 -7.62 -3.98
N GLY A 53 -0.56 -8.03 -5.05
CA GLY A 53 0.44 -9.08 -4.93
C GLY A 53 1.72 -8.74 -5.67
N VAL A 54 2.66 -9.68 -5.67
CA VAL A 54 3.94 -9.48 -6.34
C VAL A 54 3.75 -8.80 -7.70
N GLY A 55 4.17 -7.53 -7.79
CA GLY A 55 4.04 -6.80 -9.03
C GLY A 55 2.63 -6.28 -9.24
N ASN A 56 2.17 -5.43 -8.35
CA ASN A 56 0.82 -4.85 -8.45
C ASN A 56 0.85 -3.35 -8.21
N TYR A 57 -0.32 -2.73 -8.25
CA TYR A 57 -0.43 -1.29 -8.04
C TYR A 57 -1.14 -0.99 -6.73
N LEU A 58 -0.82 0.17 -6.14
CA LEU A 58 -1.43 0.57 -4.88
C LEU A 58 -1.03 2.00 -4.52
N GLY A 59 -1.57 2.50 -3.41
CA GLY A 59 -1.25 3.84 -2.97
C GLY A 59 -2.09 4.89 -3.67
N GLN A 60 -1.61 6.14 -3.65
CA GLN A 60 -2.32 7.23 -4.29
C GLN A 60 -1.67 7.60 -5.63
N ASN A 61 -0.53 8.26 -5.56
CA ASN A 61 0.20 8.66 -6.76
C ASN A 61 0.48 7.46 -7.66
N TYR A 62 1.63 6.83 -7.45
CA TYR A 62 2.01 5.67 -8.24
C TYR A 62 2.79 4.66 -7.40
N GLY A 63 2.07 3.81 -6.69
CA GLY A 63 2.71 2.81 -5.85
C GLY A 63 2.67 1.42 -6.46
N ARG A 64 3.80 0.73 -6.42
CA ARG A 64 3.89 -0.61 -6.98
C ARG A 64 4.45 -1.59 -5.96
N ILE A 65 3.71 -2.66 -5.69
CA ILE A 65 4.12 -3.67 -4.73
C ILE A 65 4.99 -4.73 -5.39
N GLU A 66 6.07 -5.13 -4.72
CA GLU A 66 6.97 -6.15 -5.24
C GLU A 66 7.14 -7.29 -4.26
N SER A 67 7.36 -6.95 -2.99
CA SER A 67 7.55 -7.94 -1.95
C SER A 67 6.32 -8.01 -1.03
N ILE A 68 5.86 -9.23 -0.76
CA ILE A 68 4.71 -9.42 0.11
C ILE A 68 4.98 -10.49 1.17
N THR A 69 5.13 -10.06 2.41
CA THR A 69 5.40 -10.97 3.51
C THR A 69 4.25 -10.96 4.52
N ASP A 70 4.25 -11.94 5.42
CA ASP A 70 3.22 -12.05 6.44
C ASP A 70 3.28 -10.87 7.41
N ASP A 71 2.24 -10.04 7.37
CA ASP A 71 2.18 -8.87 8.24
C ASP A 71 3.20 -7.81 7.82
N SER A 72 3.56 -7.83 6.54
CA SER A 72 4.52 -6.88 6.01
C SER A 72 4.51 -6.89 4.48
N ILE A 73 4.57 -5.70 3.89
CA ILE A 73 4.56 -5.57 2.44
C ILE A 73 5.51 -4.46 1.99
N VAL A 74 6.38 -4.77 1.02
CA VAL A 74 7.32 -3.80 0.50
C VAL A 74 6.92 -3.35 -0.90
N LEU A 75 6.70 -2.04 -1.05
CA LEU A 75 6.31 -1.48 -2.35
C LEU A 75 7.07 -0.18 -2.62
N ASN A 76 7.09 0.22 -3.88
CA ASN A 76 7.79 1.45 -4.28
C ASN A 76 6.78 2.54 -4.65
N GLU A 77 6.63 3.52 -3.76
CA GLU A 77 5.71 4.63 -3.99
C GLU A 77 6.38 5.74 -4.79
N LEU A 78 5.75 6.12 -5.90
CA LEU A 78 6.30 7.17 -6.75
C LEU A 78 5.51 8.47 -6.57
N ILE A 79 6.22 9.55 -6.27
CA ILE A 79 5.61 10.86 -6.08
C ILE A 79 6.51 11.98 -6.55
N GLU A 80 5.91 13.02 -7.12
CA GLU A 80 6.67 14.17 -7.61
C GLU A 80 7.45 14.83 -6.48
N ASP A 81 8.65 15.30 -6.80
CA ASP A 81 9.50 15.97 -5.80
C ASP A 81 10.23 17.15 -6.42
N SER A 82 11.23 17.66 -5.71
CA SER A 82 12.00 18.81 -6.18
C SER A 82 12.57 18.53 -7.58
N THR A 83 12.69 17.26 -7.93
CA THR A 83 13.22 16.87 -9.23
C THR A 83 12.27 17.28 -10.35
N GLY A 84 11.05 17.67 -9.99
CA GLY A 84 10.08 18.08 -10.98
C GLY A 84 9.42 16.91 -11.67
N ASN A 85 9.63 15.71 -11.12
CA ASN A 85 9.06 14.50 -11.71
C ASN A 85 8.84 13.44 -10.63
N TRP A 86 7.87 12.56 -10.86
CA TRP A 86 7.57 11.49 -9.91
C TRP A 86 8.80 10.65 -9.62
N VAL A 87 9.22 10.65 -8.36
CA VAL A 87 10.38 9.88 -7.95
C VAL A 87 9.99 8.63 -7.18
N SER A 88 10.64 7.51 -7.50
CA SER A 88 10.34 6.25 -6.84
C SER A 88 10.91 6.22 -5.43
N ARG A 89 10.11 5.72 -4.48
CA ARG A 89 10.55 5.64 -3.09
C ARG A 89 10.08 4.33 -2.45
N LYS A 90 11.02 3.43 -2.21
CA LYS A 90 10.72 2.14 -1.60
C LYS A 90 10.26 2.32 -0.16
N ALA A 91 9.20 1.60 0.21
CA ALA A 91 8.66 1.68 1.56
C ALA A 91 8.01 0.36 1.97
N GLU A 92 8.11 0.02 3.25
CA GLU A 92 7.53 -1.21 3.76
C GLU A 92 6.59 -0.93 4.93
N LEU A 93 5.38 -1.48 4.85
CA LEU A 93 4.38 -1.28 5.89
C LEU A 93 4.10 -2.59 6.62
N LEU A 94 3.84 -2.49 7.92
CA LEU A 94 3.55 -3.67 8.74
C LEU A 94 2.06 -3.75 9.07
N LEU A 95 1.50 -4.95 8.92
CA LEU A 95 0.09 -5.16 9.21
C LEU A 95 -0.28 -4.63 10.59
N ASN A 96 -1.35 -3.84 10.65
CA ASN A 96 -1.80 -3.26 11.91
C ASN A 96 -2.83 -4.18 12.59
N SER A 97 -2.50 -5.47 12.67
CA SER A 97 -3.39 -6.44 13.29
C SER A 97 -3.72 -6.04 14.72
N SER A 98 -2.84 -5.25 15.33
CA SER A 98 -3.03 -4.81 16.71
C SER A 98 -3.07 -6.00 17.66
N ASP A 99 -1.89 -6.41 18.11
CA ASP A 99 -1.79 -7.55 19.04
C ASP A 99 -0.56 -7.40 19.93
N LYS A 100 -0.11 -6.15 20.11
CA LYS A 100 1.05 -5.88 20.95
C LYS A 100 0.75 -4.75 21.93
N ASN A 101 1.73 -4.44 22.77
CA ASN A 101 1.57 -3.37 23.75
C ASN A 101 1.75 -2.00 23.12
N THR A 102 0.64 -1.38 22.74
CA THR A 102 0.67 -0.06 22.12
C THR A 102 0.13 1.02 23.06
N GLU A 103 0.85 1.25 24.15
CA GLU A 103 0.45 2.25 25.13
C GLU A 103 0.25 3.62 24.46
N GLN A 104 -0.60 4.44 25.07
CA GLN A 104 -0.88 5.77 24.53
C GLN A 104 0.41 6.53 24.28
N ALA A 105 0.41 7.37 23.25
CA ALA A 105 1.58 8.16 22.90
C ALA A 105 1.19 9.39 22.09
N ALA A 106 2.18 10.22 21.78
CA ALA A 106 1.93 11.44 21.01
C ALA A 106 2.42 11.29 19.57
N ALA A 107 1.91 12.14 18.68
CA ALA A 107 2.30 12.09 17.28
C ALA A 107 2.14 10.69 16.71
N PRO A 108 0.88 10.23 16.59
CA PRO A 108 0.57 8.90 16.06
C PRO A 108 0.85 8.78 14.57
N ALA A 109 1.24 7.59 14.13
CA ALA A 109 1.53 7.35 12.73
C ALA A 109 2.53 8.37 12.20
N ALA A 110 3.66 8.51 12.89
CA ALA A 110 4.70 9.44 12.48
C ALA A 110 5.78 8.74 11.67
N GLU A 111 6.28 9.44 10.65
CA GLU A 111 7.32 8.89 9.79
C GLU A 111 8.68 9.52 10.09
N GLN A 112 9.74 8.87 9.65
CA GLN A 112 11.09 9.37 9.87
C GLN A 112 11.51 10.32 8.74
N ASN A 113 11.02 10.04 7.54
CA ASN A 113 11.36 10.87 6.38
C ASN A 113 10.66 12.23 6.48
N GLU A 1 15.14 -5.68 -4.50
CA GLU A 1 16.37 -5.27 -5.16
C GLU A 1 16.33 -5.63 -6.64
N THR A 2 15.19 -5.40 -7.28
CA THR A 2 15.03 -5.71 -8.69
C THR A 2 15.29 -4.48 -9.55
N ASP A 3 15.32 -4.68 -10.86
CA ASP A 3 15.57 -3.59 -11.80
C ASP A 3 14.48 -2.53 -11.69
N LYS A 4 14.79 -1.32 -12.14
CA LYS A 4 13.84 -0.22 -12.09
C LYS A 4 14.27 0.92 -13.01
N LYS A 5 13.55 1.08 -14.11
CA LYS A 5 13.84 2.14 -15.08
C LYS A 5 12.68 3.11 -15.21
N GLY A 6 12.92 4.22 -15.89
CA GLY A 6 11.88 5.22 -16.08
C GLY A 6 11.99 5.93 -17.41
N GLU A 7 11.11 5.58 -18.34
CA GLU A 7 11.12 6.19 -19.66
C GLU A 7 10.69 7.66 -19.59
N ASN A 8 11.33 8.49 -20.40
CA ASN A 8 11.01 9.92 -20.43
C ASN A 8 9.67 10.17 -21.11
N ALA A 9 8.58 9.94 -20.38
CA ALA A 9 7.24 10.14 -20.92
C ALA A 9 6.71 11.52 -20.55
N PRO A 10 5.70 11.99 -21.30
CA PRO A 10 5.07 13.29 -21.07
C PRO A 10 4.27 13.33 -19.77
N ASP A 11 3.52 14.41 -19.58
CA ASP A 11 2.70 14.58 -18.39
C ASP A 11 1.24 14.84 -18.76
N THR A 12 0.35 13.96 -18.30
CA THR A 12 -1.06 14.09 -18.59
C THR A 12 -1.90 13.87 -17.33
N LYS A 13 -3.22 13.95 -17.47
CA LYS A 13 -4.13 13.76 -16.36
C LYS A 13 -5.00 12.52 -16.58
N ARG A 14 -4.44 11.51 -17.22
CA ARG A 14 -5.17 10.27 -17.49
C ARG A 14 -5.78 9.72 -16.21
N ILE A 15 -6.65 8.73 -16.37
CA ILE A 15 -7.32 8.11 -15.22
C ILE A 15 -6.87 6.66 -15.04
N LYS A 16 -6.98 6.16 -13.82
CA LYS A 16 -6.57 4.79 -13.52
C LYS A 16 -7.66 4.07 -12.72
N GLU A 17 -7.30 2.94 -12.12
CA GLU A 17 -8.25 2.16 -11.33
C GLU A 17 -8.99 3.05 -10.34
N THR A 18 -10.06 2.52 -9.77
CA THR A 18 -10.87 3.26 -8.80
C THR A 18 -9.99 3.81 -7.68
N LEU A 19 -8.94 3.08 -7.34
CA LEU A 19 -8.03 3.50 -6.28
C LEU A 19 -7.48 4.89 -6.56
N GLU A 20 -7.47 5.27 -7.84
CA GLU A 20 -6.97 6.58 -8.23
C GLU A 20 -7.71 7.70 -7.51
N LYS A 21 -8.91 7.39 -7.03
CA LYS A 21 -9.72 8.37 -6.32
C LYS A 21 -9.49 8.28 -4.81
N PHE A 22 -8.36 7.69 -4.44
CA PHE A 22 -8.02 7.54 -3.03
C PHE A 22 -6.60 8.03 -2.76
N SER A 23 -6.36 8.54 -1.56
CA SER A 23 -5.05 9.05 -1.18
C SER A 23 -4.28 8.02 -0.35
N LEU A 24 -2.98 8.22 -0.23
CA LEU A 24 -2.13 7.30 0.53
C LEU A 24 -2.47 7.37 2.02
N GLU A 25 -2.68 8.59 2.52
CA GLU A 25 -3.01 8.79 3.92
C GLU A 25 -4.18 7.89 4.34
N ASN A 26 -5.01 7.52 3.37
CA ASN A 26 -6.17 6.68 3.64
C ASN A 26 -5.80 5.20 3.51
N MET A 27 -4.85 4.91 2.64
CA MET A 27 -4.40 3.54 2.42
C MET A 27 -3.71 2.99 3.68
N ARG A 28 -4.08 1.78 4.07
CA ARG A 28 -3.50 1.15 5.25
C ARG A 28 -3.54 -0.37 5.13
N TYR A 29 -2.62 -1.04 5.80
CA TYR A 29 -2.54 -2.50 5.77
C TYR A 29 -3.61 -3.12 6.66
N VAL A 30 -4.53 -3.87 6.05
CA VAL A 30 -5.60 -4.52 6.79
C VAL A 30 -5.26 -5.97 7.09
N GLY A 31 -4.68 -6.66 6.12
CA GLY A 31 -4.31 -8.04 6.29
C GLY A 31 -3.68 -8.64 5.05
N ILE A 32 -3.75 -9.97 4.93
CA ILE A 32 -3.18 -10.66 3.79
C ILE A 32 -4.18 -11.64 3.18
N LEU A 33 -3.91 -12.07 1.95
CA LEU A 33 -4.79 -13.00 1.26
C LEU A 33 -4.00 -13.92 0.33
N LYS A 34 -4.30 -15.21 0.39
CA LYS A 34 -3.61 -16.18 -0.45
C LYS A 34 -4.26 -16.28 -1.82
N SER A 35 -3.44 -16.45 -2.85
CA SER A 35 -3.93 -16.55 -4.22
C SER A 35 -3.56 -17.90 -4.84
N GLY A 36 -4.20 -18.95 -4.35
CA GLY A 36 -3.92 -20.29 -4.86
C GLY A 36 -2.74 -20.95 -4.17
N GLN A 37 -1.55 -20.46 -4.46
CA GLN A 37 -0.33 -21.00 -3.86
C GLN A 37 0.68 -19.90 -3.57
N LYS A 38 0.18 -18.72 -3.24
CA LYS A 38 1.04 -17.57 -2.95
C LYS A 38 0.39 -16.65 -1.92
N VAL A 39 1.10 -15.60 -1.54
CA VAL A 39 0.59 -14.63 -0.56
C VAL A 39 0.51 -13.24 -1.17
N SER A 40 -0.56 -12.52 -0.84
CA SER A 40 -0.77 -11.18 -1.35
C SER A 40 -1.21 -10.23 -0.24
N GLY A 41 -0.57 -9.08 -0.15
CA GLY A 41 -0.91 -8.11 0.87
C GLY A 41 -2.24 -7.43 0.62
N PHE A 42 -3.11 -7.44 1.62
CA PHE A 42 -4.43 -6.83 1.49
C PHE A 42 -4.43 -5.41 2.07
N ILE A 43 -4.65 -4.43 1.21
CA ILE A 43 -4.68 -3.03 1.63
C ILE A 43 -6.04 -2.42 1.39
N GLU A 44 -6.47 -1.54 2.30
CA GLU A 44 -7.76 -0.88 2.17
C GLU A 44 -7.58 0.64 2.11
N ALA A 45 -8.42 1.29 1.30
CA ALA A 45 -8.36 2.74 1.15
C ALA A 45 -9.74 3.37 1.35
N GLU A 46 -9.93 4.02 2.49
CA GLU A 46 -11.20 4.67 2.80
C GLU A 46 -12.37 3.74 2.50
N GLY A 47 -12.39 2.59 3.18
CA GLY A 47 -13.46 1.62 2.98
C GLY A 47 -13.15 0.64 1.86
N TYR A 48 -12.54 1.13 0.79
CA TYR A 48 -12.19 0.30 -0.35
C TYR A 48 -11.24 -0.82 0.08
N VAL A 49 -11.48 -2.02 -0.45
CA VAL A 49 -10.65 -3.18 -0.13
C VAL A 49 -10.03 -3.77 -1.39
N TYR A 50 -8.72 -3.62 -1.54
CA TYR A 50 -8.01 -4.14 -2.70
C TYR A 50 -6.73 -4.86 -2.27
N THR A 51 -6.52 -6.06 -2.80
CA THR A 51 -5.33 -6.84 -2.48
C THR A 51 -4.24 -6.62 -3.52
N VAL A 52 -3.00 -6.92 -3.13
CA VAL A 52 -1.86 -6.76 -4.03
C VAL A 52 -0.83 -7.86 -3.82
N GLY A 53 -0.16 -8.26 -4.89
CA GLY A 53 0.85 -9.30 -4.79
C GLY A 53 2.14 -8.92 -5.48
N VAL A 54 3.12 -9.82 -5.43
CA VAL A 54 4.42 -9.56 -6.05
C VAL A 54 4.26 -8.89 -7.41
N GLY A 55 4.63 -7.62 -7.48
CA GLY A 55 4.52 -6.89 -8.73
C GLY A 55 3.11 -6.43 -9.02
N ASN A 56 2.57 -5.58 -8.14
CA ASN A 56 1.21 -5.08 -8.31
C ASN A 56 1.17 -3.56 -8.09
N TYR A 57 -0.02 -2.99 -8.19
CA TYR A 57 -0.19 -1.55 -8.01
C TYR A 57 -0.95 -1.25 -6.72
N LEU A 58 -0.71 -0.07 -6.17
CA LEU A 58 -1.36 0.35 -4.94
C LEU A 58 -1.06 1.81 -4.62
N GLY A 59 -1.62 2.30 -3.52
CA GLY A 59 -1.38 3.68 -3.12
C GLY A 59 -2.24 4.66 -3.90
N GLN A 60 -1.80 5.91 -3.95
CA GLN A 60 -2.53 6.95 -4.67
C GLN A 60 -1.83 7.30 -5.98
N ASN A 61 -0.70 8.00 -5.86
CA ASN A 61 0.07 8.40 -7.04
C ASN A 61 0.43 7.19 -7.89
N TYR A 62 1.59 6.61 -7.60
CA TYR A 62 2.06 5.45 -8.35
C TYR A 62 2.83 4.49 -7.44
N GLY A 63 2.11 3.63 -6.74
CA GLY A 63 2.75 2.67 -5.85
C GLY A 63 2.79 1.27 -6.42
N ARG A 64 3.94 0.62 -6.29
CA ARG A 64 4.10 -0.74 -6.81
C ARG A 64 4.65 -1.67 -5.72
N ILE A 65 3.96 -2.77 -5.50
CA ILE A 65 4.37 -3.75 -4.50
C ILE A 65 5.28 -4.81 -5.10
N GLU A 66 6.32 -5.18 -4.36
CA GLU A 66 7.28 -6.19 -4.82
C GLU A 66 7.32 -7.37 -3.85
N SER A 67 7.65 -7.10 -2.60
CA SER A 67 7.75 -8.14 -1.59
C SER A 67 6.55 -8.07 -0.64
N ILE A 68 6.04 -9.24 -0.26
CA ILE A 68 4.90 -9.33 0.64
C ILE A 68 5.12 -10.37 1.72
N THR A 69 5.35 -9.93 2.94
CA THR A 69 5.57 -10.83 4.06
C THR A 69 4.44 -10.75 5.08
N ASP A 70 4.45 -11.66 6.05
CA ASP A 70 3.42 -11.68 7.08
C ASP A 70 3.51 -10.44 7.98
N ASP A 71 2.47 -9.62 7.95
CA ASP A 71 2.43 -8.41 8.76
C ASP A 71 3.47 -7.40 8.27
N SER A 72 3.82 -7.50 6.99
CA SER A 72 4.80 -6.60 6.40
C SER A 72 4.79 -6.69 4.87
N ILE A 73 4.92 -5.55 4.20
CA ILE A 73 4.92 -5.52 2.75
C ILE A 73 5.90 -4.46 2.23
N VAL A 74 6.78 -4.88 1.33
CA VAL A 74 7.76 -3.97 0.75
C VAL A 74 7.32 -3.49 -0.62
N LEU A 75 7.05 -2.19 -0.73
CA LEU A 75 6.62 -1.61 -2.00
C LEU A 75 7.36 -0.30 -2.27
N ASN A 76 7.21 0.22 -3.48
CA ASN A 76 7.86 1.46 -3.87
C ASN A 76 6.83 2.48 -4.35
N GLU A 77 6.60 3.52 -3.55
CA GLU A 77 5.64 4.55 -3.89
C GLU A 77 6.31 5.67 -4.70
N LEU A 78 5.68 6.07 -5.79
CA LEU A 78 6.21 7.12 -6.64
C LEU A 78 5.38 8.40 -6.52
N ILE A 79 6.05 9.50 -6.22
CA ILE A 79 5.38 10.79 -6.08
C ILE A 79 6.29 11.94 -6.50
N GLU A 80 5.70 12.96 -7.11
CA GLU A 80 6.46 14.12 -7.56
C GLU A 80 7.29 14.71 -6.43
N ASP A 81 8.44 15.27 -6.77
CA ASP A 81 9.33 15.86 -5.79
C ASP A 81 10.02 17.11 -6.35
N SER A 82 10.96 17.64 -5.60
CA SER A 82 11.69 18.83 -6.02
C SER A 82 12.32 18.63 -7.39
N THR A 83 12.52 17.37 -7.76
CA THR A 83 13.13 17.03 -9.05
C THR A 83 12.21 17.43 -10.20
N GLY A 84 10.95 17.74 -9.88
CA GLY A 84 10.00 18.13 -10.89
C GLY A 84 9.37 16.94 -11.58
N ASN A 85 9.57 15.75 -11.01
CA ASN A 85 9.01 14.53 -11.59
C ASN A 85 8.79 13.48 -10.51
N TRP A 86 7.86 12.56 -10.76
CA TRP A 86 7.55 11.50 -9.81
C TRP A 86 8.80 10.72 -9.44
N VAL A 87 9.13 10.70 -8.16
CA VAL A 87 10.31 9.98 -7.67
C VAL A 87 9.91 8.70 -6.95
N SER A 88 10.63 7.62 -7.24
CA SER A 88 10.35 6.33 -6.63
C SER A 88 10.89 6.28 -5.20
N ARG A 89 10.10 5.72 -4.29
CA ARG A 89 10.49 5.61 -2.89
C ARG A 89 10.14 4.24 -2.33
N LYS A 90 11.15 3.41 -2.13
CA LYS A 90 10.94 2.07 -1.59
C LYS A 90 10.79 2.10 -0.07
N ALA A 91 9.78 1.41 0.44
CA ALA A 91 9.54 1.35 1.87
C ALA A 91 8.71 0.13 2.24
N GLU A 92 8.95 -0.40 3.44
CA GLU A 92 8.22 -1.57 3.92
C GLU A 92 7.29 -1.20 5.07
N LEU A 93 5.99 -1.36 4.83
CA LEU A 93 4.99 -1.04 5.85
C LEU A 93 4.66 -2.27 6.69
N LEU A 94 4.40 -2.06 7.98
CA LEU A 94 4.07 -3.15 8.88
C LEU A 94 2.58 -3.15 9.22
N LEU A 95 1.97 -4.33 9.18
CA LEU A 95 0.55 -4.46 9.48
C LEU A 95 0.20 -3.75 10.78
N ASN A 96 -0.79 -2.87 10.71
CA ASN A 96 -1.23 -2.12 11.89
C ASN A 96 -2.29 -2.90 12.67
N SER A 97 -2.00 -4.16 12.95
CA SER A 97 -2.93 -5.01 13.68
C SER A 97 -3.22 -4.44 15.07
N SER A 98 -2.28 -3.62 15.57
CA SER A 98 -2.44 -3.01 16.88
C SER A 98 -3.78 -2.29 17.00
N ASP A 99 -4.23 -2.11 18.23
CA ASP A 99 -5.51 -1.44 18.49
C ASP A 99 -5.28 0.00 18.94
N LYS A 100 -4.37 0.69 18.25
CA LYS A 100 -4.06 2.08 18.59
C LYS A 100 -5.12 3.03 18.01
N ASN A 101 -4.87 4.32 18.12
CA ASN A 101 -5.79 5.32 17.61
C ASN A 101 -5.06 6.33 16.72
N THR A 102 -5.14 6.13 15.40
CA THR A 102 -4.49 7.01 14.45
C THR A 102 -5.45 7.44 13.35
N GLU A 103 -6.43 8.25 13.72
CA GLU A 103 -7.43 8.73 12.76
C GLU A 103 -6.86 9.87 11.92
N GLN A 104 -7.36 10.00 10.70
CA GLN A 104 -6.90 11.05 9.78
C GLN A 104 -7.87 12.23 9.78
N ALA A 105 -9.12 11.97 9.39
CA ALA A 105 -10.14 13.01 9.35
C ALA A 105 -11.33 12.65 10.22
N ALA A 106 -12.25 13.60 10.39
CA ALA A 106 -13.43 13.38 11.20
C ALA A 106 -14.70 13.55 10.37
N ALA A 107 -15.79 12.93 10.82
CA ALA A 107 -17.07 13.03 10.12
C ALA A 107 -16.92 12.62 8.66
N PRO A 108 -16.73 11.31 8.43
CA PRO A 108 -16.58 10.77 7.08
C PRO A 108 -17.87 10.82 6.28
N ALA A 109 -17.85 11.57 5.18
CA ALA A 109 -19.03 11.70 4.33
C ALA A 109 -19.36 10.38 3.63
N ALA A 110 -20.54 10.31 3.05
CA ALA A 110 -20.97 9.11 2.34
C ALA A 110 -21.96 9.45 1.23
N GLU A 111 -21.81 8.78 0.09
CA GLU A 111 -22.68 9.00 -1.05
C GLU A 111 -24.05 8.35 -0.84
N GLN A 112 -25.03 8.75 -1.63
CA GLN A 112 -26.38 8.20 -1.53
C GLN A 112 -26.40 6.73 -1.94
N ASN A 113 -25.54 6.38 -2.88
CA ASN A 113 -25.46 5.00 -3.36
C ASN A 113 -24.40 4.21 -2.60
N GLU A 1 29.18 13.72 -2.15
CA GLU A 1 27.80 13.28 -2.28
C GLU A 1 27.41 13.10 -3.74
N THR A 2 26.19 12.65 -3.97
CA THR A 2 25.69 12.43 -5.32
C THR A 2 24.77 13.56 -5.76
N ASP A 3 24.47 13.60 -7.05
CA ASP A 3 23.60 14.63 -7.61
C ASP A 3 22.18 14.11 -7.77
N LYS A 4 21.21 15.03 -7.69
CA LYS A 4 19.80 14.66 -7.83
C LYS A 4 19.17 15.38 -9.00
N LYS A 5 19.67 15.12 -10.21
CA LYS A 5 19.15 15.74 -11.42
C LYS A 5 17.77 15.18 -11.77
N GLY A 6 17.09 15.84 -12.71
CA GLY A 6 15.78 15.38 -13.13
C GLY A 6 15.44 15.82 -14.54
N GLU A 7 14.72 14.96 -15.25
CA GLU A 7 14.32 15.25 -16.63
C GLU A 7 12.84 15.60 -16.71
N ASN A 8 12.39 16.00 -17.90
CA ASN A 8 10.99 16.36 -18.10
C ASN A 8 10.27 15.29 -18.93
N ALA A 9 9.69 14.32 -18.24
CA ALA A 9 8.97 13.24 -18.90
C ALA A 9 7.52 13.64 -19.19
N PRO A 10 6.88 12.93 -20.13
CA PRO A 10 5.49 13.18 -20.51
C PRO A 10 4.50 12.80 -19.41
N ASP A 11 3.47 13.62 -19.25
CA ASP A 11 2.45 13.35 -18.23
C ASP A 11 1.05 13.71 -18.75
N THR A 12 0.08 12.88 -18.43
CA THR A 12 -1.29 13.11 -18.86
C THR A 12 -2.28 12.92 -17.71
N LYS A 13 -3.54 13.24 -17.95
CA LYS A 13 -4.58 13.10 -16.93
C LYS A 13 -5.35 11.79 -17.11
N ARG A 14 -4.68 10.80 -17.70
CA ARG A 14 -5.30 9.51 -17.92
C ARG A 14 -5.70 8.85 -16.61
N ILE A 15 -6.57 7.86 -16.69
CA ILE A 15 -7.04 7.15 -15.49
C ILE A 15 -6.40 5.77 -15.40
N LYS A 16 -6.52 5.15 -14.22
CA LYS A 16 -5.96 3.83 -14.00
C LYS A 16 -6.99 2.90 -13.35
N GLU A 17 -7.32 3.18 -12.09
CA GLU A 17 -8.28 2.38 -11.35
C GLU A 17 -9.07 3.24 -10.37
N THR A 18 -10.15 2.67 -9.82
CA THR A 18 -10.98 3.38 -8.87
C THR A 18 -10.15 3.96 -7.73
N LEU A 19 -9.07 3.27 -7.38
CA LEU A 19 -8.19 3.71 -6.30
C LEU A 19 -7.67 5.12 -6.56
N GLU A 20 -7.69 5.52 -7.84
CA GLU A 20 -7.22 6.85 -8.21
C GLU A 20 -8.00 7.94 -7.47
N LYS A 21 -9.19 7.59 -7.00
CA LYS A 21 -10.02 8.54 -6.26
C LYS A 21 -9.79 8.42 -4.76
N PHE A 22 -8.68 7.79 -4.39
CA PHE A 22 -8.34 7.60 -2.98
C PHE A 22 -6.93 8.13 -2.69
N SER A 23 -6.77 8.75 -1.53
CA SER A 23 -5.49 9.31 -1.12
C SER A 23 -4.59 8.23 -0.54
N LEU A 24 -3.29 8.48 -0.55
CA LEU A 24 -2.31 7.54 -0.02
C LEU A 24 -2.40 7.45 1.49
N GLU A 25 -2.47 8.61 2.15
CA GLU A 25 -2.56 8.66 3.61
C GLU A 25 -3.74 7.82 4.10
N ASN A 26 -4.71 7.61 3.23
CA ASN A 26 -5.90 6.82 3.58
C ASN A 26 -5.61 5.33 3.47
N MET A 27 -4.75 4.97 2.53
CA MET A 27 -4.39 3.57 2.32
C MET A 27 -3.61 3.02 3.52
N ARG A 28 -4.03 1.85 3.99
CA ARG A 28 -3.38 1.22 5.14
C ARG A 28 -3.44 -0.31 5.02
N TYR A 29 -2.50 -0.97 5.67
CA TYR A 29 -2.43 -2.43 5.63
C TYR A 29 -3.49 -3.05 6.53
N VAL A 30 -4.40 -3.81 5.93
CA VAL A 30 -5.47 -4.46 6.70
C VAL A 30 -5.13 -5.91 6.99
N GLY A 31 -4.57 -6.59 6.00
CA GLY A 31 -4.20 -7.99 6.18
C GLY A 31 -3.67 -8.62 4.90
N ILE A 32 -3.73 -9.94 4.83
CA ILE A 32 -3.25 -10.67 3.66
C ILE A 32 -4.31 -11.62 3.13
N LEU A 33 -4.17 -12.03 1.87
CA LEU A 33 -5.11 -12.94 1.26
C LEU A 33 -4.38 -14.07 0.54
N LYS A 34 -4.99 -15.26 0.52
CA LYS A 34 -4.41 -16.42 -0.14
C LYS A 34 -4.51 -16.30 -1.65
N SER A 35 -3.47 -16.73 -2.35
CA SER A 35 -3.44 -16.68 -3.81
C SER A 35 -2.89 -17.98 -4.40
N GLY A 36 -3.67 -19.05 -4.28
CA GLY A 36 -3.24 -20.33 -4.80
C GLY A 36 -2.21 -21.01 -3.91
N GLN A 37 -0.97 -20.55 -3.98
CA GLN A 37 0.09 -21.12 -3.17
C GLN A 37 1.06 -20.03 -2.69
N LYS A 38 0.53 -18.84 -2.47
CA LYS A 38 1.33 -17.72 -2.01
C LYS A 38 0.52 -16.78 -1.13
N VAL A 39 1.14 -15.68 -0.70
CA VAL A 39 0.46 -14.70 0.14
C VAL A 39 0.52 -13.32 -0.49
N SER A 40 -0.64 -12.67 -0.57
CA SER A 40 -0.73 -11.33 -1.15
C SER A 40 -1.07 -10.29 -0.09
N GLY A 41 -0.57 -9.08 -0.27
CA GLY A 41 -0.84 -8.01 0.68
C GLY A 41 -2.18 -7.35 0.43
N PHE A 42 -3.04 -7.38 1.45
CA PHE A 42 -4.36 -6.77 1.35
C PHE A 42 -4.37 -5.36 1.95
N ILE A 43 -4.59 -4.37 1.09
CA ILE A 43 -4.62 -2.98 1.52
C ILE A 43 -6.00 -2.36 1.30
N GLU A 44 -6.41 -1.49 2.21
CA GLU A 44 -7.70 -0.82 2.10
C GLU A 44 -7.53 0.70 2.07
N ALA A 45 -8.36 1.36 1.28
CA ALA A 45 -8.31 2.81 1.15
C ALA A 45 -9.70 3.42 1.26
N GLU A 46 -9.92 4.20 2.32
CA GLU A 46 -11.20 4.84 2.54
C GLU A 46 -12.35 3.85 2.35
N GLY A 47 -12.27 2.72 3.04
CA GLY A 47 -13.30 1.70 2.94
C GLY A 47 -13.02 0.71 1.83
N TYR A 48 -12.51 1.21 0.71
CA TYR A 48 -12.20 0.35 -0.43
C TYR A 48 -11.21 -0.74 -0.04
N VAL A 49 -11.53 -1.98 -0.41
CA VAL A 49 -10.67 -3.12 -0.10
C VAL A 49 -10.08 -3.73 -1.36
N TYR A 50 -8.78 -3.56 -1.55
CA TYR A 50 -8.10 -4.10 -2.72
C TYR A 50 -6.83 -4.84 -2.32
N THR A 51 -6.67 -6.06 -2.84
CA THR A 51 -5.50 -6.87 -2.54
C THR A 51 -4.44 -6.72 -3.63
N VAL A 52 -3.18 -6.93 -3.24
CA VAL A 52 -2.07 -6.82 -4.19
C VAL A 52 -1.05 -7.94 -3.95
N GLY A 53 -0.34 -8.30 -5.01
CA GLY A 53 0.66 -9.35 -4.91
C GLY A 53 1.97 -8.98 -5.58
N VAL A 54 2.95 -9.86 -5.49
CA VAL A 54 4.26 -9.62 -6.10
C VAL A 54 4.11 -8.98 -7.48
N GLY A 55 4.47 -7.70 -7.58
CA GLY A 55 4.36 -7.00 -8.84
C GLY A 55 2.96 -6.51 -9.12
N ASN A 56 2.45 -5.65 -8.27
CA ASN A 56 1.11 -5.11 -8.42
C ASN A 56 1.09 -3.60 -8.20
N TYR A 57 -0.10 -3.01 -8.28
CA TYR A 57 -0.25 -1.57 -8.09
C TYR A 57 -0.99 -1.27 -6.79
N LEU A 58 -0.74 -0.09 -6.23
CA LEU A 58 -1.39 0.32 -4.99
C LEU A 58 -1.07 1.78 -4.67
N GLY A 59 -1.63 2.27 -3.57
CA GLY A 59 -1.39 3.65 -3.17
C GLY A 59 -2.25 4.63 -3.95
N GLN A 60 -1.83 5.90 -3.95
CA GLN A 60 -2.56 6.94 -4.66
C GLN A 60 -1.84 7.32 -5.95
N ASN A 61 -0.68 7.96 -5.81
CA ASN A 61 0.11 8.38 -6.96
C ASN A 61 0.47 7.19 -7.84
N TYR A 62 1.63 6.59 -7.58
CA TYR A 62 2.08 5.45 -8.34
C TYR A 62 2.87 4.48 -7.46
N GLY A 63 2.14 3.58 -6.79
CA GLY A 63 2.78 2.61 -5.92
C GLY A 63 2.79 1.21 -6.51
N ARG A 64 3.93 0.53 -6.41
CA ARG A 64 4.06 -0.82 -6.93
C ARG A 64 4.59 -1.76 -5.87
N ILE A 65 3.88 -2.85 -5.63
CA ILE A 65 4.29 -3.84 -4.64
C ILE A 65 5.18 -4.90 -5.25
N GLU A 66 6.21 -5.31 -4.51
CA GLU A 66 7.14 -6.32 -4.98
C GLU A 66 7.21 -7.50 -4.02
N SER A 67 7.54 -7.22 -2.76
CA SER A 67 7.64 -8.25 -1.75
C SER A 67 6.47 -8.17 -0.77
N ILE A 68 5.97 -9.34 -0.37
CA ILE A 68 4.85 -9.40 0.56
C ILE A 68 5.09 -10.44 1.65
N THR A 69 5.33 -9.98 2.87
CA THR A 69 5.58 -10.88 3.98
C THR A 69 4.46 -10.78 5.03
N ASP A 70 4.49 -11.68 6.00
CA ASP A 70 3.49 -11.69 7.06
C ASP A 70 3.61 -10.45 7.94
N ASP A 71 2.57 -9.62 7.93
CA ASP A 71 2.56 -8.40 8.73
C ASP A 71 3.58 -7.40 8.20
N SER A 72 3.91 -7.52 6.92
CA SER A 72 4.88 -6.63 6.30
C SER A 72 4.83 -6.74 4.78
N ILE A 73 4.99 -5.62 4.10
CA ILE A 73 4.97 -5.58 2.64
C ILE A 73 5.93 -4.54 2.10
N VAL A 74 6.80 -4.98 1.17
CA VAL A 74 7.78 -4.09 0.57
C VAL A 74 7.32 -3.62 -0.81
N LEU A 75 7.09 -2.31 -0.93
CA LEU A 75 6.64 -1.73 -2.19
C LEU A 75 7.40 -0.44 -2.50
N ASN A 76 7.22 0.08 -3.70
CA ASN A 76 7.89 1.30 -4.12
C ASN A 76 6.87 2.36 -4.53
N GLU A 77 6.67 3.36 -3.68
CA GLU A 77 5.72 4.44 -3.96
C GLU A 77 6.39 5.56 -4.74
N LEU A 78 5.72 6.02 -5.78
CA LEU A 78 6.24 7.10 -6.62
C LEU A 78 5.42 8.37 -6.45
N ILE A 79 6.09 9.47 -6.12
CA ILE A 79 5.42 10.75 -5.93
C ILE A 79 6.33 11.91 -6.33
N GLU A 80 5.73 12.96 -6.89
CA GLU A 80 6.48 14.13 -7.31
C GLU A 80 7.20 14.77 -6.13
N ASP A 81 8.35 15.39 -6.39
CA ASP A 81 9.13 16.03 -5.35
C ASP A 81 9.88 17.24 -5.90
N SER A 82 10.85 17.73 -5.14
CA SER A 82 11.63 18.89 -5.56
C SER A 82 12.27 18.66 -6.93
N THR A 83 12.41 17.39 -7.30
CA THR A 83 13.00 17.03 -8.58
C THR A 83 12.10 17.47 -9.73
N GLY A 84 10.87 17.85 -9.42
CA GLY A 84 9.94 18.29 -10.44
C GLY A 84 9.32 17.13 -11.19
N ASN A 85 9.52 15.92 -10.68
CA ASN A 85 8.98 14.73 -11.31
C ASN A 85 8.77 13.62 -10.28
N TRP A 86 7.85 12.71 -10.58
CA TRP A 86 7.55 11.60 -9.67
C TRP A 86 8.81 10.81 -9.35
N VAL A 87 9.16 10.75 -8.06
CA VAL A 87 10.33 10.03 -7.61
C VAL A 87 9.95 8.72 -6.94
N SER A 88 10.68 7.66 -7.27
CA SER A 88 10.42 6.35 -6.69
C SER A 88 10.98 6.25 -5.27
N ARG A 89 10.21 5.63 -4.38
CA ARG A 89 10.62 5.48 -2.99
C ARG A 89 10.24 4.11 -2.46
N LYS A 90 11.23 3.25 -2.29
CA LYS A 90 11.00 1.89 -1.78
C LYS A 90 10.93 1.89 -0.26
N ALA A 91 9.93 1.20 0.27
CA ALA A 91 9.75 1.11 1.72
C ALA A 91 8.90 -0.09 2.10
N GLU A 92 9.09 -0.60 3.31
CA GLU A 92 8.35 -1.75 3.79
C GLU A 92 7.42 -1.36 4.95
N LEU A 93 6.12 -1.44 4.72
CA LEU A 93 5.14 -1.10 5.73
C LEU A 93 4.79 -2.31 6.58
N LEU A 94 4.50 -2.08 7.86
CA LEU A 94 4.14 -3.15 8.78
C LEU A 94 2.64 -3.15 9.08
N LEU A 95 2.04 -4.33 9.05
CA LEU A 95 0.61 -4.46 9.31
C LEU A 95 0.22 -3.69 10.57
N ASN A 96 -0.84 -2.88 10.46
CA ASN A 96 -1.31 -2.08 11.58
C ASN A 96 -2.78 -2.40 11.90
N SER A 97 -3.08 -2.57 13.18
CA SER A 97 -4.44 -2.88 13.61
C SER A 97 -5.37 -1.70 13.39
N SER A 98 -6.66 -1.92 13.58
CA SER A 98 -7.65 -0.87 13.40
C SER A 98 -7.61 0.12 14.56
N ASP A 99 -8.08 1.34 14.30
CA ASP A 99 -8.09 2.38 15.33
C ASP A 99 -9.47 2.48 15.98
N LYS A 100 -10.22 1.38 15.93
CA LYS A 100 -11.56 1.34 16.51
C LYS A 100 -11.52 1.72 18.00
N ASN A 101 -12.69 1.79 18.61
CA ASN A 101 -12.78 2.13 20.02
C ASN A 101 -12.89 0.88 20.89
N THR A 102 -11.87 0.64 21.71
CA THR A 102 -11.85 -0.52 22.59
C THR A 102 -11.62 -0.12 24.03
N GLU A 103 -12.62 0.54 24.62
CA GLU A 103 -12.53 0.99 26.01
C GLU A 103 -13.33 0.07 26.92
N GLN A 104 -13.03 0.13 28.22
CA GLN A 104 -13.72 -0.70 29.20
C GLN A 104 -14.85 0.08 29.88
N ALA A 105 -15.58 -0.58 30.75
CA ALA A 105 -16.69 0.04 31.46
C ALA A 105 -16.23 0.60 32.81
N ALA A 106 -17.02 1.51 33.37
CA ALA A 106 -16.70 2.12 34.65
C ALA A 106 -16.39 1.05 35.70
N ALA A 107 -15.73 1.46 36.78
CA ALA A 107 -15.38 0.54 37.86
C ALA A 107 -16.64 -0.05 38.50
N PRO A 108 -16.46 -1.18 39.21
CA PRO A 108 -17.57 -1.87 39.87
C PRO A 108 -18.08 -1.09 41.08
N ALA A 109 -19.31 -0.59 40.96
CA ALA A 109 -19.93 0.18 42.05
C ALA A 109 -20.31 -0.73 43.22
N ALA A 110 -20.79 -0.13 44.30
CA ALA A 110 -21.20 -0.87 45.47
C ALA A 110 -22.18 -1.98 45.12
N GLU A 111 -21.81 -3.22 45.40
CA GLU A 111 -22.66 -4.37 45.11
C GLU A 111 -23.80 -4.48 46.11
N GLN A 112 -24.80 -5.29 45.78
CA GLN A 112 -25.95 -5.48 46.65
C GLN A 112 -25.78 -6.72 47.52
N ASN A 113 -26.02 -6.57 48.82
CA ASN A 113 -25.89 -7.68 49.76
C ASN A 113 -26.97 -8.72 49.50
N GLU A 1 -14.01 -19.97 -18.78
CA GLU A 1 -14.76 -19.00 -17.97
C GLU A 1 -13.82 -17.95 -17.38
N THR A 2 -12.71 -17.69 -18.08
CA THR A 2 -11.73 -16.71 -17.63
C THR A 2 -11.99 -15.34 -18.25
N ASP A 3 -11.73 -14.29 -17.49
CA ASP A 3 -11.93 -12.93 -17.96
C ASP A 3 -10.95 -12.59 -19.07
N LYS A 4 -11.46 -11.98 -20.14
CA LYS A 4 -10.63 -11.59 -21.28
C LYS A 4 -10.55 -10.07 -21.41
N LYS A 5 -10.72 -9.38 -20.29
CA LYS A 5 -10.67 -7.92 -20.28
C LYS A 5 -9.55 -7.43 -19.36
N GLY A 6 -9.00 -6.26 -19.69
CA GLY A 6 -7.93 -5.70 -18.88
C GLY A 6 -6.73 -5.30 -19.72
N GLU A 7 -6.78 -4.10 -20.27
CA GLU A 7 -5.69 -3.59 -21.10
C GLU A 7 -4.95 -2.46 -20.39
N ASN A 8 -3.73 -2.18 -20.85
CA ASN A 8 -2.92 -1.11 -20.26
C ASN A 8 -3.12 0.20 -21.01
N ALA A 9 -4.33 0.75 -20.92
CA ALA A 9 -4.65 2.00 -21.57
C ALA A 9 -3.62 3.08 -21.24
N PRO A 10 -3.56 4.13 -22.07
CA PRO A 10 -2.63 5.24 -21.88
C PRO A 10 -3.00 6.10 -20.68
N ASP A 11 -2.25 7.18 -20.48
CA ASP A 11 -2.48 8.08 -19.36
C ASP A 11 -3.39 9.24 -19.78
N THR A 12 -4.68 8.95 -19.93
CA THR A 12 -5.65 9.97 -20.32
C THR A 12 -5.85 11.00 -19.22
N LYS A 13 -6.52 12.09 -19.56
CA LYS A 13 -6.78 13.16 -18.60
C LYS A 13 -7.56 12.64 -17.41
N ARG A 14 -8.31 11.56 -17.62
CA ARG A 14 -9.12 10.96 -16.55
C ARG A 14 -8.33 9.88 -15.84
N ILE A 15 -8.56 9.75 -14.53
CA ILE A 15 -7.87 8.74 -13.73
C ILE A 15 -7.92 7.37 -14.39
N LYS A 16 -7.10 6.45 -13.91
CA LYS A 16 -7.06 5.10 -14.45
C LYS A 16 -7.93 4.15 -13.63
N GLU A 17 -7.45 3.79 -12.45
CA GLU A 17 -8.18 2.89 -11.56
C GLU A 17 -8.90 3.67 -10.47
N THR A 18 -9.92 3.05 -9.88
CA THR A 18 -10.70 3.68 -8.83
C THR A 18 -9.80 4.13 -7.67
N LEU A 19 -8.82 3.31 -7.35
CA LEU A 19 -7.88 3.62 -6.26
C LEU A 19 -7.26 5.00 -6.47
N GLU A 20 -7.18 5.43 -7.73
CA GLU A 20 -6.60 6.73 -8.06
C GLU A 20 -7.36 7.86 -7.35
N LYS A 21 -8.59 7.56 -6.94
CA LYS A 21 -9.43 8.55 -6.26
C LYS A 21 -9.26 8.43 -4.74
N PHE A 22 -8.16 7.81 -4.31
CA PHE A 22 -7.89 7.64 -2.89
C PHE A 22 -6.49 8.14 -2.54
N SER A 23 -6.36 8.72 -1.36
CA SER A 23 -5.07 9.25 -0.91
C SER A 23 -4.29 8.19 -0.14
N LEU A 24 -2.99 8.42 0.01
CA LEU A 24 -2.13 7.48 0.73
C LEU A 24 -2.45 7.47 2.22
N GLU A 25 -2.62 8.66 2.79
CA GLU A 25 -2.92 8.78 4.21
C GLU A 25 -4.12 7.92 4.59
N ASN A 26 -4.97 7.63 3.61
CA ASN A 26 -6.15 6.81 3.84
C ASN A 26 -5.82 5.33 3.68
N MET A 27 -4.87 5.02 2.80
CA MET A 27 -4.46 3.65 2.56
C MET A 27 -3.78 3.05 3.80
N ARG A 28 -4.15 1.82 4.12
CA ARG A 28 -3.58 1.14 5.28
C ARG A 28 -3.64 -0.37 5.10
N TYR A 29 -2.73 -1.08 5.77
CA TYR A 29 -2.67 -2.53 5.69
C TYR A 29 -3.75 -3.18 6.55
N VAL A 30 -4.67 -3.89 5.90
CA VAL A 30 -5.75 -4.56 6.61
C VAL A 30 -5.41 -6.01 6.91
N GLY A 31 -4.78 -6.67 5.94
CA GLY A 31 -4.40 -8.06 6.11
C GLY A 31 -3.78 -8.65 4.87
N ILE A 32 -3.80 -9.98 4.77
CA ILE A 32 -3.23 -10.68 3.63
C ILE A 32 -4.26 -11.60 2.98
N LEU A 33 -3.94 -12.09 1.79
CA LEU A 33 -4.84 -12.98 1.06
C LEU A 33 -4.05 -14.08 0.35
N LYS A 34 -4.17 -15.31 0.84
CA LYS A 34 -3.47 -16.44 0.25
C LYS A 34 -3.78 -16.55 -1.24
N SER A 35 -2.84 -17.13 -1.99
CA SER A 35 -3.00 -17.29 -3.43
C SER A 35 -2.25 -18.52 -3.93
N GLY A 36 -2.75 -19.70 -3.55
CA GLY A 36 -2.12 -20.93 -3.97
C GLY A 36 -0.89 -21.26 -3.15
N GLN A 37 0.27 -21.26 -3.81
CA GLN A 37 1.53 -21.56 -3.13
C GLN A 37 2.20 -20.28 -2.64
N LYS A 38 1.43 -19.20 -2.55
CA LYS A 38 1.95 -17.93 -2.10
C LYS A 38 0.86 -17.10 -1.41
N VAL A 39 1.19 -15.87 -1.04
CA VAL A 39 0.24 -14.99 -0.39
C VAL A 39 0.28 -13.59 -1.00
N SER A 40 -0.76 -12.80 -0.74
CA SER A 40 -0.85 -11.45 -1.26
C SER A 40 -1.16 -10.45 -0.15
N GLY A 41 -0.89 -9.18 -0.40
CA GLY A 41 -1.14 -8.15 0.59
C GLY A 41 -2.47 -7.45 0.37
N PHE A 42 -3.29 -7.41 1.41
CA PHE A 42 -4.60 -6.78 1.33
C PHE A 42 -4.56 -5.37 1.92
N ILE A 43 -4.78 -4.37 1.08
CA ILE A 43 -4.77 -2.98 1.51
C ILE A 43 -6.12 -2.33 1.28
N GLU A 44 -6.52 -1.46 2.21
CA GLU A 44 -7.80 -0.76 2.11
C GLU A 44 -7.59 0.75 2.12
N ALA A 45 -8.40 1.46 1.33
CA ALA A 45 -8.31 2.91 1.25
C ALA A 45 -9.69 3.55 1.31
N GLU A 46 -9.93 4.34 2.36
CA GLU A 46 -11.21 5.01 2.54
C GLU A 46 -12.37 4.03 2.36
N GLY A 47 -12.27 2.88 3.03
CA GLY A 47 -13.31 1.88 2.92
C GLY A 47 -13.06 0.90 1.79
N TYR A 48 -12.52 1.39 0.69
CA TYR A 48 -12.24 0.55 -0.47
C TYR A 48 -11.26 -0.56 -0.11
N VAL A 49 -11.64 -1.80 -0.44
CA VAL A 49 -10.80 -2.95 -0.16
C VAL A 49 -10.22 -3.54 -1.43
N TYR A 50 -8.91 -3.40 -1.62
CA TYR A 50 -8.23 -3.91 -2.79
C TYR A 50 -6.98 -4.69 -2.41
N THR A 51 -6.85 -5.89 -2.97
CA THR A 51 -5.69 -6.74 -2.69
C THR A 51 -4.61 -6.56 -3.75
N VAL A 52 -3.37 -6.83 -3.36
CA VAL A 52 -2.23 -6.70 -4.27
C VAL A 52 -1.22 -7.81 -4.04
N GLY A 53 -0.55 -8.23 -5.12
CA GLY A 53 0.44 -9.28 -5.01
C GLY A 53 1.75 -8.92 -5.70
N VAL A 54 2.71 -9.83 -5.66
CA VAL A 54 4.01 -9.61 -6.28
C VAL A 54 3.86 -8.93 -7.64
N GLY A 55 4.25 -7.66 -7.71
CA GLY A 55 4.16 -6.92 -8.95
C GLY A 55 2.76 -6.40 -9.20
N ASN A 56 2.28 -5.54 -8.32
CA ASN A 56 0.94 -4.97 -8.46
C ASN A 56 0.96 -3.47 -8.18
N TYR A 57 -0.21 -2.84 -8.24
CA TYR A 57 -0.33 -1.41 -8.02
C TYR A 57 -1.05 -1.12 -6.70
N LEU A 58 -0.75 0.02 -6.11
CA LEU A 58 -1.38 0.42 -4.85
C LEU A 58 -1.00 1.85 -4.47
N GLY A 59 -1.55 2.33 -3.37
CA GLY A 59 -1.25 3.68 -2.91
C GLY A 59 -2.08 4.72 -3.62
N GLN A 60 -1.65 5.98 -3.52
CA GLN A 60 -2.38 7.08 -4.15
C GLN A 60 -1.74 7.45 -5.49
N ASN A 61 -0.59 8.13 -5.43
CA ASN A 61 0.12 8.55 -6.63
C ASN A 61 0.39 7.35 -7.54
N TYR A 62 1.56 6.73 -7.35
CA TYR A 62 1.94 5.57 -8.15
C TYR A 62 2.75 4.58 -7.32
N GLY A 63 2.05 3.70 -6.62
CA GLY A 63 2.71 2.71 -5.79
C GLY A 63 2.69 1.33 -6.41
N ARG A 64 3.82 0.64 -6.37
CA ARG A 64 3.93 -0.70 -6.93
C ARG A 64 4.49 -1.68 -5.90
N ILE A 65 3.74 -2.75 -5.64
CA ILE A 65 4.15 -3.76 -4.68
C ILE A 65 5.06 -4.80 -5.34
N GLU A 66 6.16 -5.13 -4.66
CA GLU A 66 7.11 -6.11 -5.17
C GLU A 66 7.20 -7.31 -4.25
N SER A 67 7.32 -7.06 -2.95
CA SER A 67 7.42 -8.12 -1.96
C SER A 67 6.26 -8.05 -0.96
N ILE A 68 5.72 -9.21 -0.60
CA ILE A 68 4.61 -9.28 0.33
C ILE A 68 4.86 -10.35 1.40
N THR A 69 5.14 -9.90 2.62
CA THR A 69 5.40 -10.82 3.72
C THR A 69 4.27 -10.78 4.75
N ASP A 70 4.28 -11.73 5.68
CA ASP A 70 3.26 -11.79 6.72
C ASP A 70 3.40 -10.63 7.70
N ASP A 71 2.39 -9.76 7.72
CA ASP A 71 2.40 -8.61 8.61
C ASP A 71 3.39 -7.55 8.12
N SER A 72 3.74 -7.62 6.84
CA SER A 72 4.67 -6.68 6.24
C SER A 72 4.63 -6.76 4.72
N ILE A 73 4.70 -5.60 4.08
CA ILE A 73 4.68 -5.53 2.62
C ILE A 73 5.65 -4.48 2.10
N VAL A 74 6.47 -4.86 1.13
CA VAL A 74 7.44 -3.94 0.54
C VAL A 74 6.99 -3.48 -0.85
N LEU A 75 6.86 -2.17 -1.01
CA LEU A 75 6.44 -1.60 -2.28
C LEU A 75 7.19 -0.29 -2.56
N ASN A 76 7.13 0.15 -3.81
CA ASN A 76 7.80 1.38 -4.21
C ASN A 76 6.78 2.47 -4.57
N GLU A 77 6.62 3.43 -3.68
CA GLU A 77 5.67 4.52 -3.90
C GLU A 77 6.33 5.65 -4.69
N LEU A 78 5.70 6.05 -5.79
CA LEU A 78 6.21 7.12 -6.63
C LEU A 78 5.43 8.41 -6.42
N ILE A 79 6.13 9.49 -6.11
CA ILE A 79 5.50 10.78 -5.89
C ILE A 79 6.41 11.92 -6.34
N GLU A 80 5.80 12.97 -6.89
CA GLU A 80 6.55 14.13 -7.35
C GLU A 80 7.46 14.67 -6.26
N ASP A 81 8.62 15.18 -6.66
CA ASP A 81 9.58 15.74 -5.71
C ASP A 81 10.25 16.98 -6.28
N SER A 82 11.27 17.48 -5.57
CA SER A 82 11.99 18.66 -6.00
C SER A 82 12.55 18.47 -7.42
N THR A 83 12.69 17.22 -7.82
CA THR A 83 13.21 16.89 -9.15
C THR A 83 12.24 17.33 -10.24
N GLY A 84 11.01 17.66 -9.84
CA GLY A 84 10.02 18.10 -10.79
C GLY A 84 9.32 16.94 -11.48
N ASN A 85 9.52 15.73 -10.94
CA ASN A 85 8.92 14.54 -11.51
C ASN A 85 8.72 13.46 -10.44
N TRP A 86 7.75 12.59 -10.65
CA TRP A 86 7.46 11.52 -9.72
C TRP A 86 8.72 10.69 -9.44
N VAL A 87 9.12 10.64 -8.16
CA VAL A 87 10.29 9.88 -7.76
C VAL A 87 9.91 8.60 -7.04
N SER A 88 10.56 7.50 -7.39
CA SER A 88 10.28 6.22 -6.78
C SER A 88 10.87 6.14 -5.37
N ARG A 89 10.08 5.64 -4.43
CA ARG A 89 10.52 5.51 -3.04
C ARG A 89 10.11 4.17 -2.46
N LYS A 90 11.09 3.28 -2.28
CA LYS A 90 10.83 1.95 -1.72
C LYS A 90 10.62 2.03 -0.21
N ALA A 91 9.58 1.36 0.27
CA ALA A 91 9.28 1.36 1.70
C ALA A 91 8.49 0.10 2.08
N GLU A 92 8.71 -0.38 3.31
CA GLU A 92 8.03 -1.57 3.79
C GLU A 92 7.12 -1.23 4.98
N LEU A 93 5.82 -1.40 4.79
CA LEU A 93 4.85 -1.11 5.84
C LEU A 93 4.50 -2.38 6.62
N LEU A 94 4.23 -2.21 7.91
CA LEU A 94 3.89 -3.34 8.77
C LEU A 94 2.40 -3.34 9.10
N LEU A 95 1.78 -4.51 9.04
CA LEU A 95 0.36 -4.65 9.34
C LEU A 95 0.01 -3.97 10.66
N ASN A 96 -0.97 -3.08 10.63
CA ASN A 96 -1.40 -2.37 11.83
C ASN A 96 -2.46 -3.16 12.58
N SER A 97 -2.18 -4.44 12.82
CA SER A 97 -3.12 -5.31 13.52
C SER A 97 -3.40 -4.78 14.92
N SER A 98 -2.48 -3.97 15.44
CA SER A 98 -2.62 -3.40 16.78
C SER A 98 -3.47 -2.13 16.73
N ASP A 99 -4.62 -2.18 17.42
CA ASP A 99 -5.53 -1.03 17.46
C ASP A 99 -5.29 -0.20 18.71
N LYS A 100 -4.07 -0.26 19.24
CA LYS A 100 -3.71 0.49 20.43
C LYS A 100 -2.74 1.61 20.10
N ASN A 101 -2.45 2.45 21.10
CA ASN A 101 -1.53 3.57 20.91
C ASN A 101 -0.13 3.22 21.40
N THR A 102 0.63 2.52 20.57
CA THR A 102 1.99 2.11 20.92
C THR A 102 3.00 2.74 19.98
N GLU A 103 3.16 4.06 20.10
CA GLU A 103 4.11 4.79 19.25
C GLU A 103 5.51 4.72 19.83
N GLN A 104 6.43 4.11 19.09
CA GLN A 104 7.81 3.97 19.54
C GLN A 104 8.56 5.30 19.42
N ALA A 105 9.82 5.30 19.83
CA ALA A 105 10.63 6.51 19.78
C ALA A 105 11.84 6.31 18.85
N ALA A 106 12.36 7.42 18.33
CA ALA A 106 13.52 7.37 17.44
C ALA A 106 14.67 6.61 18.08
N ALA A 107 15.67 6.27 17.28
CA ALA A 107 16.84 5.55 17.77
C ALA A 107 17.47 6.26 18.96
N PRO A 108 18.27 5.52 19.74
CA PRO A 108 18.95 6.06 20.91
C PRO A 108 20.07 7.03 20.54
N ALA A 109 20.55 7.78 21.53
CA ALA A 109 21.62 8.75 21.30
C ALA A 109 22.90 8.06 20.85
N ALA A 110 23.67 8.75 20.02
CA ALA A 110 24.93 8.20 19.51
C ALA A 110 25.73 9.26 18.77
N GLU A 111 27.05 9.13 18.82
CA GLU A 111 27.93 10.09 18.16
C GLU A 111 29.14 9.38 17.53
N GLN A 112 29.97 10.14 16.83
CA GLN A 112 31.15 9.59 16.19
C GLN A 112 32.42 9.95 16.95
N ASN A 113 33.44 9.11 16.82
CA ASN A 113 34.71 9.35 17.50
C ASN A 113 35.28 10.70 17.12
N GLU A 1 28.12 3.93 -12.95
CA GLU A 1 27.29 4.23 -14.12
C GLU A 1 26.13 5.15 -13.74
N THR A 2 25.64 5.90 -14.72
CA THR A 2 24.53 6.82 -14.49
C THR A 2 23.74 7.05 -15.77
N ASP A 3 22.43 7.23 -15.63
CA ASP A 3 21.55 7.45 -16.77
C ASP A 3 21.00 8.88 -16.75
N LYS A 4 21.31 9.64 -17.80
CA LYS A 4 20.84 11.02 -17.89
C LYS A 4 19.75 11.15 -18.96
N LYS A 5 18.60 10.52 -18.70
CA LYS A 5 17.49 10.57 -19.63
C LYS A 5 16.85 11.96 -19.65
N GLY A 6 15.94 12.17 -20.61
CA GLY A 6 15.28 13.46 -20.71
C GLY A 6 14.55 13.62 -22.04
N GLU A 7 13.40 12.96 -22.16
CA GLU A 7 12.61 13.03 -23.38
C GLU A 7 11.33 13.83 -23.15
N ASN A 8 10.63 14.14 -24.23
CA ASN A 8 9.39 14.90 -24.15
C ASN A 8 8.17 13.97 -24.18
N ALA A 9 7.79 13.47 -23.01
CA ALA A 9 6.65 12.57 -22.91
C ALA A 9 5.51 13.22 -22.13
N PRO A 10 4.60 13.90 -22.87
CA PRO A 10 3.45 14.58 -22.28
C PRO A 10 2.42 13.61 -21.73
N ASP A 11 2.37 13.48 -20.41
CA ASP A 11 1.43 12.58 -19.75
C ASP A 11 0.54 13.34 -18.77
N THR A 12 -0.76 13.31 -19.02
CA THR A 12 -1.71 13.99 -18.16
C THR A 12 -3.11 13.40 -18.28
N LYS A 13 -4.02 13.81 -17.41
CA LYS A 13 -5.39 13.32 -17.43
C LYS A 13 -5.41 11.81 -17.61
N ARG A 14 -4.42 11.13 -17.04
CA ARG A 14 -4.34 9.68 -17.14
C ARG A 14 -5.03 9.01 -15.95
N ILE A 15 -5.64 7.86 -16.20
CA ILE A 15 -6.33 7.12 -15.14
C ILE A 15 -5.83 5.68 -15.07
N LYS A 16 -6.04 5.06 -13.91
CA LYS A 16 -5.62 3.68 -13.69
C LYS A 16 -6.76 2.83 -13.14
N GLU A 17 -7.14 3.11 -11.89
CA GLU A 17 -8.22 2.38 -11.25
C GLU A 17 -9.00 3.28 -10.30
N THR A 18 -9.99 2.71 -9.62
CA THR A 18 -10.81 3.46 -8.69
C THR A 18 -9.98 4.01 -7.54
N LEU A 19 -8.87 3.33 -7.24
CA LEU A 19 -7.97 3.74 -6.17
C LEU A 19 -7.31 5.08 -6.50
N GLU A 20 -7.42 5.48 -7.76
CA GLU A 20 -6.83 6.75 -8.21
C GLU A 20 -7.42 7.92 -7.43
N LYS A 21 -8.68 7.80 -7.05
CA LYS A 21 -9.36 8.86 -6.31
C LYS A 21 -9.11 8.71 -4.81
N PHE A 22 -8.25 7.76 -4.45
CA PHE A 22 -7.92 7.53 -3.04
C PHE A 22 -6.50 7.98 -2.74
N SER A 23 -6.33 8.61 -1.58
CA SER A 23 -5.02 9.10 -1.16
C SER A 23 -4.27 8.03 -0.36
N LEU A 24 -2.97 8.25 -0.18
CA LEU A 24 -2.14 7.31 0.57
C LEU A 24 -2.49 7.34 2.05
N GLU A 25 -2.66 8.55 2.60
CA GLU A 25 -3.00 8.71 4.00
C GLU A 25 -4.24 7.90 4.36
N ASN A 26 -5.06 7.61 3.35
CA ASN A 26 -6.28 6.85 3.56
C ASN A 26 -6.01 5.35 3.46
N MET A 27 -5.01 4.99 2.67
CA MET A 27 -4.65 3.59 2.49
C MET A 27 -3.89 3.05 3.69
N ARG A 28 -4.11 1.78 4.01
CA ARG A 28 -3.46 1.15 5.15
C ARG A 28 -3.49 -0.36 5.02
N TYR A 29 -2.53 -1.03 5.67
CA TYR A 29 -2.45 -2.49 5.63
C TYR A 29 -3.50 -3.12 6.54
N VAL A 30 -4.40 -3.88 5.94
CA VAL A 30 -5.46 -4.55 6.70
C VAL A 30 -5.08 -6.00 7.00
N GLY A 31 -4.50 -6.68 6.02
CA GLY A 31 -4.11 -8.06 6.19
C GLY A 31 -3.58 -8.68 4.92
N ILE A 32 -3.67 -10.01 4.83
CA ILE A 32 -3.20 -10.72 3.65
C ILE A 32 -4.26 -11.68 3.12
N LEU A 33 -4.11 -12.09 1.87
CA LEU A 33 -5.06 -13.01 1.24
C LEU A 33 -4.33 -14.12 0.49
N LYS A 34 -4.95 -15.29 0.44
CA LYS A 34 -4.36 -16.43 -0.26
C LYS A 34 -4.61 -16.34 -1.77
N SER A 35 -3.62 -16.74 -2.55
CA SER A 35 -3.72 -16.70 -4.00
C SER A 35 -2.91 -17.82 -4.64
N GLY A 36 -3.38 -19.05 -4.47
CA GLY A 36 -2.69 -20.19 -5.05
C GLY A 36 -1.34 -20.43 -4.39
N GLN A 37 -1.34 -21.19 -3.30
CA GLN A 37 -0.10 -21.48 -2.58
C GLN A 37 0.81 -20.26 -2.53
N LYS A 38 0.22 -19.10 -2.29
CA LYS A 38 0.97 -17.85 -2.22
C LYS A 38 0.37 -16.91 -1.19
N VAL A 39 1.02 -15.76 -0.99
CA VAL A 39 0.54 -14.77 -0.04
C VAL A 39 0.57 -13.37 -0.63
N SER A 40 -0.59 -12.72 -0.69
CA SER A 40 -0.70 -11.38 -1.24
C SER A 40 -1.05 -10.37 -0.15
N GLY A 41 -0.57 -9.14 -0.31
CA GLY A 41 -0.85 -8.10 0.66
C GLY A 41 -2.19 -7.44 0.44
N PHE A 42 -3.03 -7.44 1.47
CA PHE A 42 -4.35 -6.83 1.37
C PHE A 42 -4.34 -5.43 1.96
N ILE A 43 -4.60 -4.44 1.11
CA ILE A 43 -4.62 -3.05 1.54
C ILE A 43 -5.99 -2.42 1.31
N GLU A 44 -6.41 -1.57 2.23
CA GLU A 44 -7.71 -0.91 2.13
C GLU A 44 -7.54 0.60 2.14
N ALA A 45 -8.33 1.29 1.33
CA ALA A 45 -8.28 2.75 1.24
C ALA A 45 -9.68 3.35 1.36
N GLU A 46 -9.90 4.11 2.43
CA GLU A 46 -11.20 4.75 2.65
C GLU A 46 -12.33 3.77 2.42
N GLY A 47 -12.27 2.63 3.10
CA GLY A 47 -13.31 1.62 2.96
C GLY A 47 -13.02 0.64 1.83
N TYR A 48 -12.49 1.16 0.72
CA TYR A 48 -12.17 0.33 -0.43
C TYR A 48 -11.19 -0.77 -0.05
N VAL A 49 -11.53 -2.01 -0.41
CA VAL A 49 -10.67 -3.15 -0.12
C VAL A 49 -10.08 -3.74 -1.40
N TYR A 50 -8.78 -3.59 -1.56
CA TYR A 50 -8.09 -4.09 -2.73
C TYR A 50 -6.80 -4.83 -2.34
N THR A 51 -6.63 -6.04 -2.85
CA THR A 51 -5.45 -6.84 -2.55
C THR A 51 -4.39 -6.68 -3.64
N VAL A 52 -3.14 -6.92 -3.27
CA VAL A 52 -2.03 -6.82 -4.21
C VAL A 52 -1.00 -7.92 -3.98
N GLY A 53 -0.29 -8.28 -5.05
CA GLY A 53 0.71 -9.32 -4.95
C GLY A 53 2.03 -8.93 -5.61
N VAL A 54 3.00 -9.81 -5.54
CA VAL A 54 4.32 -9.56 -6.14
C VAL A 54 4.17 -8.90 -7.51
N GLY A 55 4.52 -7.62 -7.58
CA GLY A 55 4.43 -6.89 -8.83
C GLY A 55 3.02 -6.43 -9.12
N ASN A 56 2.49 -5.58 -8.26
CA ASN A 56 1.13 -5.05 -8.42
C ASN A 56 1.10 -3.54 -8.19
N TYR A 57 -0.10 -2.96 -8.29
CA TYR A 57 -0.26 -1.53 -8.10
C TYR A 57 -0.99 -1.23 -6.80
N LEU A 58 -0.76 -0.05 -6.25
CA LEU A 58 -1.40 0.36 -5.00
C LEU A 58 -1.08 1.81 -4.67
N GLY A 59 -1.64 2.30 -3.57
CA GLY A 59 -1.40 3.67 -3.16
C GLY A 59 -2.23 4.66 -3.94
N GLN A 60 -1.81 5.92 -3.94
CA GLN A 60 -2.53 6.97 -4.65
C GLN A 60 -1.83 7.31 -5.96
N ASN A 61 -0.71 8.03 -5.85
CA ASN A 61 0.06 8.43 -7.04
C ASN A 61 0.40 7.22 -7.89
N TYR A 62 1.56 6.63 -7.64
CA TYR A 62 2.01 5.46 -8.39
C TYR A 62 2.80 4.51 -7.50
N GLY A 63 2.08 3.63 -6.80
CA GLY A 63 2.73 2.67 -5.93
C GLY A 63 2.76 1.27 -6.51
N ARG A 64 3.90 0.61 -6.39
CA ARG A 64 4.06 -0.74 -6.91
C ARG A 64 4.59 -1.69 -5.83
N ILE A 65 3.89 -2.79 -5.62
CA ILE A 65 4.30 -3.77 -4.62
C ILE A 65 5.21 -4.83 -5.22
N GLU A 66 6.24 -5.22 -4.47
CA GLU A 66 7.18 -6.22 -4.92
C GLU A 66 7.22 -7.42 -3.97
N SER A 67 7.55 -7.15 -2.71
CA SER A 67 7.62 -8.21 -1.71
C SER A 67 6.43 -8.12 -0.75
N ILE A 68 5.92 -9.28 -0.36
CA ILE A 68 4.78 -9.34 0.55
C ILE A 68 4.99 -10.41 1.63
N THR A 69 5.24 -9.96 2.86
CA THR A 69 5.46 -10.86 3.97
C THR A 69 4.35 -10.76 5.00
N ASP A 70 4.36 -11.66 5.98
CA ASP A 70 3.34 -11.66 7.02
C ASP A 70 3.46 -10.43 7.90
N ASP A 71 2.43 -9.59 7.89
CA ASP A 71 2.42 -8.37 8.69
C ASP A 71 3.46 -7.38 8.18
N SER A 72 3.81 -7.50 6.90
CA SER A 72 4.80 -6.62 6.30
C SER A 72 4.76 -6.72 4.77
N ILE A 73 4.92 -5.57 4.11
CA ILE A 73 4.91 -5.53 2.65
C ILE A 73 5.88 -4.49 2.12
N VAL A 74 6.74 -4.92 1.20
CA VAL A 74 7.73 -4.03 0.61
C VAL A 74 7.28 -3.54 -0.76
N LEU A 75 7.03 -2.23 -0.86
CA LEU A 75 6.59 -1.64 -2.12
C LEU A 75 7.33 -0.34 -2.40
N ASN A 76 7.16 0.20 -3.60
CA ASN A 76 7.80 1.44 -3.99
C ASN A 76 6.78 2.48 -4.45
N GLU A 77 6.55 3.49 -3.63
CA GLU A 77 5.60 4.54 -3.96
C GLU A 77 6.27 5.66 -4.75
N LEU A 78 5.63 6.07 -5.84
CA LEU A 78 6.17 7.13 -6.68
C LEU A 78 5.35 8.41 -6.54
N ILE A 79 6.03 9.51 -6.22
CA ILE A 79 5.36 10.80 -6.04
C ILE A 79 6.28 11.94 -6.46
N GLU A 80 5.70 12.99 -7.04
CA GLU A 80 6.46 14.15 -7.47
C GLU A 80 7.18 14.80 -6.29
N ASP A 81 8.34 15.39 -6.56
CA ASP A 81 9.13 16.05 -5.53
C ASP A 81 9.89 17.24 -6.10
N SER A 82 10.86 17.73 -5.35
CA SER A 82 11.67 18.87 -5.77
C SER A 82 12.31 18.60 -7.13
N THR A 83 12.43 17.32 -7.49
CA THR A 83 13.02 16.93 -8.75
C THR A 83 12.14 17.37 -9.92
N GLY A 84 10.91 17.78 -9.62
CA GLY A 84 9.99 18.21 -10.65
C GLY A 84 9.35 17.06 -11.38
N ASN A 85 9.54 15.85 -10.86
CA ASN A 85 8.98 14.65 -11.46
C ASN A 85 8.75 13.56 -10.41
N TRP A 86 7.82 12.66 -10.70
CA TRP A 86 7.51 11.57 -9.78
C TRP A 86 8.76 10.77 -9.44
N VAL A 87 9.10 10.72 -8.15
CA VAL A 87 10.27 9.99 -7.69
C VAL A 87 9.87 8.70 -7.00
N SER A 88 10.59 7.62 -7.31
CA SER A 88 10.30 6.32 -6.72
C SER A 88 10.86 6.24 -5.29
N ARG A 89 10.05 5.69 -4.39
CA ARG A 89 10.47 5.56 -2.99
C ARG A 89 10.11 4.18 -2.45
N LYS A 90 11.13 3.34 -2.27
CA LYS A 90 10.92 1.99 -1.76
C LYS A 90 10.85 1.99 -0.23
N ALA A 91 9.83 1.31 0.30
CA ALA A 91 9.65 1.23 1.75
C ALA A 91 8.80 0.02 2.13
N GLU A 92 9.03 -0.51 3.32
CA GLU A 92 8.28 -1.66 3.80
C GLU A 92 7.38 -1.28 4.97
N LEU A 93 6.07 -1.41 4.76
CA LEU A 93 5.09 -1.07 5.79
C LEU A 93 4.74 -2.30 6.61
N LEU A 94 4.45 -2.08 7.89
CA LEU A 94 4.10 -3.18 8.79
C LEU A 94 2.60 -3.14 9.11
N LEU A 95 1.97 -4.31 9.07
CA LEU A 95 0.55 -4.43 9.36
C LEU A 95 0.19 -3.70 10.65
N ASN A 96 -0.76 -2.78 10.56
CA ASN A 96 -1.19 -2.02 11.73
C ASN A 96 -2.27 -2.77 12.50
N SER A 97 -2.00 -4.03 12.82
CA SER A 97 -2.96 -4.86 13.55
C SER A 97 -3.02 -4.44 15.02
N SER A 98 -3.83 -5.15 15.80
CA SER A 98 -3.99 -4.85 17.22
C SER A 98 -3.01 -5.68 18.05
N ASP A 99 -1.86 -5.09 18.36
CA ASP A 99 -0.84 -5.76 19.15
C ASP A 99 -0.65 -5.06 20.50
N LYS A 100 -1.74 -4.86 21.21
CA LYS A 100 -1.71 -4.20 22.51
C LYS A 100 -0.69 -4.89 23.43
N ASN A 101 -0.34 -4.21 24.52
CA ASN A 101 0.61 -4.76 25.48
C ASN A 101 -0.10 -5.63 26.51
N THR A 102 0.52 -6.77 26.84
CA THR A 102 -0.05 -7.69 27.80
C THR A 102 0.86 -7.86 29.01
N GLU A 103 1.00 -6.79 29.80
CA GLU A 103 1.85 -6.83 30.98
C GLU A 103 1.15 -7.54 32.14
N GLN A 104 1.87 -7.74 33.23
CA GLN A 104 1.33 -8.40 34.41
C GLN A 104 2.11 -8.04 35.66
N ALA A 105 1.63 -8.49 36.82
CA ALA A 105 2.29 -8.21 38.08
C ALA A 105 2.21 -9.41 39.01
N ALA A 106 3.09 -9.45 40.01
CA ALA A 106 3.11 -10.54 40.97
C ALA A 106 1.84 -10.56 41.81
N ALA A 107 1.34 -11.76 42.10
CA ALA A 107 0.14 -11.91 42.89
C ALA A 107 0.40 -12.70 44.16
N PRO A 108 -0.50 -12.57 45.15
CA PRO A 108 -0.37 -13.26 46.44
C PRO A 108 -0.59 -14.76 46.31
N ALA A 109 -0.01 -15.52 47.23
CA ALA A 109 -0.14 -16.97 47.23
C ALA A 109 -1.31 -17.42 48.09
N ALA A 110 -2.44 -16.72 47.97
CA ALA A 110 -3.63 -17.06 48.73
C ALA A 110 -4.61 -17.88 47.90
N GLU A 111 -5.62 -18.43 48.56
CA GLU A 111 -6.63 -19.24 47.88
C GLU A 111 -7.77 -18.36 47.37
N GLN A 112 -8.26 -18.68 46.17
CA GLN A 112 -9.35 -17.93 45.56
C GLN A 112 -10.49 -18.86 45.14
N ASN A 113 -11.72 -18.37 45.28
CA ASN A 113 -12.89 -19.16 44.92
C ASN A 113 -13.55 -18.61 43.65
N GLU A 1 21.55 3.67 -30.43
CA GLU A 1 20.30 3.32 -31.09
C GLU A 1 19.17 3.19 -30.08
N THR A 2 17.95 3.50 -30.52
CA THR A 2 16.78 3.42 -29.66
C THR A 2 16.46 1.97 -29.31
N ASP A 3 15.85 1.77 -28.14
CA ASP A 3 15.48 0.44 -27.68
C ASP A 3 14.11 0.45 -27.02
N LYS A 4 13.35 -0.63 -27.20
CA LYS A 4 12.03 -0.74 -26.62
C LYS A 4 12.06 -1.58 -25.35
N LYS A 5 13.22 -1.62 -24.69
CA LYS A 5 13.39 -2.38 -23.47
C LYS A 5 14.29 -1.66 -22.48
N GLY A 6 14.36 -2.16 -21.26
CA GLY A 6 15.21 -1.55 -20.25
C GLY A 6 15.11 -2.26 -18.91
N GLU A 7 15.12 -1.47 -17.83
CA GLU A 7 15.04 -2.03 -16.48
C GLU A 7 13.76 -2.84 -16.31
N ASN A 8 13.58 -3.41 -15.12
CA ASN A 8 12.40 -4.22 -14.83
C ASN A 8 11.34 -3.38 -14.11
N ALA A 9 11.37 -2.07 -14.33
CA ALA A 9 10.41 -1.17 -13.71
C ALA A 9 9.91 -0.13 -14.71
N PRO A 10 8.81 -0.45 -15.39
CA PRO A 10 8.21 0.45 -16.38
C PRO A 10 7.57 1.68 -15.74
N ASP A 11 8.40 2.64 -15.39
CA ASP A 11 7.92 3.87 -14.76
C ASP A 11 7.32 4.81 -15.80
N THR A 12 6.00 4.94 -15.78
CA THR A 12 5.30 5.80 -16.73
C THR A 12 3.97 6.28 -16.15
N LYS A 13 3.18 6.95 -16.99
CA LYS A 13 1.88 7.46 -16.57
C LYS A 13 0.75 6.60 -17.12
N ARG A 14 0.99 5.30 -17.22
CA ARG A 14 -0.01 4.37 -17.74
C ARG A 14 -1.34 4.55 -17.02
N ILE A 15 -2.40 4.00 -17.58
CA ILE A 15 -3.73 4.09 -16.99
C ILE A 15 -3.69 3.72 -15.51
N LYS A 16 -4.77 4.04 -14.80
CA LYS A 16 -4.87 3.73 -13.38
C LYS A 16 -6.17 3.01 -13.06
N GLU A 17 -6.50 2.93 -11.78
CA GLU A 17 -7.73 2.27 -11.35
C GLU A 17 -8.50 3.14 -10.36
N THR A 18 -9.61 2.61 -9.87
CA THR A 18 -10.46 3.35 -8.92
C THR A 18 -9.63 3.86 -7.75
N LEU A 19 -8.61 3.09 -7.37
CA LEU A 19 -7.75 3.48 -6.25
C LEU A 19 -7.16 4.86 -6.47
N GLU A 20 -7.06 5.27 -7.74
CA GLU A 20 -6.51 6.57 -8.08
C GLU A 20 -7.28 7.68 -7.39
N LYS A 21 -8.52 7.39 -6.98
CA LYS A 21 -9.36 8.37 -6.30
C LYS A 21 -9.22 8.24 -4.80
N PHE A 22 -8.12 7.64 -4.35
CA PHE A 22 -7.87 7.45 -2.93
C PHE A 22 -6.48 7.94 -2.55
N SER A 23 -6.38 8.60 -1.41
CA SER A 23 -5.10 9.12 -0.94
C SER A 23 -4.33 8.06 -0.16
N LEU A 24 -3.04 8.27 0.00
CA LEU A 24 -2.20 7.33 0.74
C LEU A 24 -2.52 7.36 2.23
N GLU A 25 -2.74 8.56 2.76
CA GLU A 25 -3.07 8.72 4.18
C GLU A 25 -4.25 7.85 4.56
N ASN A 26 -5.04 7.46 3.57
CA ASN A 26 -6.21 6.61 3.81
C ASN A 26 -5.85 5.13 3.67
N MET A 27 -4.88 4.85 2.81
CA MET A 27 -4.44 3.47 2.59
C MET A 27 -3.77 2.91 3.82
N ARG A 28 -4.15 1.69 4.20
CA ARG A 28 -3.58 1.03 5.36
C ARG A 28 -3.63 -0.49 5.21
N TYR A 29 -2.73 -1.18 5.90
CA TYR A 29 -2.68 -2.63 5.84
C TYR A 29 -3.78 -3.27 6.70
N VAL A 30 -4.70 -3.95 6.05
CA VAL A 30 -5.80 -4.60 6.75
C VAL A 30 -5.49 -6.06 7.05
N GLY A 31 -4.87 -6.74 6.09
CA GLY A 31 -4.51 -8.14 6.27
C GLY A 31 -3.88 -8.74 5.03
N ILE A 32 -3.88 -10.07 4.95
CA ILE A 32 -3.29 -10.76 3.80
C ILE A 32 -4.28 -11.75 3.21
N LEU A 33 -4.00 -12.19 1.98
CA LEU A 33 -4.87 -13.14 1.29
C LEU A 33 -4.05 -14.05 0.38
N LYS A 34 -4.29 -15.36 0.48
CA LYS A 34 -3.59 -16.33 -0.35
C LYS A 34 -4.29 -16.54 -1.67
N SER A 35 -3.50 -16.69 -2.74
CA SER A 35 -4.05 -16.89 -4.07
C SER A 35 -3.64 -18.25 -4.64
N GLY A 36 -4.18 -19.32 -4.06
CA GLY A 36 -3.86 -20.65 -4.52
C GLY A 36 -2.53 -21.15 -3.97
N GLN A 37 -1.44 -20.57 -4.47
CA GLN A 37 -0.10 -20.95 -4.04
C GLN A 37 0.80 -19.73 -3.91
N LYS A 38 0.30 -18.70 -3.25
CA LYS A 38 1.06 -17.47 -3.05
C LYS A 38 0.39 -16.55 -2.04
N VAL A 39 1.15 -15.60 -1.51
CA VAL A 39 0.60 -14.66 -0.54
C VAL A 39 0.49 -13.26 -1.13
N SER A 40 -0.63 -12.59 -0.85
CA SER A 40 -0.87 -11.25 -1.36
C SER A 40 -1.31 -10.31 -0.24
N GLY A 41 -0.68 -9.14 -0.18
CA GLY A 41 -1.02 -8.18 0.85
C GLY A 41 -2.35 -7.49 0.59
N PHE A 42 -3.22 -7.51 1.59
CA PHE A 42 -4.53 -6.88 1.47
C PHE A 42 -4.53 -5.47 2.06
N ILE A 43 -4.70 -4.48 1.20
CA ILE A 43 -4.71 -3.09 1.65
C ILE A 43 -6.06 -2.44 1.37
N GLU A 44 -6.50 -1.57 2.28
CA GLU A 44 -7.78 -0.89 2.14
C GLU A 44 -7.58 0.62 2.14
N ALA A 45 -8.38 1.32 1.33
CA ALA A 45 -8.30 2.77 1.24
C ALA A 45 -9.68 3.41 1.26
N GLU A 46 -9.95 4.18 2.31
CA GLU A 46 -11.23 4.85 2.46
C GLU A 46 -12.39 3.86 2.26
N GLY A 47 -12.29 2.71 2.93
CA GLY A 47 -13.32 1.69 2.81
C GLY A 47 -13.04 0.71 1.69
N TYR A 48 -12.47 1.20 0.60
CA TYR A 48 -12.16 0.36 -0.55
C TYR A 48 -11.18 -0.75 -0.15
N VAL A 49 -11.55 -1.99 -0.49
CA VAL A 49 -10.71 -3.14 -0.16
C VAL A 49 -10.09 -3.73 -1.43
N TYR A 50 -8.79 -3.60 -1.56
CA TYR A 50 -8.07 -4.12 -2.73
C TYR A 50 -6.80 -4.85 -2.30
N THR A 51 -6.61 -6.05 -2.84
CA THR A 51 -5.45 -6.86 -2.52
C THR A 51 -4.35 -6.68 -3.57
N VAL A 52 -3.10 -6.91 -3.17
CA VAL A 52 -1.97 -6.78 -4.07
C VAL A 52 -0.93 -7.87 -3.82
N GLY A 53 -0.20 -8.23 -4.86
CA GLY A 53 0.82 -9.26 -4.74
C GLY A 53 2.12 -8.88 -5.42
N VAL A 54 3.10 -9.77 -5.35
CA VAL A 54 4.40 -9.53 -5.97
C VAL A 54 4.24 -8.89 -7.34
N GLY A 55 4.59 -7.61 -7.45
CA GLY A 55 4.48 -6.90 -8.71
C GLY A 55 3.06 -6.43 -8.98
N ASN A 56 2.56 -5.56 -8.11
CA ASN A 56 1.20 -5.04 -8.27
C ASN A 56 1.18 -3.52 -8.03
N TYR A 57 -0.01 -2.94 -8.12
CA TYR A 57 -0.17 -1.50 -7.93
C TYR A 57 -0.91 -1.21 -6.63
N LEU A 58 -0.65 -0.05 -6.04
CA LEU A 58 -1.28 0.35 -4.80
C LEU A 58 -0.92 1.79 -4.44
N GLY A 59 -1.47 2.28 -3.34
CA GLY A 59 -1.19 3.63 -2.90
C GLY A 59 -2.04 4.66 -3.62
N GLN A 60 -1.65 5.93 -3.53
CA GLN A 60 -2.38 7.01 -4.17
C GLN A 60 -1.75 7.36 -5.52
N ASN A 61 -0.62 8.07 -5.47
CA ASN A 61 0.08 8.47 -6.67
C ASN A 61 0.38 7.26 -7.57
N TYR A 62 1.55 6.67 -7.36
CA TYR A 62 1.97 5.50 -8.14
C TYR A 62 2.79 4.54 -7.29
N GLY A 63 2.10 3.67 -6.57
CA GLY A 63 2.79 2.70 -5.72
C GLY A 63 2.81 1.32 -6.32
N ARG A 64 3.97 0.67 -6.26
CA ARG A 64 4.11 -0.68 -6.81
C ARG A 64 4.68 -1.63 -5.76
N ILE A 65 3.95 -2.71 -5.49
CA ILE A 65 4.38 -3.70 -4.52
C ILE A 65 5.30 -4.73 -5.15
N GLU A 66 6.36 -5.10 -4.43
CA GLU A 66 7.32 -6.08 -4.93
C GLU A 66 7.46 -7.23 -3.95
N SER A 67 7.65 -6.90 -2.67
CA SER A 67 7.80 -7.91 -1.63
C SER A 67 6.62 -7.89 -0.68
N ILE A 68 6.16 -9.07 -0.28
CA ILE A 68 5.04 -9.20 0.63
C ILE A 68 5.29 -10.27 1.68
N THR A 69 5.52 -9.84 2.92
CA THR A 69 5.79 -10.75 4.01
C THR A 69 4.63 -10.78 5.00
N ASP A 70 4.67 -11.71 5.95
CA ASP A 70 3.63 -11.84 6.95
C ASP A 70 3.60 -10.62 7.86
N ASP A 71 2.50 -9.86 7.79
CA ASP A 71 2.34 -8.66 8.59
C ASP A 71 3.29 -7.56 8.13
N SER A 72 3.66 -7.62 6.86
CA SER A 72 4.58 -6.62 6.30
C SER A 72 4.54 -6.67 4.77
N ILE A 73 4.80 -5.51 4.15
CA ILE A 73 4.80 -5.42 2.69
C ILE A 73 5.74 -4.32 2.22
N VAL A 74 6.61 -4.66 1.27
CA VAL A 74 7.56 -3.70 0.72
C VAL A 74 7.17 -3.27 -0.69
N LEU A 75 6.91 -1.97 -0.85
CA LEU A 75 6.53 -1.43 -2.15
C LEU A 75 7.25 -0.12 -2.43
N ASN A 76 7.24 0.30 -3.68
CA ASN A 76 7.90 1.55 -4.09
C ASN A 76 6.87 2.60 -4.49
N GLU A 77 6.67 3.58 -3.61
CA GLU A 77 5.71 4.65 -3.88
C GLU A 77 6.35 5.75 -4.72
N LEU A 78 5.70 6.12 -5.81
CA LEU A 78 6.21 7.16 -6.70
C LEU A 78 5.41 8.44 -6.52
N ILE A 79 6.11 9.54 -6.26
CA ILE A 79 5.46 10.83 -6.08
C ILE A 79 6.37 11.97 -6.57
N GLU A 80 5.75 13.02 -7.11
CA GLU A 80 6.49 14.16 -7.61
C GLU A 80 7.33 14.80 -6.50
N ASP A 81 8.53 15.24 -6.85
CA ASP A 81 9.42 15.86 -5.87
C ASP A 81 10.12 17.08 -6.48
N SER A 82 11.15 17.57 -5.80
CA SER A 82 11.89 18.74 -6.27
C SER A 82 12.44 18.50 -7.67
N THR A 83 12.56 17.23 -8.05
CA THR A 83 13.07 16.87 -9.37
C THR A 83 12.11 17.28 -10.46
N GLY A 84 10.89 17.65 -10.07
CA GLY A 84 9.89 18.07 -11.03
C GLY A 84 9.21 16.90 -11.71
N ASN A 85 9.42 15.70 -11.17
CA ASN A 85 8.82 14.50 -11.73
C ASN A 85 8.63 13.43 -10.66
N TRP A 86 7.65 12.56 -10.86
CA TRP A 86 7.37 11.50 -9.91
C TRP A 86 8.61 10.65 -9.65
N VAL A 87 9.08 10.66 -8.40
CA VAL A 87 10.27 9.89 -8.03
C VAL A 87 9.89 8.66 -7.22
N SER A 88 10.54 7.54 -7.53
CA SER A 88 10.27 6.28 -6.83
C SER A 88 10.87 6.29 -5.43
N ARG A 89 10.11 5.76 -4.47
CA ARG A 89 10.57 5.71 -3.08
C ARG A 89 10.16 4.40 -2.44
N LYS A 90 11.14 3.52 -2.22
CA LYS A 90 10.88 2.23 -1.60
C LYS A 90 10.56 2.39 -0.11
N ALA A 91 9.50 1.74 0.33
CA ALA A 91 9.07 1.81 1.72
C ALA A 91 8.37 0.52 2.15
N GLU A 92 8.62 0.10 3.39
CA GLU A 92 8.01 -1.11 3.91
C GLU A 92 7.09 -0.80 5.10
N LEU A 93 5.88 -1.33 5.06
CA LEU A 93 4.92 -1.10 6.13
C LEU A 93 4.62 -2.39 6.88
N LEU A 94 4.26 -2.28 8.15
CA LEU A 94 3.93 -3.44 8.97
C LEU A 94 2.45 -3.47 9.31
N LEU A 95 1.85 -4.65 9.20
CA LEU A 95 0.43 -4.83 9.50
C LEU A 95 0.07 -4.16 10.82
N ASN A 96 -0.93 -3.29 10.79
CA ASN A 96 -1.37 -2.60 11.99
C ASN A 96 -2.45 -3.40 12.72
N SER A 97 -2.19 -4.69 12.92
CA SER A 97 -3.14 -5.56 13.60
C SER A 97 -3.48 -5.02 14.98
N SER A 98 -4.48 -5.64 15.62
CA SER A 98 -4.91 -5.21 16.94
C SER A 98 -3.82 -5.48 17.98
N ASP A 99 -3.02 -4.46 18.27
CA ASP A 99 -1.95 -4.59 19.24
C ASP A 99 -2.07 -3.52 20.32
N LYS A 100 -3.24 -3.46 20.95
CA LYS A 100 -3.50 -2.49 22.01
C LYS A 100 -2.41 -2.56 23.08
N ASN A 101 -2.30 -1.50 23.87
CA ASN A 101 -1.31 -1.44 24.94
C ASN A 101 -1.44 -2.64 25.87
N THR A 102 -0.56 -3.62 25.70
CA THR A 102 -0.59 -4.82 26.53
C THR A 102 0.75 -5.04 27.22
N GLU A 103 1.19 -4.04 27.97
CA GLU A 103 2.46 -4.11 28.69
C GLU A 103 2.26 -4.74 30.06
N GLN A 104 2.83 -5.93 30.25
CA GLN A 104 2.72 -6.64 31.52
C GLN A 104 3.13 -5.74 32.68
N ALA A 105 2.79 -6.16 33.89
CA ALA A 105 3.13 -5.40 35.09
C ALA A 105 4.01 -6.21 36.03
N ALA A 106 5.14 -5.63 36.43
CA ALA A 106 6.08 -6.31 37.32
C ALA A 106 5.68 -6.10 38.78
N ALA A 107 6.41 -6.72 39.69
CA ALA A 107 6.13 -6.61 41.11
C ALA A 107 6.05 -5.15 41.54
N PRO A 108 5.41 -4.90 42.68
CA PRO A 108 5.24 -3.55 43.23
C PRO A 108 6.55 -2.94 43.71
N ALA A 109 7.07 -1.98 42.94
CA ALA A 109 8.32 -1.32 43.29
C ALA A 109 8.08 0.07 43.85
N ALA A 110 9.09 0.65 44.46
CA ALA A 110 8.99 1.98 45.04
C ALA A 110 8.92 3.05 43.95
N GLU A 111 7.72 3.58 43.71
CA GLU A 111 7.53 4.60 42.69
C GLU A 111 6.17 5.28 42.85
N GLN A 112 5.96 6.35 42.10
CA GLN A 112 4.71 7.10 42.16
C GLN A 112 4.34 7.65 40.79
N ASN A 113 3.16 7.26 40.31
CA ASN A 113 2.67 7.71 39.01
C ASN A 113 1.15 7.87 39.01
N GLU A 1 24.92 -8.82 -3.97
CA GLU A 1 25.32 -7.43 -3.87
C GLU A 1 24.36 -6.52 -4.64
N THR A 2 24.57 -5.22 -4.55
CA THR A 2 23.72 -4.26 -5.23
C THR A 2 23.80 -4.44 -6.74
N ASP A 3 22.79 -3.94 -7.45
CA ASP A 3 22.73 -4.05 -8.90
C ASP A 3 22.44 -2.69 -9.53
N LYS A 4 22.71 -2.59 -10.83
CA LYS A 4 22.47 -1.34 -11.56
C LYS A 4 21.23 -1.46 -12.44
N LYS A 5 20.07 -1.65 -11.81
CA LYS A 5 18.82 -1.78 -12.53
C LYS A 5 18.08 -0.44 -12.57
N GLY A 6 17.01 -0.39 -13.36
CA GLY A 6 16.23 0.84 -13.47
C GLY A 6 15.08 0.90 -12.48
N GLU A 7 14.18 1.84 -12.69
CA GLU A 7 13.03 2.00 -11.80
C GLU A 7 11.73 1.59 -12.51
N ASN A 8 10.62 1.70 -11.79
CA ASN A 8 9.32 1.34 -12.36
C ASN A 8 8.38 2.54 -12.37
N ALA A 9 8.33 3.24 -13.50
CA ALA A 9 7.47 4.42 -13.63
C ALA A 9 6.29 4.12 -14.54
N PRO A 10 5.24 4.96 -14.44
CA PRO A 10 4.03 4.80 -15.24
C PRO A 10 4.26 5.14 -16.72
N ASP A 11 3.18 5.22 -17.49
CA ASP A 11 3.27 5.53 -18.90
C ASP A 11 1.97 6.14 -19.40
N THR A 12 1.94 6.47 -20.70
CA THR A 12 0.75 7.06 -21.31
C THR A 12 -0.32 5.99 -21.57
N LYS A 13 -0.01 5.07 -22.47
CA LYS A 13 -0.94 4.01 -22.82
C LYS A 13 -1.47 3.31 -21.57
N ARG A 14 -0.64 3.29 -20.52
CA ARG A 14 -1.03 2.66 -19.27
C ARG A 14 -2.39 3.15 -18.80
N ILE A 15 -3.04 2.37 -17.94
CA ILE A 15 -4.35 2.72 -17.42
C ILE A 15 -4.34 2.80 -15.89
N LYS A 16 -5.36 3.43 -15.34
CA LYS A 16 -5.47 3.57 -13.89
C LYS A 16 -6.61 2.72 -13.34
N GLU A 17 -6.95 2.93 -12.07
CA GLU A 17 -8.01 2.18 -11.43
C GLU A 17 -8.76 3.04 -10.42
N THR A 18 -9.85 2.51 -9.87
CA THR A 18 -10.65 3.23 -8.90
C THR A 18 -9.79 3.75 -7.76
N LEU A 19 -8.77 2.99 -7.39
CA LEU A 19 -7.87 3.38 -6.31
C LEU A 19 -7.30 4.77 -6.56
N GLU A 20 -7.24 5.16 -7.83
CA GLU A 20 -6.72 6.47 -8.20
C GLU A 20 -7.48 7.58 -7.49
N LYS A 21 -8.69 7.28 -7.05
CA LYS A 21 -9.53 8.26 -6.36
C LYS A 21 -9.34 8.15 -4.85
N PHE A 22 -8.21 7.58 -4.43
CA PHE A 22 -7.92 7.42 -3.02
C PHE A 22 -6.50 7.92 -2.70
N SER A 23 -6.37 8.56 -1.54
CA SER A 23 -5.07 9.09 -1.11
C SER A 23 -4.31 8.06 -0.29
N LEU A 24 -3.00 8.30 -0.12
CA LEU A 24 -2.16 7.39 0.65
C LEU A 24 -2.51 7.44 2.13
N GLU A 25 -2.73 8.65 2.64
CA GLU A 25 -3.06 8.82 4.05
C GLU A 25 -4.24 7.93 4.44
N ASN A 26 -5.07 7.58 3.46
CA ASN A 26 -6.23 6.73 3.71
C ASN A 26 -5.87 5.26 3.55
N MET A 27 -4.90 4.98 2.68
CA MET A 27 -4.45 3.61 2.44
C MET A 27 -3.71 3.06 3.65
N ARG A 28 -4.03 1.83 4.02
CA ARG A 28 -3.39 1.20 5.17
C ARG A 28 -3.43 -0.32 5.04
N TYR A 29 -2.48 -1.00 5.68
CA TYR A 29 -2.40 -2.45 5.63
C TYR A 29 -3.45 -3.08 6.54
N VAL A 30 -4.40 -3.80 5.94
CA VAL A 30 -5.45 -4.46 6.70
C VAL A 30 -5.09 -5.91 7.01
N GLY A 31 -4.48 -6.59 6.03
CA GLY A 31 -4.09 -7.97 6.22
C GLY A 31 -3.59 -8.61 4.95
N ILE A 32 -3.62 -9.94 4.90
CA ILE A 32 -3.18 -10.67 3.72
C ILE A 32 -4.26 -11.61 3.21
N LEU A 33 -4.12 -12.05 1.96
CA LEU A 33 -5.09 -12.95 1.35
C LEU A 33 -4.38 -14.05 0.57
N LYS A 34 -4.90 -15.28 0.67
CA LYS A 34 -4.33 -16.42 -0.02
C LYS A 34 -4.51 -16.28 -1.53
N SER A 35 -3.50 -16.71 -2.28
CA SER A 35 -3.55 -16.63 -3.74
C SER A 35 -3.06 -17.93 -4.37
N GLY A 36 -3.85 -18.99 -4.22
CA GLY A 36 -3.48 -20.28 -4.78
C GLY A 36 -2.35 -20.94 -4.02
N GLN A 37 -1.12 -20.48 -4.25
CA GLN A 37 0.04 -21.03 -3.57
C GLN A 37 0.99 -19.93 -3.13
N LYS A 38 0.44 -18.89 -2.51
CA LYS A 38 1.24 -17.76 -2.04
C LYS A 38 0.39 -16.79 -1.24
N VAL A 39 1.04 -15.79 -0.64
CA VAL A 39 0.33 -14.79 0.15
C VAL A 39 0.41 -13.42 -0.50
N SER A 40 -0.71 -12.70 -0.50
CA SER A 40 -0.78 -11.38 -1.10
C SER A 40 -1.10 -10.33 -0.05
N GLY A 41 -0.61 -9.11 -0.27
CA GLY A 41 -0.85 -8.03 0.66
C GLY A 41 -2.19 -7.35 0.44
N PHE A 42 -3.03 -7.38 1.47
CA PHE A 42 -4.35 -6.77 1.39
C PHE A 42 -4.34 -5.36 1.97
N ILE A 43 -4.59 -4.38 1.12
CA ILE A 43 -4.61 -2.98 1.55
C ILE A 43 -5.98 -2.35 1.32
N GLU A 44 -6.38 -1.48 2.24
CA GLU A 44 -7.67 -0.81 2.13
C GLU A 44 -7.50 0.71 2.12
N ALA A 45 -8.32 1.38 1.33
CA ALA A 45 -8.27 2.83 1.23
C ALA A 45 -9.66 3.45 1.27
N GLU A 46 -9.92 4.27 2.29
CA GLU A 46 -11.21 4.92 2.45
C GLU A 46 -12.34 3.90 2.30
N GLY A 47 -12.22 2.78 3.00
CA GLY A 47 -13.24 1.75 2.93
C GLY A 47 -12.98 0.75 1.81
N TYR A 48 -12.47 1.24 0.69
CA TYR A 48 -12.18 0.37 -0.44
C TYR A 48 -11.18 -0.71 -0.07
N VAL A 49 -11.53 -1.96 -0.37
CA VAL A 49 -10.66 -3.09 -0.06
C VAL A 49 -10.08 -3.69 -1.32
N TYR A 50 -8.78 -3.52 -1.52
CA TYR A 50 -8.10 -4.05 -2.69
C TYR A 50 -6.83 -4.81 -2.30
N THR A 51 -6.70 -6.03 -2.82
CA THR A 51 -5.54 -6.86 -2.53
C THR A 51 -4.47 -6.73 -3.61
N VAL A 52 -3.22 -6.94 -3.24
CA VAL A 52 -2.11 -6.85 -4.18
C VAL A 52 -1.09 -7.96 -3.93
N GLY A 53 -0.37 -8.34 -4.98
CA GLY A 53 0.63 -9.38 -4.86
C GLY A 53 1.94 -9.02 -5.56
N VAL A 54 2.92 -9.91 -5.47
CA VAL A 54 4.21 -9.68 -6.09
C VAL A 54 4.05 -9.07 -7.48
N GLY A 55 4.42 -7.80 -7.59
CA GLY A 55 4.31 -7.11 -8.87
C GLY A 55 2.90 -6.60 -9.14
N ASN A 56 2.41 -5.73 -8.28
CA ASN A 56 1.07 -5.16 -8.43
C ASN A 56 1.08 -3.66 -8.19
N TYR A 57 -0.10 -3.05 -8.26
CA TYR A 57 -0.23 -1.61 -8.05
C TYR A 57 -0.95 -1.31 -6.74
N LEU A 58 -0.67 -0.14 -6.19
CA LEU A 58 -1.30 0.27 -4.93
C LEU A 58 -0.93 1.71 -4.58
N GLY A 59 -1.47 2.21 -3.48
CA GLY A 59 -1.18 3.57 -3.06
C GLY A 59 -2.05 4.59 -3.77
N GLN A 60 -1.67 5.86 -3.66
CA GLN A 60 -2.43 6.94 -4.30
C GLN A 60 -1.86 7.26 -5.68
N ASN A 61 -0.73 7.96 -5.70
CA ASN A 61 -0.08 8.34 -6.95
C ASN A 61 0.18 7.11 -7.81
N TYR A 62 1.38 6.54 -7.65
CA TYR A 62 1.76 5.36 -8.41
C TYR A 62 2.63 4.42 -7.58
N GLY A 63 1.98 3.52 -6.86
CA GLY A 63 2.71 2.58 -6.03
C GLY A 63 2.72 1.18 -6.60
N ARG A 64 3.88 0.52 -6.53
CA ARG A 64 4.02 -0.83 -7.05
C ARG A 64 4.58 -1.77 -5.99
N ILE A 65 3.85 -2.86 -5.72
CA ILE A 65 4.28 -3.82 -4.72
C ILE A 65 5.19 -4.89 -5.34
N GLU A 66 6.26 -5.22 -4.64
CA GLU A 66 7.21 -6.21 -5.12
C GLU A 66 7.35 -7.36 -4.12
N SER A 67 7.47 -7.01 -2.84
CA SER A 67 7.61 -8.01 -1.79
C SER A 67 6.43 -7.96 -0.83
N ILE A 68 5.95 -9.13 -0.42
CA ILE A 68 4.83 -9.23 0.50
C ILE A 68 5.07 -10.29 1.57
N THR A 69 5.32 -9.84 2.80
CA THR A 69 5.57 -10.75 3.91
C THR A 69 4.44 -10.70 4.93
N ASP A 70 4.46 -11.62 5.88
CA ASP A 70 3.44 -11.67 6.92
C ASP A 70 3.56 -10.48 7.86
N ASP A 71 2.54 -9.64 7.86
CA ASP A 71 2.53 -8.45 8.70
C ASP A 71 3.50 -7.39 8.18
N SER A 72 3.82 -7.48 6.90
CA SER A 72 4.74 -6.53 6.27
C SER A 72 4.65 -6.62 4.75
N ILE A 73 4.90 -5.50 4.08
CA ILE A 73 4.86 -5.45 2.63
C ILE A 73 5.80 -4.38 2.09
N VAL A 74 6.62 -4.75 1.10
CA VAL A 74 7.57 -3.83 0.50
C VAL A 74 7.10 -3.40 -0.89
N LEU A 75 6.97 -2.09 -1.09
CA LEU A 75 6.53 -1.55 -2.37
C LEU A 75 7.25 -0.24 -2.68
N ASN A 76 7.18 0.19 -3.94
CA ASN A 76 7.82 1.42 -4.36
C ASN A 76 6.78 2.46 -4.77
N GLU A 77 6.58 3.46 -3.92
CA GLU A 77 5.61 4.51 -4.20
C GLU A 77 6.24 5.64 -5.02
N LEU A 78 5.53 6.07 -6.06
CA LEU A 78 6.02 7.13 -6.94
C LEU A 78 5.24 8.42 -6.71
N ILE A 79 5.95 9.49 -6.40
CA ILE A 79 5.32 10.79 -6.17
C ILE A 79 6.27 11.94 -6.52
N GLU A 80 5.72 12.99 -7.09
CA GLU A 80 6.52 14.16 -7.47
C GLU A 80 7.19 14.78 -6.25
N ASP A 81 8.32 15.42 -6.47
CA ASP A 81 9.06 16.06 -5.38
C ASP A 81 9.82 17.28 -5.90
N SER A 82 10.77 17.76 -5.09
CA SER A 82 11.56 18.93 -5.46
C SER A 82 12.24 18.72 -6.81
N THR A 83 12.40 17.45 -7.19
CA THR A 83 13.05 17.12 -8.45
C THR A 83 12.19 17.55 -9.64
N GLY A 84 10.95 17.93 -9.35
CA GLY A 84 10.05 18.36 -10.42
C GLY A 84 9.47 17.21 -11.20
N ASN A 85 9.66 15.99 -10.69
CA ASN A 85 9.15 14.80 -11.36
C ASN A 85 8.90 13.68 -10.34
N TRP A 86 7.99 12.78 -10.69
CA TRP A 86 7.65 11.67 -9.81
C TRP A 86 8.89 10.88 -9.43
N VAL A 87 9.17 10.79 -8.13
CA VAL A 87 10.33 10.06 -7.64
C VAL A 87 9.92 8.73 -7.02
N SER A 88 10.74 7.71 -7.25
CA SER A 88 10.46 6.38 -6.71
C SER A 88 10.99 6.25 -5.28
N ARG A 89 10.16 5.71 -4.40
CA ARG A 89 10.53 5.53 -3.00
C ARG A 89 10.09 4.16 -2.49
N LYS A 90 11.05 3.26 -2.32
CA LYS A 90 10.77 1.91 -1.84
C LYS A 90 10.81 1.85 -0.32
N ALA A 91 9.81 1.22 0.28
CA ALA A 91 9.73 1.09 1.73
C ALA A 91 8.90 -0.12 2.14
N GLU A 92 9.04 -0.54 3.38
CA GLU A 92 8.30 -1.68 3.89
C GLU A 92 7.39 -1.27 5.06
N LEU A 93 6.10 -1.43 4.87
CA LEU A 93 5.12 -1.08 5.90
C LEU A 93 4.74 -2.30 6.73
N LEU A 94 4.43 -2.07 8.00
CA LEU A 94 4.04 -3.15 8.90
C LEU A 94 2.54 -3.13 9.16
N LEU A 95 1.92 -4.31 9.11
CA LEU A 95 0.49 -4.43 9.35
C LEU A 95 0.08 -3.69 10.62
N ASN A 96 -0.85 -2.75 10.48
CA ASN A 96 -1.33 -1.97 11.62
C ASN A 96 -2.58 -2.59 12.21
N SER A 97 -2.58 -3.92 12.32
CA SER A 97 -3.72 -4.65 12.88
C SER A 97 -3.81 -4.44 14.38
N SER A 98 -2.68 -4.09 14.99
CA SER A 98 -2.63 -3.88 16.43
C SER A 98 -2.88 -2.40 16.77
N ASP A 99 -4.00 -2.15 17.45
CA ASP A 99 -4.35 -0.79 17.84
C ASP A 99 -3.91 -0.49 19.26
N LYS A 100 -2.90 -1.22 19.72
CA LYS A 100 -2.36 -1.03 21.07
C LYS A 100 -1.77 0.36 21.24
N ASN A 101 -1.63 0.80 22.48
CA ASN A 101 -1.07 2.12 22.77
C ASN A 101 0.44 2.13 22.58
N THR A 102 0.87 2.43 21.36
CA THR A 102 2.30 2.47 21.05
C THR A 102 2.71 3.86 20.60
N GLU A 103 2.71 4.82 21.52
CA GLU A 103 3.08 6.19 21.21
C GLU A 103 4.50 6.25 20.64
N GLN A 104 4.78 7.29 19.86
CA GLN A 104 6.09 7.46 19.24
C GLN A 104 6.87 8.58 19.93
N ALA A 105 8.07 8.84 19.44
CA ALA A 105 8.92 9.88 19.99
C ALA A 105 9.37 10.87 18.92
N ALA A 106 9.19 12.16 19.18
CA ALA A 106 9.57 13.20 18.24
C ALA A 106 9.79 14.53 18.94
N ALA A 107 10.21 15.53 18.18
CA ALA A 107 10.45 16.86 18.73
C ALA A 107 11.57 16.83 19.77
N PRO A 108 12.82 16.69 19.31
CA PRO A 108 14.00 16.63 20.18
C PRO A 108 14.29 17.98 20.83
N ALA A 109 15.36 18.03 21.61
CA ALA A 109 15.76 19.26 22.29
C ALA A 109 15.83 20.42 21.32
N ALA A 110 14.82 21.29 21.35
CA ALA A 110 14.78 22.44 20.47
C ALA A 110 13.81 23.50 20.99
N GLU A 111 14.24 24.76 20.95
CA GLU A 111 13.41 25.86 21.43
C GLU A 111 13.62 27.11 20.57
N GLN A 112 12.70 28.07 20.69
CA GLN A 112 12.79 29.31 19.94
C GLN A 112 12.53 30.51 20.83
N ASN A 113 13.30 31.57 20.62
CA ASN A 113 13.16 32.79 21.42
C ASN A 113 12.28 33.80 20.69
N GLU A 1 -4.97 15.86 14.50
CA GLU A 1 -4.03 15.28 15.45
C GLU A 1 -3.42 13.99 14.91
N THR A 2 -2.63 14.12 13.86
CA THR A 2 -1.98 12.97 13.23
C THR A 2 -0.48 13.18 13.12
N ASP A 3 0.29 12.13 13.41
CA ASP A 3 1.74 12.20 13.34
C ASP A 3 2.24 11.82 11.95
N LYS A 4 3.48 12.20 11.64
CA LYS A 4 4.07 11.89 10.35
C LYS A 4 3.15 12.33 9.21
N LYS A 5 2.84 13.62 9.16
CA LYS A 5 1.97 14.16 8.12
C LYS A 5 2.65 14.08 6.75
N GLY A 6 1.86 14.31 5.70
CA GLY A 6 2.40 14.24 4.35
C GLY A 6 1.89 15.38 3.48
N GLU A 7 2.18 15.30 2.19
CA GLU A 7 1.76 16.33 1.25
C GLU A 7 0.92 15.72 0.13
N ASN A 8 -0.06 16.48 -0.35
CA ASN A 8 -0.94 16.02 -1.42
C ASN A 8 -0.32 16.31 -2.79
N ALA A 9 0.56 15.41 -3.23
CA ALA A 9 1.21 15.55 -4.53
C ALA A 9 0.20 15.77 -5.64
N PRO A 10 0.68 16.32 -6.77
CA PRO A 10 -0.18 16.59 -7.93
C PRO A 10 -0.64 15.32 -8.63
N ASP A 11 -1.27 15.47 -9.79
CA ASP A 11 -1.77 14.33 -10.55
C ASP A 11 -1.85 14.67 -12.03
N THR A 12 -2.30 13.70 -12.83
CA THR A 12 -2.42 13.89 -14.27
C THR A 12 -3.87 13.78 -14.72
N LYS A 13 -4.08 13.58 -16.01
CA LYS A 13 -5.43 13.46 -16.57
C LYS A 13 -5.76 12.00 -16.84
N ARG A 14 -4.74 11.18 -17.05
CA ARG A 14 -4.94 9.76 -17.32
C ARG A 14 -5.60 9.07 -16.15
N ILE A 15 -6.02 7.83 -16.35
CA ILE A 15 -6.67 7.06 -15.30
C ILE A 15 -6.15 5.63 -15.27
N LYS A 16 -6.02 5.08 -14.06
CA LYS A 16 -5.53 3.71 -13.89
C LYS A 16 -6.58 2.84 -13.21
N GLU A 17 -6.84 3.12 -11.94
CA GLU A 17 -7.81 2.36 -11.17
C GLU A 17 -8.51 3.26 -10.14
N THR A 18 -9.62 2.77 -9.61
CA THR A 18 -10.39 3.52 -8.62
C THR A 18 -9.50 3.97 -7.47
N LEU A 19 -8.52 3.14 -7.13
CA LEU A 19 -7.59 3.46 -6.05
C LEU A 19 -6.93 4.82 -6.27
N GLU A 20 -6.82 5.22 -7.53
CA GLU A 20 -6.21 6.49 -7.88
C GLU A 20 -6.98 7.65 -7.26
N LYS A 21 -8.23 7.39 -6.87
CA LYS A 21 -9.06 8.42 -6.26
C LYS A 21 -8.92 8.39 -4.73
N PHE A 22 -7.89 7.69 -4.25
CA PHE A 22 -7.65 7.60 -2.82
C PHE A 22 -6.20 7.95 -2.49
N SER A 23 -6.01 8.69 -1.41
CA SER A 23 -4.67 9.10 -0.99
C SER A 23 -3.92 7.93 -0.36
N LEU A 24 -2.59 7.96 -0.46
CA LEU A 24 -1.76 6.91 0.09
C LEU A 24 -1.79 6.93 1.62
N GLU A 25 -1.83 8.14 2.18
CA GLU A 25 -1.87 8.30 3.64
C GLU A 25 -3.08 7.60 4.24
N ASN A 26 -4.06 7.30 3.39
CA ASN A 26 -5.27 6.64 3.83
C ASN A 26 -5.12 5.11 3.76
N MET A 27 -4.24 4.66 2.87
CA MET A 27 -3.99 3.23 2.70
C MET A 27 -3.43 2.62 3.98
N ARG A 28 -4.01 1.50 4.40
CA ARG A 28 -3.58 0.82 5.61
C ARG A 28 -3.75 -0.69 5.48
N TYR A 29 -2.96 -1.45 6.23
CA TYR A 29 -3.03 -2.90 6.20
C TYR A 29 -4.26 -3.41 6.96
N VAL A 30 -5.13 -4.11 6.26
CA VAL A 30 -6.34 -4.66 6.87
C VAL A 30 -6.22 -6.16 7.10
N GLY A 31 -5.67 -6.85 6.11
CA GLY A 31 -5.50 -8.29 6.21
C GLY A 31 -4.67 -8.87 5.08
N ILE A 32 -4.72 -10.19 4.93
CA ILE A 32 -3.96 -10.86 3.88
C ILE A 32 -4.84 -11.84 3.12
N LEU A 33 -4.42 -12.16 1.89
CA LEU A 33 -5.17 -13.09 1.04
C LEU A 33 -4.23 -13.96 0.22
N LYS A 34 -4.39 -15.27 0.33
CA LYS A 34 -3.57 -16.21 -0.42
C LYS A 34 -3.91 -16.18 -1.90
N SER A 35 -2.94 -16.56 -2.73
CA SER A 35 -3.13 -16.57 -4.17
C SER A 35 -2.60 -17.87 -4.78
N GLY A 36 -3.30 -18.97 -4.51
CA GLY A 36 -2.88 -20.25 -5.04
C GLY A 36 -1.67 -20.82 -4.30
N GLN A 37 -0.49 -20.29 -4.62
CA GLN A 37 0.74 -20.75 -3.99
C GLN A 37 1.59 -19.56 -3.56
N LYS A 38 0.94 -18.47 -3.22
CA LYS A 38 1.64 -17.26 -2.77
C LYS A 38 0.81 -16.50 -1.73
N VAL A 39 1.32 -15.35 -1.30
CA VAL A 39 0.64 -14.54 -0.32
C VAL A 39 0.50 -13.09 -0.79
N SER A 40 -0.72 -12.58 -0.74
CA SER A 40 -0.99 -11.21 -1.17
C SER A 40 -1.47 -10.36 0.00
N GLY A 41 -0.92 -9.15 0.10
CA GLY A 41 -1.30 -8.25 1.18
C GLY A 41 -2.59 -7.50 0.88
N PHE A 42 -3.54 -7.57 1.81
CA PHE A 42 -4.82 -6.89 1.63
C PHE A 42 -4.79 -5.50 2.25
N ILE A 43 -4.84 -4.48 1.40
CA ILE A 43 -4.82 -3.10 1.86
C ILE A 43 -6.13 -2.39 1.55
N GLU A 44 -6.56 -1.52 2.46
CA GLU A 44 -7.80 -0.77 2.27
C GLU A 44 -7.54 0.73 2.17
N ALA A 45 -8.31 1.40 1.32
CA ALA A 45 -8.14 2.84 1.12
C ALA A 45 -9.47 3.56 1.35
N GLU A 46 -9.59 4.22 2.50
CA GLU A 46 -10.80 4.96 2.84
C GLU A 46 -12.04 4.14 2.52
N GLY A 47 -12.18 2.99 3.18
CA GLY A 47 -13.31 2.12 2.96
C GLY A 47 -13.06 1.10 1.87
N TYR A 48 -12.40 1.53 0.80
CA TYR A 48 -12.09 0.64 -0.31
C TYR A 48 -11.23 -0.53 0.14
N VAL A 49 -11.50 -1.71 -0.43
CA VAL A 49 -10.75 -2.91 -0.09
C VAL A 49 -10.15 -3.56 -1.33
N TYR A 50 -8.83 -3.52 -1.44
CA TYR A 50 -8.14 -4.11 -2.58
C TYR A 50 -6.86 -4.82 -2.13
N THR A 51 -6.67 -6.03 -2.66
CA THR A 51 -5.50 -6.83 -2.31
C THR A 51 -4.41 -6.68 -3.36
N VAL A 52 -3.16 -6.86 -2.94
CA VAL A 52 -2.03 -6.75 -3.85
C VAL A 52 -1.00 -7.85 -3.58
N GLY A 53 -0.28 -8.24 -4.62
CA GLY A 53 0.73 -9.28 -4.49
C GLY A 53 2.00 -8.96 -5.23
N VAL A 54 2.96 -9.88 -5.19
CA VAL A 54 4.24 -9.69 -5.87
C VAL A 54 4.04 -9.07 -7.25
N GLY A 55 4.44 -7.80 -7.39
CA GLY A 55 4.29 -7.12 -8.66
C GLY A 55 2.88 -6.64 -8.91
N ASN A 56 2.41 -5.75 -8.05
CA ASN A 56 1.06 -5.21 -8.17
C ASN A 56 1.05 -3.70 -7.99
N TYR A 57 -0.13 -3.10 -8.07
CA TYR A 57 -0.26 -1.65 -7.91
C TYR A 57 -0.99 -1.31 -6.60
N LEU A 58 -0.72 -0.12 -6.09
CA LEU A 58 -1.33 0.33 -4.84
C LEU A 58 -0.98 1.79 -4.56
N GLY A 59 -1.54 2.32 -3.46
CA GLY A 59 -1.27 3.70 -3.10
C GLY A 59 -2.13 4.68 -3.86
N GLN A 60 -1.73 5.94 -3.88
CA GLN A 60 -2.47 6.97 -4.57
C GLN A 60 -1.85 7.28 -5.94
N ASN A 61 -0.72 7.97 -5.93
CA ASN A 61 -0.02 8.32 -7.17
C ASN A 61 0.25 7.08 -8.00
N TYR A 62 1.42 6.48 -7.80
CA TYR A 62 1.81 5.28 -8.55
C TYR A 62 2.66 4.36 -7.68
N GLY A 63 2.00 3.53 -6.88
CA GLY A 63 2.73 2.61 -6.01
C GLY A 63 2.74 1.20 -6.56
N ARG A 64 3.90 0.55 -6.49
CA ARG A 64 4.04 -0.82 -6.98
C ARG A 64 4.64 -1.72 -5.91
N ILE A 65 3.92 -2.79 -5.59
CA ILE A 65 4.37 -3.74 -4.58
C ILE A 65 5.28 -4.82 -5.20
N GLU A 66 6.40 -5.08 -4.54
CA GLU A 66 7.34 -6.09 -5.02
C GLU A 66 7.54 -7.18 -3.98
N SER A 67 7.67 -6.79 -2.72
CA SER A 67 7.87 -7.73 -1.63
C SER A 67 6.65 -7.78 -0.71
N ILE A 68 6.22 -8.99 -0.36
CA ILE A 68 5.07 -9.16 0.52
C ILE A 68 5.32 -10.28 1.52
N THR A 69 5.51 -9.90 2.78
CA THR A 69 5.75 -10.88 3.84
C THR A 69 4.60 -10.88 4.85
N ASP A 70 4.63 -11.85 5.77
CA ASP A 70 3.60 -11.96 6.79
C ASP A 70 3.60 -10.75 7.71
N ASP A 71 2.53 -9.96 7.65
CA ASP A 71 2.42 -8.77 8.49
C ASP A 71 3.40 -7.70 8.04
N SER A 72 3.73 -7.70 6.75
CA SER A 72 4.66 -6.73 6.20
C SER A 72 4.61 -6.72 4.67
N ILE A 73 4.72 -5.54 4.09
CA ILE A 73 4.69 -5.39 2.64
C ILE A 73 5.59 -4.26 2.18
N VAL A 74 6.45 -4.55 1.21
CA VAL A 74 7.37 -3.56 0.68
C VAL A 74 6.99 -3.17 -0.75
N LEU A 75 6.76 -1.88 -0.97
CA LEU A 75 6.39 -1.37 -2.28
C LEU A 75 7.09 -0.06 -2.58
N ASN A 76 7.13 0.31 -3.86
CA ASN A 76 7.79 1.54 -4.28
C ASN A 76 6.75 2.60 -4.67
N GLU A 77 6.54 3.58 -3.80
CA GLU A 77 5.59 4.64 -4.06
C GLU A 77 6.21 5.75 -4.91
N LEU A 78 5.59 6.02 -6.05
CA LEU A 78 6.09 7.06 -6.96
C LEU A 78 5.29 8.34 -6.80
N ILE A 79 5.98 9.45 -6.53
CA ILE A 79 5.33 10.74 -6.36
C ILE A 79 6.27 11.88 -6.78
N GLU A 80 5.69 12.90 -7.41
CA GLU A 80 6.47 14.05 -7.87
C GLU A 80 7.13 14.76 -6.68
N ASP A 81 8.27 15.36 -6.94
CA ASP A 81 9.01 16.08 -5.90
C ASP A 81 9.75 17.27 -6.48
N SER A 82 10.69 17.81 -5.71
CA SER A 82 11.48 18.96 -6.15
C SER A 82 12.16 18.68 -7.48
N THR A 83 12.33 17.39 -7.79
CA THR A 83 12.98 16.98 -9.02
C THR A 83 12.11 17.35 -10.23
N GLY A 84 10.87 17.72 -9.98
CA GLY A 84 9.96 18.10 -11.05
C GLY A 84 9.40 16.89 -11.77
N ASN A 85 9.60 15.70 -11.20
CA ASN A 85 9.10 14.47 -11.78
C ASN A 85 8.86 13.41 -10.71
N TRP A 86 7.95 12.49 -11.01
CA TRP A 86 7.62 11.42 -10.07
C TRP A 86 8.88 10.66 -9.64
N VAL A 87 9.16 10.66 -8.35
CA VAL A 87 10.33 9.98 -7.81
C VAL A 87 9.93 8.69 -7.09
N SER A 88 10.75 7.66 -7.26
CA SER A 88 10.48 6.37 -6.63
C SER A 88 10.92 6.38 -5.16
N ARG A 89 10.04 5.92 -4.28
CA ARG A 89 10.34 5.88 -2.86
C ARG A 89 9.88 4.56 -2.24
N LYS A 90 10.83 3.70 -1.93
CA LYS A 90 10.52 2.40 -1.33
C LYS A 90 10.06 2.55 0.11
N ALA A 91 9.00 1.82 0.47
CA ALA A 91 8.47 1.88 1.82
C ALA A 91 7.92 0.52 2.25
N GLU A 92 8.17 0.16 3.50
CA GLU A 92 7.69 -1.12 4.03
C GLU A 92 6.76 -0.90 5.21
N LEU A 93 5.50 -1.29 5.03
CA LEU A 93 4.50 -1.14 6.09
C LEU A 93 4.24 -2.47 6.80
N LEU A 94 3.94 -2.40 8.08
CA LEU A 94 3.67 -3.61 8.88
C LEU A 94 2.19 -3.70 9.23
N LEU A 95 1.64 -4.90 9.11
CA LEU A 95 0.23 -5.13 9.42
C LEU A 95 -0.12 -4.57 10.79
N ASN A 96 -1.19 -3.78 10.84
CA ASN A 96 -1.63 -3.18 12.10
C ASN A 96 -2.65 -4.07 12.79
N SER A 97 -2.36 -5.37 12.85
CA SER A 97 -3.25 -6.33 13.49
C SER A 97 -3.48 -5.97 14.96
N SER A 98 -4.33 -6.75 15.62
CA SER A 98 -4.63 -6.52 17.03
C SER A 98 -3.39 -6.74 17.90
N ASP A 99 -2.67 -5.65 18.15
CA ASP A 99 -1.46 -5.71 18.97
C ASP A 99 -0.93 -4.31 19.26
N LYS A 100 -1.84 -3.36 19.42
CA LYS A 100 -1.46 -1.98 19.71
C LYS A 100 -0.72 -1.88 21.03
N ASN A 101 -0.10 -0.73 21.27
CA ASN A 101 0.65 -0.50 22.51
C ASN A 101 0.02 0.63 23.32
N THR A 102 -0.19 0.37 24.61
CA THR A 102 -0.78 1.37 25.50
C THR A 102 0.11 1.62 26.71
N GLU A 103 1.30 2.14 26.48
CA GLU A 103 2.24 2.42 27.55
C GLU A 103 2.02 3.83 28.11
N GLN A 104 2.70 4.13 29.21
CA GLN A 104 2.58 5.44 29.85
C GLN A 104 3.44 6.47 29.13
N ALA A 105 2.80 7.53 28.65
CA ALA A 105 3.51 8.60 27.94
C ALA A 105 2.58 9.77 27.65
N ALA A 106 3.14 10.83 27.07
CA ALA A 106 2.36 12.02 26.75
C ALA A 106 1.93 12.01 25.29
N ALA A 107 1.14 13.01 24.90
CA ALA A 107 0.66 13.11 23.54
C ALA A 107 1.30 14.30 22.80
N PRO A 108 1.26 14.26 21.47
CA PRO A 108 1.83 15.32 20.63
C PRO A 108 1.03 16.62 20.72
N ALA A 109 1.48 17.62 19.97
CA ALA A 109 0.81 18.92 19.96
C ALA A 109 0.39 19.31 18.56
N ALA A 110 -0.59 20.21 18.47
CA ALA A 110 -1.09 20.67 17.18
C ALA A 110 -1.01 22.19 17.06
N GLU A 111 -1.43 22.71 15.91
CA GLU A 111 -1.40 24.16 15.68
C GLU A 111 -2.79 24.76 15.83
N GLN A 112 -2.86 26.09 15.79
CA GLN A 112 -4.13 26.79 15.93
C GLN A 112 -4.83 26.92 14.58
N ASN A 113 -4.05 27.11 13.53
CA ASN A 113 -4.59 27.26 12.18
C ASN A 113 -3.99 26.21 11.24
N GLU A 1 19.23 4.98 8.20
CA GLU A 1 20.25 6.03 8.08
C GLU A 1 21.07 5.85 6.81
N THR A 2 20.40 5.77 5.68
CA THR A 2 21.08 5.59 4.40
C THR A 2 20.35 6.34 3.28
N ASP A 3 21.09 6.69 2.24
CA ASP A 3 20.51 7.41 1.10
C ASP A 3 20.00 6.42 0.06
N LYS A 4 18.99 6.86 -0.69
CA LYS A 4 18.39 6.02 -1.73
C LYS A 4 17.54 6.85 -2.68
N LYS A 5 18.01 7.00 -3.92
CA LYS A 5 17.30 7.77 -4.92
C LYS A 5 16.88 6.88 -6.09
N GLY A 6 15.81 7.27 -6.77
CA GLY A 6 15.33 6.50 -7.90
C GLY A 6 15.60 7.18 -9.23
N GLU A 7 16.32 6.50 -10.11
CA GLU A 7 16.65 7.05 -11.42
C GLU A 7 15.39 7.43 -12.19
N ASN A 8 15.55 8.30 -13.18
CA ASN A 8 14.42 8.75 -13.99
C ASN A 8 13.96 7.65 -14.94
N ALA A 9 13.22 6.68 -14.41
CA ALA A 9 12.71 5.57 -15.21
C ALA A 9 11.64 6.05 -16.18
N PRO A 10 11.39 5.24 -17.23
CA PRO A 10 10.39 5.57 -18.25
C PRO A 10 8.97 5.47 -17.71
N ASP A 11 7.99 5.66 -18.60
CA ASP A 11 6.59 5.59 -18.23
C ASP A 11 5.96 4.28 -18.69
N THR A 12 5.57 3.45 -17.73
CA THR A 12 4.95 2.17 -18.03
C THR A 12 3.60 2.35 -18.71
N LYS A 13 2.97 1.24 -19.07
CA LYS A 13 1.67 1.27 -19.73
C LYS A 13 0.54 1.03 -18.74
N ARG A 14 0.79 1.36 -17.47
CA ARG A 14 -0.19 1.17 -16.42
C ARG A 14 -1.37 2.13 -16.59
N ILE A 15 -2.55 1.68 -16.23
CA ILE A 15 -3.76 2.51 -16.34
C ILE A 15 -4.22 3.00 -14.98
N LYS A 16 -5.13 3.98 -14.97
CA LYS A 16 -5.65 4.53 -13.74
C LYS A 16 -6.82 3.69 -13.22
N GLU A 17 -6.81 3.42 -11.92
CA GLU A 17 -7.86 2.63 -11.30
C GLU A 17 -8.60 3.43 -10.24
N THR A 18 -9.70 2.86 -9.73
CA THR A 18 -10.50 3.54 -8.71
C THR A 18 -9.64 3.99 -7.54
N LEU A 19 -8.64 3.18 -7.19
CA LEU A 19 -7.74 3.50 -6.09
C LEU A 19 -7.12 4.88 -6.28
N GLU A 20 -7.02 5.32 -7.53
CA GLU A 20 -6.45 6.62 -7.85
C GLU A 20 -7.23 7.74 -7.16
N LYS A 21 -8.47 7.43 -6.77
CA LYS A 21 -9.32 8.41 -6.10
C LYS A 21 -9.17 8.32 -4.58
N PHE A 22 -8.08 7.72 -4.14
CA PHE A 22 -7.82 7.57 -2.71
C PHE A 22 -6.41 8.03 -2.36
N SER A 23 -6.24 8.53 -1.14
CA SER A 23 -4.94 9.01 -0.69
C SER A 23 -4.25 7.96 0.19
N LEU A 24 -2.92 8.05 0.26
CA LEU A 24 -2.13 7.12 1.06
C LEU A 24 -2.46 7.24 2.54
N GLU A 25 -2.59 8.47 3.01
CA GLU A 25 -2.91 8.74 4.41
C GLU A 25 -4.15 7.94 4.84
N ASN A 26 -5.01 7.63 3.88
CA ASN A 26 -6.22 6.88 4.16
C ASN A 26 -5.97 5.38 4.02
N MET A 27 -5.05 5.02 3.14
CA MET A 27 -4.72 3.61 2.92
C MET A 27 -4.03 3.01 4.14
N ARG A 28 -4.37 1.77 4.46
CA ARG A 28 -3.80 1.09 5.61
C ARG A 28 -3.84 -0.43 5.41
N TYR A 29 -2.95 -1.13 6.10
CA TYR A 29 -2.88 -2.59 6.01
C TYR A 29 -3.98 -3.24 6.84
N VAL A 30 -4.88 -3.93 6.17
CA VAL A 30 -5.99 -4.61 6.86
C VAL A 30 -5.64 -6.06 7.14
N GLY A 31 -5.00 -6.72 6.17
CA GLY A 31 -4.63 -8.11 6.34
C GLY A 31 -3.97 -8.68 5.10
N ILE A 32 -4.07 -9.99 4.93
CA ILE A 32 -3.46 -10.66 3.78
C ILE A 32 -4.47 -11.58 3.09
N LEU A 33 -4.11 -12.07 1.91
CA LEU A 33 -4.98 -12.96 1.16
C LEU A 33 -4.17 -14.07 0.49
N LYS A 34 -4.59 -15.31 0.72
CA LYS A 34 -3.90 -16.47 0.16
C LYS A 34 -4.10 -16.52 -1.36
N SER A 35 -3.06 -16.93 -2.07
CA SER A 35 -3.11 -17.02 -3.52
C SER A 35 -2.93 -18.47 -3.98
N GLY A 36 -2.99 -18.68 -5.29
CA GLY A 36 -2.83 -20.01 -5.84
C GLY A 36 -1.57 -20.69 -5.35
N GLN A 37 -0.50 -19.91 -5.17
CA GLN A 37 0.77 -20.44 -4.70
C GLN A 37 1.64 -19.33 -4.11
N LYS A 38 0.99 -18.27 -3.65
CA LYS A 38 1.71 -17.14 -3.05
C LYS A 38 0.81 -16.38 -2.10
N VAL A 39 1.32 -15.27 -1.57
CA VAL A 39 0.57 -14.44 -0.64
C VAL A 39 0.46 -13.00 -1.14
N SER A 40 -0.70 -12.39 -0.96
CA SER A 40 -0.93 -11.01 -1.39
C SER A 40 -1.44 -10.16 -0.23
N GLY A 41 -0.79 -9.02 -0.02
CA GLY A 41 -1.18 -8.12 1.05
C GLY A 41 -2.49 -7.41 0.76
N PHE A 42 -3.39 -7.44 1.71
CA PHE A 42 -4.69 -6.79 1.55
C PHE A 42 -4.68 -5.38 2.16
N ILE A 43 -4.85 -4.37 1.32
CA ILE A 43 -4.87 -2.99 1.77
C ILE A 43 -6.20 -2.33 1.48
N GLU A 44 -6.67 -1.51 2.42
CA GLU A 44 -7.94 -0.82 2.27
C GLU A 44 -7.73 0.70 2.23
N ALA A 45 -8.50 1.38 1.40
CA ALA A 45 -8.40 2.83 1.27
C ALA A 45 -9.77 3.49 1.36
N GLU A 46 -10.00 4.26 2.42
CA GLU A 46 -11.27 4.94 2.61
C GLU A 46 -12.44 4.00 2.34
N GLY A 47 -12.45 2.86 3.03
CA GLY A 47 -13.52 1.89 2.84
C GLY A 47 -13.21 0.89 1.75
N TYR A 48 -12.58 1.37 0.68
CA TYR A 48 -12.23 0.50 -0.45
C TYR A 48 -11.32 -0.63 0.01
N VAL A 49 -11.53 -1.81 -0.57
CA VAL A 49 -10.72 -2.98 -0.23
C VAL A 49 -10.08 -3.58 -1.47
N TYR A 50 -8.76 -3.44 -1.58
CA TYR A 50 -8.02 -3.97 -2.72
C TYR A 50 -6.75 -4.68 -2.26
N THR A 51 -6.54 -5.89 -2.77
CA THR A 51 -5.38 -6.67 -2.41
C THR A 51 -4.25 -6.48 -3.43
N VAL A 52 -3.03 -6.86 -3.05
CA VAL A 52 -1.88 -6.72 -3.93
C VAL A 52 -0.87 -7.85 -3.68
N GLY A 53 -0.21 -8.28 -4.76
CA GLY A 53 0.76 -9.34 -4.64
C GLY A 53 2.06 -9.02 -5.37
N VAL A 54 2.99 -9.96 -5.34
CA VAL A 54 4.28 -9.77 -6.01
C VAL A 54 4.11 -9.11 -7.37
N GLY A 55 4.52 -7.84 -7.46
CA GLY A 55 4.40 -7.12 -8.71
C GLY A 55 2.99 -6.64 -8.96
N ASN A 56 2.49 -5.78 -8.09
CA ASN A 56 1.14 -5.24 -8.22
C ASN A 56 1.15 -3.72 -8.07
N TYR A 57 -0.04 -3.12 -8.16
CA TYR A 57 -0.18 -1.68 -8.04
C TYR A 57 -0.91 -1.30 -6.75
N LEU A 58 -0.57 -0.13 -6.22
CA LEU A 58 -1.19 0.34 -4.98
C LEU A 58 -0.77 1.77 -4.68
N GLY A 59 -1.31 2.33 -3.61
CA GLY A 59 -0.97 3.70 -3.22
C GLY A 59 -1.95 4.71 -3.77
N GLN A 60 -1.52 5.97 -3.85
CA GLN A 60 -2.36 7.03 -4.36
C GLN A 60 -1.83 7.56 -5.70
N ASN A 61 -0.52 7.54 -5.86
CA ASN A 61 0.11 8.01 -7.09
C ASN A 61 0.51 6.83 -7.98
N TYR A 62 1.71 6.32 -7.76
CA TYR A 62 2.21 5.19 -8.54
C TYR A 62 3.01 4.23 -7.66
N GLY A 63 2.30 3.46 -6.84
CA GLY A 63 2.96 2.52 -5.95
C GLY A 63 2.94 1.11 -6.51
N ARG A 64 4.08 0.42 -6.43
CA ARG A 64 4.19 -0.94 -6.92
C ARG A 64 4.75 -1.86 -5.85
N ILE A 65 4.01 -2.93 -5.54
CA ILE A 65 4.44 -3.89 -4.53
C ILE A 65 5.32 -4.97 -5.14
N GLU A 66 6.40 -5.30 -4.45
CA GLU A 66 7.33 -6.32 -4.93
C GLU A 66 7.49 -7.43 -3.89
N SER A 67 7.64 -7.03 -2.63
CA SER A 67 7.81 -8.00 -1.55
C SER A 67 6.57 -8.04 -0.66
N ILE A 68 6.09 -9.24 -0.35
CA ILE A 68 4.92 -9.40 0.50
C ILE A 68 5.18 -10.43 1.59
N THR A 69 5.32 -9.94 2.83
CA THR A 69 5.57 -10.81 3.97
C THR A 69 4.42 -10.76 4.96
N ASP A 70 4.39 -11.71 5.89
CA ASP A 70 3.35 -11.78 6.90
C ASP A 70 3.40 -10.56 7.82
N ASP A 71 2.35 -9.73 7.77
CA ASP A 71 2.28 -8.54 8.60
C ASP A 71 3.32 -7.51 8.15
N SER A 72 3.66 -7.54 6.88
CA SER A 72 4.65 -6.61 6.33
C SER A 72 4.68 -6.69 4.80
N ILE A 73 4.68 -5.53 4.16
CA ILE A 73 4.70 -5.46 2.70
C ILE A 73 5.64 -4.36 2.22
N VAL A 74 6.51 -4.72 1.28
CA VAL A 74 7.46 -3.77 0.72
C VAL A 74 7.09 -3.36 -0.70
N LEU A 75 6.88 -2.07 -0.90
CA LEU A 75 6.51 -1.55 -2.22
C LEU A 75 7.24 -0.25 -2.51
N ASN A 76 7.25 0.15 -3.79
CA ASN A 76 7.91 1.37 -4.20
C ASN A 76 6.89 2.43 -4.62
N GLU A 77 6.67 3.41 -3.75
CA GLU A 77 5.71 4.48 -4.03
C GLU A 77 6.37 5.59 -4.84
N LEU A 78 5.79 5.89 -5.99
CA LEU A 78 6.33 6.93 -6.86
C LEU A 78 5.47 8.20 -6.76
N ILE A 79 6.13 9.32 -6.48
CA ILE A 79 5.44 10.60 -6.36
C ILE A 79 6.34 11.76 -6.78
N GLU A 80 5.74 12.77 -7.41
CA GLU A 80 6.50 13.93 -7.85
C GLU A 80 7.25 14.57 -6.70
N ASP A 81 8.37 15.21 -7.01
CA ASP A 81 9.19 15.86 -6.00
C ASP A 81 9.86 17.11 -6.56
N SER A 82 10.84 17.64 -5.83
CA SER A 82 11.55 18.84 -6.26
C SER A 82 12.17 18.63 -7.65
N THR A 83 12.41 17.37 -8.00
CA THR A 83 12.99 17.04 -9.29
C THR A 83 12.02 17.37 -10.43
N GLY A 84 10.77 17.66 -10.08
CA GLY A 84 9.78 17.98 -11.08
C GLY A 84 9.25 16.76 -11.79
N ASN A 85 9.49 15.59 -11.21
CA ASN A 85 9.03 14.33 -11.81
C ASN A 85 8.81 13.27 -10.72
N TRP A 86 7.90 12.34 -11.00
CA TRP A 86 7.60 11.27 -10.05
C TRP A 86 8.87 10.50 -9.67
N VAL A 87 9.19 10.52 -8.39
CA VAL A 87 10.37 9.82 -7.90
C VAL A 87 9.98 8.55 -7.14
N SER A 88 10.70 7.46 -7.41
CA SER A 88 10.44 6.19 -6.76
C SER A 88 10.96 6.19 -5.33
N ARG A 89 10.12 5.73 -4.41
CA ARG A 89 10.50 5.67 -2.99
C ARG A 89 10.07 4.35 -2.38
N LYS A 90 11.04 3.48 -2.10
CA LYS A 90 10.76 2.18 -1.50
C LYS A 90 10.39 2.33 -0.03
N ALA A 91 9.32 1.67 0.39
CA ALA A 91 8.86 1.73 1.76
C ALA A 91 8.19 0.42 2.18
N GLU A 92 8.41 0.01 3.42
CA GLU A 92 7.82 -1.22 3.93
C GLU A 92 6.90 -0.93 5.11
N LEU A 93 5.62 -1.25 4.95
CA LEU A 93 4.63 -1.03 6.00
C LEU A 93 4.34 -2.32 6.76
N LEU A 94 4.10 -2.19 8.05
CA LEU A 94 3.81 -3.34 8.90
C LEU A 94 2.33 -3.39 9.28
N LEU A 95 1.74 -4.57 9.21
CA LEU A 95 0.33 -4.75 9.54
C LEU A 95 0.00 -4.11 10.89
N ASN A 96 -1.02 -3.27 10.90
CA ASN A 96 -1.44 -2.59 12.13
C ASN A 96 -2.46 -3.42 12.89
N SER A 97 -2.15 -4.69 13.07
CA SER A 97 -3.05 -5.60 13.79
C SER A 97 -3.30 -5.11 15.21
N SER A 98 -2.39 -4.29 15.71
CA SER A 98 -2.51 -3.75 17.06
C SER A 98 -2.52 -2.22 17.04
N ASP A 99 -2.48 -1.61 18.22
CA ASP A 99 -2.50 -0.16 18.34
C ASP A 99 -1.58 0.30 19.47
N LYS A 100 -0.28 0.09 19.30
CA LYS A 100 0.69 0.48 20.32
C LYS A 100 0.83 2.00 20.38
N ASN A 101 1.85 2.46 21.09
CA ASN A 101 2.10 3.90 21.23
C ASN A 101 0.95 4.57 21.97
N THR A 102 1.12 4.73 23.28
CA THR A 102 0.10 5.37 24.11
C THR A 102 0.70 6.52 24.93
N GLU A 103 1.28 7.49 24.24
CA GLU A 103 1.88 8.64 24.91
C GLU A 103 0.85 9.74 25.14
N GLN A 104 1.18 10.68 26.02
CA GLN A 104 0.29 11.78 26.34
C GLN A 104 0.48 12.94 25.38
N ALA A 105 -0.44 13.90 25.42
CA ALA A 105 -0.36 15.06 24.55
C ALA A 105 -1.16 16.23 25.12
N ALA A 106 -0.67 17.44 24.88
CA ALA A 106 -1.34 18.64 25.38
C ALA A 106 -0.74 19.90 24.76
N ALA A 107 -1.57 20.67 24.06
CA ALA A 107 -1.11 21.90 23.42
C ALA A 107 -2.24 22.93 23.36
N PRO A 108 -1.87 24.20 23.18
CA PRO A 108 -2.82 25.31 23.09
C PRO A 108 -3.65 25.26 21.81
N ALA A 109 -4.61 26.18 21.70
CA ALA A 109 -5.46 26.24 20.52
C ALA A 109 -5.02 27.37 19.59
N ALA A 110 -5.74 27.54 18.49
CA ALA A 110 -5.43 28.58 17.52
C ALA A 110 -6.57 29.58 17.40
N GLU A 111 -6.32 30.68 16.69
CA GLU A 111 -7.33 31.72 16.50
C GLU A 111 -7.14 32.42 15.16
N GLN A 112 -8.11 33.26 14.80
CA GLN A 112 -8.05 33.98 13.54
C GLN A 112 -8.67 35.37 13.68
N ASN A 113 -7.93 36.40 13.28
CA ASN A 113 -8.40 37.77 13.36
C ASN A 113 -9.55 38.01 12.39
N GLU A 1 14.08 -34.32 -25.73
CA GLU A 1 13.24 -33.34 -25.05
C GLU A 1 13.57 -31.93 -25.50
N THR A 2 12.55 -31.16 -25.85
CA THR A 2 12.73 -29.79 -26.31
C THR A 2 11.63 -28.88 -25.78
N ASP A 3 12.02 -27.75 -25.20
CA ASP A 3 11.05 -26.79 -24.67
C ASP A 3 11.65 -25.39 -24.62
N LYS A 4 10.78 -24.39 -24.61
CA LYS A 4 11.23 -22.99 -24.57
C LYS A 4 10.08 -22.08 -24.16
N LYS A 5 10.19 -21.52 -22.95
CA LYS A 5 9.17 -20.62 -22.43
C LYS A 5 9.62 -19.17 -22.53
N GLY A 6 8.69 -18.25 -22.27
CA GLY A 6 9.03 -16.83 -22.34
C GLY A 6 9.70 -16.33 -21.07
N GLU A 7 10.48 -15.27 -21.21
CA GLU A 7 11.18 -14.69 -20.06
C GLU A 7 10.36 -13.57 -19.42
N ASN A 8 10.77 -13.16 -18.23
CA ASN A 8 10.08 -12.09 -17.51
C ASN A 8 10.42 -10.73 -18.09
N ALA A 9 9.96 -10.47 -19.31
CA ALA A 9 10.22 -9.20 -19.97
C ALA A 9 9.37 -8.08 -19.38
N PRO A 10 9.80 -6.82 -19.61
CA PRO A 10 9.09 -5.65 -19.10
C PRO A 10 7.76 -5.43 -19.81
N ASP A 11 6.70 -5.26 -19.02
CA ASP A 11 5.36 -5.04 -19.57
C ASP A 11 4.55 -4.12 -18.66
N THR A 12 3.31 -3.85 -19.05
CA THR A 12 2.42 -2.99 -18.28
C THR A 12 0.97 -3.20 -18.66
N LYS A 13 0.58 -2.68 -19.82
CA LYS A 13 -0.78 -2.81 -20.30
C LYS A 13 -1.79 -2.52 -19.18
N ARG A 14 -1.38 -1.68 -18.24
CA ARG A 14 -2.24 -1.32 -17.12
C ARG A 14 -2.75 0.11 -17.26
N ILE A 15 -3.88 0.40 -16.63
CA ILE A 15 -4.48 1.74 -16.69
C ILE A 15 -4.93 2.20 -15.31
N LYS A 16 -5.32 3.46 -15.21
CA LYS A 16 -5.80 4.02 -13.95
C LYS A 16 -6.90 3.16 -13.35
N GLU A 17 -7.19 3.39 -12.07
CA GLU A 17 -8.23 2.64 -11.37
C GLU A 17 -8.93 3.51 -10.34
N THR A 18 -10.03 2.99 -9.79
CA THR A 18 -10.80 3.73 -8.79
C THR A 18 -9.90 4.20 -7.66
N LEU A 19 -8.88 3.42 -7.35
CA LEU A 19 -7.95 3.77 -6.27
C LEU A 19 -7.35 5.14 -6.50
N GLU A 20 -7.33 5.58 -7.76
CA GLU A 20 -6.78 6.89 -8.10
C GLU A 20 -7.52 8.00 -7.37
N LYS A 21 -8.72 7.69 -6.89
CA LYS A 21 -9.53 8.66 -6.16
C LYS A 21 -9.31 8.54 -4.67
N PHE A 22 -8.19 7.95 -4.28
CA PHE A 22 -7.85 7.77 -2.88
C PHE A 22 -6.43 8.23 -2.59
N SER A 23 -6.16 8.61 -1.34
CA SER A 23 -4.85 9.08 -0.94
C SER A 23 -4.10 8.01 -0.15
N LEU A 24 -2.80 8.20 0.02
CA LEU A 24 -1.98 7.26 0.76
C LEU A 24 -2.30 7.29 2.25
N GLU A 25 -2.47 8.50 2.78
CA GLU A 25 -2.79 8.66 4.19
C GLU A 25 -3.99 7.80 4.59
N ASN A 26 -4.83 7.49 3.62
CA ASN A 26 -6.01 6.67 3.86
C ASN A 26 -5.69 5.19 3.70
N MET A 27 -4.77 4.88 2.79
CA MET A 27 -4.37 3.50 2.55
C MET A 27 -3.63 2.93 3.75
N ARG A 28 -4.04 1.74 4.18
CA ARG A 28 -3.41 1.08 5.32
C ARG A 28 -3.60 -0.43 5.25
N TYR A 29 -2.74 -1.16 5.94
CA TYR A 29 -2.81 -2.62 5.97
C TYR A 29 -4.00 -3.10 6.80
N VAL A 30 -4.90 -3.85 6.17
CA VAL A 30 -6.07 -4.38 6.85
C VAL A 30 -5.96 -5.88 7.07
N GLY A 31 -5.53 -6.59 6.04
CA GLY A 31 -5.38 -8.03 6.13
C GLY A 31 -4.61 -8.62 4.97
N ILE A 32 -4.77 -9.91 4.75
CA ILE A 32 -4.08 -10.60 3.66
C ILE A 32 -4.96 -11.70 3.07
N LEU A 33 -4.53 -12.24 1.94
CA LEU A 33 -5.27 -13.31 1.27
C LEU A 33 -4.31 -14.26 0.55
N LYS A 34 -4.70 -15.53 0.46
CA LYS A 34 -3.90 -16.54 -0.20
C LYS A 34 -3.53 -16.11 -1.63
N SER A 35 -2.51 -16.72 -2.19
CA SER A 35 -2.06 -16.39 -3.53
C SER A 35 -1.33 -17.58 -4.17
N GLY A 36 -0.92 -17.41 -5.42
CA GLY A 36 -0.22 -18.47 -6.12
C GLY A 36 1.13 -18.79 -5.50
N GLN A 37 1.12 -19.74 -4.57
CA GLN A 37 2.35 -20.14 -3.89
C GLN A 37 2.93 -18.98 -3.09
N LYS A 38 2.06 -18.08 -2.65
CA LYS A 38 2.48 -16.93 -1.86
C LYS A 38 1.29 -16.25 -1.20
N VAL A 39 1.55 -15.18 -0.47
CA VAL A 39 0.50 -14.43 0.22
C VAL A 39 0.36 -13.02 -0.34
N SER A 40 -0.89 -12.58 -0.49
CA SER A 40 -1.15 -11.24 -1.03
C SER A 40 -1.54 -10.28 0.09
N GLY A 41 -1.02 -9.06 0.01
CA GLY A 41 -1.33 -8.06 1.02
C GLY A 41 -2.62 -7.32 0.74
N PHE A 42 -3.54 -7.38 1.70
CA PHE A 42 -4.83 -6.71 1.55
C PHE A 42 -4.79 -5.32 2.16
N ILE A 43 -4.91 -4.30 1.30
CA ILE A 43 -4.88 -2.91 1.75
C ILE A 43 -6.22 -2.23 1.48
N GLU A 44 -6.63 -1.37 2.41
CA GLU A 44 -7.90 -0.65 2.27
C GLU A 44 -7.66 0.86 2.27
N ALA A 45 -8.43 1.57 1.44
CA ALA A 45 -8.31 3.02 1.35
C ALA A 45 -9.67 3.69 1.39
N GLU A 46 -9.89 4.51 2.43
CA GLU A 46 -11.16 5.20 2.60
C GLU A 46 -12.33 4.26 2.38
N GLY A 47 -12.31 3.13 3.07
CA GLY A 47 -13.38 2.16 2.96
C GLY A 47 -13.11 1.14 1.85
N TYR A 48 -12.56 1.62 0.74
CA TYR A 48 -12.27 0.75 -0.40
C TYR A 48 -11.33 -0.38 0.01
N VAL A 49 -11.70 -1.61 -0.36
CA VAL A 49 -10.90 -2.78 -0.04
C VAL A 49 -10.31 -3.41 -1.30
N TYR A 50 -8.99 -3.29 -1.44
CA TYR A 50 -8.31 -3.84 -2.61
C TYR A 50 -7.04 -4.59 -2.18
N THR A 51 -6.89 -5.82 -2.66
CA THR A 51 -5.74 -6.64 -2.33
C THR A 51 -4.66 -6.50 -3.40
N VAL A 52 -3.41 -6.76 -3.01
CA VAL A 52 -2.28 -6.68 -3.94
C VAL A 52 -1.28 -7.79 -3.68
N GLY A 53 -0.60 -8.23 -4.76
CA GLY A 53 0.37 -9.29 -4.63
C GLY A 53 1.66 -8.98 -5.37
N VAL A 54 2.60 -9.93 -5.34
CA VAL A 54 3.88 -9.75 -6.01
C VAL A 54 3.70 -9.11 -7.38
N GLY A 55 4.11 -7.85 -7.51
CA GLY A 55 3.99 -7.14 -8.77
C GLY A 55 2.58 -6.64 -9.01
N ASN A 56 2.11 -5.75 -8.13
CA ASN A 56 0.78 -5.19 -8.25
C ASN A 56 0.81 -3.68 -8.08
N TYR A 57 -0.36 -3.05 -8.17
CA TYR A 57 -0.47 -1.60 -8.02
C TYR A 57 -1.17 -1.23 -6.72
N LEU A 58 -0.85 -0.05 -6.20
CA LEU A 58 -1.45 0.43 -4.96
C LEU A 58 -1.06 1.87 -4.68
N GLY A 59 -1.58 2.42 -3.59
CA GLY A 59 -1.27 3.78 -3.22
C GLY A 59 -2.19 4.79 -3.89
N GLN A 60 -1.76 6.04 -3.94
CA GLN A 60 -2.56 7.10 -4.56
C GLN A 60 -1.95 7.56 -5.87
N ASN A 61 -0.63 7.70 -5.89
CA ASN A 61 0.09 8.12 -7.08
C ASN A 61 0.44 6.93 -7.96
N TYR A 62 1.62 6.38 -7.76
CA TYR A 62 2.09 5.23 -8.54
C TYR A 62 2.86 4.26 -7.65
N GLY A 63 2.14 3.48 -6.86
CA GLY A 63 2.78 2.51 -5.98
C GLY A 63 2.74 1.11 -6.55
N ARG A 64 3.85 0.40 -6.44
CA ARG A 64 3.94 -0.97 -6.93
C ARG A 64 4.49 -1.91 -5.86
N ILE A 65 3.75 -2.97 -5.58
CA ILE A 65 4.16 -3.95 -4.58
C ILE A 65 4.98 -5.07 -5.20
N GLU A 66 6.03 -5.48 -4.50
CA GLU A 66 6.91 -6.54 -4.98
C GLU A 66 6.99 -7.68 -3.97
N SER A 67 7.44 -7.36 -2.76
CA SER A 67 7.56 -8.36 -1.71
C SER A 67 6.37 -8.30 -0.75
N ILE A 68 5.87 -9.47 -0.37
CA ILE A 68 4.73 -9.54 0.54
C ILE A 68 4.96 -10.63 1.59
N THR A 69 5.20 -10.19 2.83
CA THR A 69 5.43 -11.13 3.93
C THR A 69 4.31 -11.04 4.97
N ASP A 70 4.32 -11.95 5.93
CA ASP A 70 3.31 -11.97 6.98
C ASP A 70 3.41 -10.72 7.84
N ASP A 71 2.38 -9.89 7.78
CA ASP A 71 2.35 -8.65 8.56
C ASP A 71 3.39 -7.66 8.06
N SER A 72 3.70 -7.74 6.77
CA SER A 72 4.69 -6.85 6.17
C SER A 72 4.63 -6.94 4.65
N ILE A 73 4.86 -5.80 3.99
CA ILE A 73 4.84 -5.74 2.53
C ILE A 73 5.80 -4.68 2.01
N VAL A 74 6.69 -5.08 1.10
CA VAL A 74 7.65 -4.17 0.52
C VAL A 74 7.20 -3.69 -0.85
N LEU A 75 6.94 -2.39 -0.97
CA LEU A 75 6.51 -1.81 -2.23
C LEU A 75 7.27 -0.52 -2.53
N ASN A 76 7.08 0.00 -3.74
CA ASN A 76 7.76 1.23 -4.15
C ASN A 76 6.75 2.28 -4.59
N GLU A 77 6.54 3.29 -3.75
CA GLU A 77 5.60 4.35 -4.05
C GLU A 77 6.28 5.47 -4.84
N LEU A 78 5.67 5.85 -5.96
CA LEU A 78 6.22 6.91 -6.80
C LEU A 78 5.40 8.19 -6.67
N ILE A 79 6.08 9.29 -6.35
CA ILE A 79 5.41 10.58 -6.19
C ILE A 79 6.33 11.72 -6.62
N GLU A 80 5.74 12.76 -7.21
CA GLU A 80 6.51 13.91 -7.65
C GLU A 80 7.19 14.60 -6.47
N ASP A 81 8.35 15.20 -6.74
CA ASP A 81 9.10 15.90 -5.70
C ASP A 81 9.86 17.08 -6.29
N SER A 82 10.82 17.60 -5.52
CA SER A 82 11.62 18.74 -5.96
C SER A 82 12.28 18.45 -7.31
N THR A 83 12.42 17.17 -7.64
CA THR A 83 13.03 16.77 -8.90
C THR A 83 12.15 17.15 -10.09
N GLY A 84 10.92 17.55 -9.79
CA GLY A 84 10.00 17.94 -10.85
C GLY A 84 9.40 16.75 -11.58
N ASN A 85 9.60 15.56 -11.02
CA ASN A 85 9.09 14.34 -11.62
C ASN A 85 8.85 13.27 -10.56
N TRP A 86 7.91 12.37 -10.84
CA TRP A 86 7.59 11.29 -9.91
C TRP A 86 8.83 10.49 -9.55
N VAL A 87 9.16 10.46 -8.27
CA VAL A 87 10.33 9.73 -7.80
C VAL A 87 9.92 8.44 -7.09
N SER A 88 10.63 7.35 -7.39
CA SER A 88 10.34 6.06 -6.78
C SER A 88 10.87 6.00 -5.35
N ARG A 89 10.04 5.49 -4.45
CA ARG A 89 10.43 5.38 -3.05
C ARG A 89 10.06 4.01 -2.48
N LYS A 90 11.07 3.17 -2.27
CA LYS A 90 10.85 1.83 -1.74
C LYS A 90 10.69 1.86 -0.22
N ALA A 91 9.68 1.17 0.28
CA ALA A 91 9.41 1.11 1.71
C ALA A 91 8.60 -0.13 2.08
N GLU A 92 8.84 -0.65 3.27
CA GLU A 92 8.13 -1.83 3.75
C GLU A 92 7.18 -1.48 4.89
N LEU A 93 5.88 -1.62 4.64
CA LEU A 93 4.88 -1.32 5.66
C LEU A 93 4.57 -2.54 6.51
N LEU A 94 4.30 -2.32 7.79
CA LEU A 94 4.00 -3.41 8.72
C LEU A 94 2.52 -3.42 9.06
N LEU A 95 1.92 -4.61 9.04
CA LEU A 95 0.50 -4.76 9.35
C LEU A 95 0.16 -4.09 10.69
N ASN A 96 -0.85 -3.23 10.67
CA ASN A 96 -1.26 -2.54 11.88
C ASN A 96 -2.33 -3.33 12.63
N SER A 97 -2.07 -4.62 12.82
CA SER A 97 -3.00 -5.50 13.51
C SER A 97 -2.66 -5.60 15.00
N SER A 98 -1.39 -5.32 15.32
CA SER A 98 -0.92 -5.38 16.69
C SER A 98 -1.83 -4.57 17.62
N ASP A 99 -2.26 -5.20 18.71
CA ASP A 99 -3.12 -4.53 19.68
C ASP A 99 -2.55 -4.63 21.09
N LYS A 100 -1.33 -4.11 21.27
CA LYS A 100 -0.67 -4.14 22.56
C LYS A 100 -1.52 -3.47 23.63
N ASN A 101 -1.03 -3.47 24.87
CA ASN A 101 -1.76 -2.86 25.97
C ASN A 101 -0.95 -1.73 26.60
N THR A 102 -0.96 -0.57 25.95
CA THR A 102 -0.23 0.59 26.45
C THR A 102 -1.17 1.66 26.98
N GLU A 103 -1.89 1.31 28.04
CA GLU A 103 -2.85 2.24 28.65
C GLU A 103 -2.13 3.50 29.14
N GLN A 104 -2.91 4.55 29.38
CA GLN A 104 -2.35 5.81 29.85
C GLN A 104 -2.10 5.78 31.34
N ALA A 105 -1.66 6.91 31.90
CA ALA A 105 -1.38 7.00 33.32
C ALA A 105 -2.68 7.13 34.12
N ALA A 106 -2.84 6.27 35.13
CA ALA A 106 -4.03 6.29 35.97
C ALA A 106 -3.66 6.00 37.42
N ALA A 107 -4.67 6.05 38.29
CA ALA A 107 -4.46 5.80 39.71
C ALA A 107 -3.74 4.48 39.93
N PRO A 108 -3.14 4.32 41.12
CA PRO A 108 -2.40 3.10 41.47
C PRO A 108 -3.31 1.90 41.67
N ALA A 109 -2.74 0.70 41.59
CA ALA A 109 -3.51 -0.53 41.76
C ALA A 109 -3.12 -1.24 43.05
N ALA A 110 -3.67 -2.44 43.25
CA ALA A 110 -3.38 -3.22 44.44
C ALA A 110 -3.87 -4.66 44.29
N GLU A 111 -3.13 -5.60 44.86
CA GLU A 111 -3.49 -7.02 44.79
C GLU A 111 -3.48 -7.66 46.17
N GLN A 112 -4.17 -8.78 46.29
CA GLN A 112 -4.23 -9.49 47.56
C GLN A 112 -3.63 -10.89 47.44
N ASN A 113 -2.91 -11.31 48.47
CA ASN A 113 -2.28 -12.62 48.48
C ASN A 113 -3.24 -13.69 49.00
N GLU A 1 -17.59 -6.95 -26.03
CA GLU A 1 -17.88 -8.35 -26.27
C GLU A 1 -16.60 -9.14 -26.53
N THR A 2 -16.57 -10.39 -26.06
CA THR A 2 -15.40 -11.24 -26.23
C THR A 2 -14.12 -10.52 -25.81
N ASP A 3 -14.21 -9.76 -24.73
CA ASP A 3 -13.07 -9.01 -24.22
C ASP A 3 -12.41 -9.75 -23.06
N LYS A 4 -11.19 -10.24 -23.28
CA LYS A 4 -10.46 -10.96 -22.24
C LYS A 4 -9.01 -10.52 -22.19
N LYS A 5 -8.70 -9.60 -21.28
CA LYS A 5 -7.34 -9.09 -21.13
C LYS A 5 -6.90 -9.14 -19.67
N GLY A 6 -5.60 -9.07 -19.44
CA GLY A 6 -5.07 -9.12 -18.10
C GLY A 6 -3.86 -10.02 -17.97
N GLU A 7 -2.73 -9.58 -18.52
CA GLU A 7 -1.50 -10.36 -18.48
C GLU A 7 -0.66 -9.97 -17.27
N ASN A 8 0.48 -10.64 -17.09
CA ASN A 8 1.37 -10.36 -15.98
C ASN A 8 2.64 -9.67 -16.46
N ALA A 9 2.63 -8.34 -16.44
CA ALA A 9 3.78 -7.56 -16.87
C ALA A 9 4.22 -6.59 -15.79
N PRO A 10 5.47 -6.11 -15.89
CA PRO A 10 6.04 -5.17 -14.92
C PRO A 10 5.41 -3.78 -15.03
N ASP A 11 5.99 -2.81 -14.33
CA ASP A 11 5.48 -1.44 -14.35
C ASP A 11 5.31 -0.94 -15.78
N THR A 12 4.06 -0.88 -16.23
CA THR A 12 3.76 -0.42 -17.58
C THR A 12 3.00 0.90 -17.55
N LYS A 13 2.53 1.33 -18.72
CA LYS A 13 1.79 2.58 -18.83
C LYS A 13 0.29 2.33 -18.79
N ARG A 14 -0.12 1.26 -18.10
CA ARG A 14 -1.53 0.91 -17.98
C ARG A 14 -2.34 2.11 -17.50
N ILE A 15 -3.66 1.96 -17.51
CA ILE A 15 -4.56 3.02 -17.08
C ILE A 15 -4.68 3.05 -15.56
N LYS A 16 -5.20 4.15 -15.03
CA LYS A 16 -5.36 4.30 -13.58
C LYS A 16 -6.53 3.45 -13.08
N GLU A 17 -6.86 3.62 -11.80
CA GLU A 17 -7.96 2.87 -11.20
C GLU A 17 -8.66 3.70 -10.12
N THR A 18 -9.76 3.17 -9.61
CA THR A 18 -10.52 3.86 -8.57
C THR A 18 -9.63 4.28 -7.41
N LEU A 19 -8.62 3.46 -7.13
CA LEU A 19 -7.69 3.75 -6.04
C LEU A 19 -7.07 5.13 -6.20
N GLU A 20 -7.01 5.60 -7.45
CA GLU A 20 -6.45 6.92 -7.73
C GLU A 20 -7.20 8.01 -7.00
N LYS A 21 -8.42 7.71 -6.58
CA LYS A 21 -9.25 8.66 -5.86
C LYS A 21 -9.08 8.50 -4.35
N PHE A 22 -7.97 7.88 -3.95
CA PHE A 22 -7.69 7.66 -2.53
C PHE A 22 -6.23 8.01 -2.22
N SER A 23 -6.02 8.65 -1.07
CA SER A 23 -4.68 9.04 -0.65
C SER A 23 -3.96 7.87 0.01
N LEU A 24 -2.63 7.96 0.07
CA LEU A 24 -1.82 6.91 0.68
C LEU A 24 -2.02 6.89 2.20
N GLU A 25 -2.08 8.07 2.79
CA GLU A 25 -2.27 8.19 4.24
C GLU A 25 -3.51 7.42 4.69
N ASN A 26 -4.43 7.20 3.76
CA ASN A 26 -5.67 6.47 4.07
C ASN A 26 -5.47 4.97 3.93
N MET A 27 -4.54 4.58 3.06
CA MET A 27 -4.24 3.17 2.84
C MET A 27 -3.70 2.52 4.11
N ARG A 28 -4.25 1.38 4.48
CA ARG A 28 -3.82 0.66 5.66
C ARG A 28 -3.95 -0.85 5.47
N TYR A 29 -3.15 -1.61 6.21
CA TYR A 29 -3.17 -3.07 6.12
C TYR A 29 -4.36 -3.64 6.87
N VAL A 30 -5.25 -4.30 6.13
CA VAL A 30 -6.44 -4.90 6.72
C VAL A 30 -6.26 -6.40 6.93
N GLY A 31 -5.66 -7.06 5.94
CA GLY A 31 -5.43 -8.49 6.03
C GLY A 31 -4.65 -9.03 4.84
N ILE A 32 -4.66 -10.34 4.68
CA ILE A 32 -3.96 -10.99 3.57
C ILE A 32 -4.80 -12.11 2.96
N LEU A 33 -4.45 -12.50 1.75
CA LEU A 33 -5.16 -13.56 1.05
C LEU A 33 -4.19 -14.47 0.31
N LYS A 34 -4.45 -15.78 0.38
CA LYS A 34 -3.61 -16.77 -0.29
C LYS A 34 -3.95 -16.86 -1.78
N SER A 35 -2.93 -17.06 -2.60
CA SER A 35 -3.12 -17.17 -4.04
C SER A 35 -2.52 -18.46 -4.57
N GLY A 36 -3.16 -19.59 -4.23
CA GLY A 36 -2.67 -20.88 -4.69
C GLY A 36 -1.46 -21.35 -3.91
N GLN A 37 -0.31 -20.72 -4.17
CA GLN A 37 0.93 -21.09 -3.49
C GLN A 37 1.74 -19.84 -3.14
N LYS A 38 1.05 -18.73 -2.96
CA LYS A 38 1.70 -17.47 -2.61
C LYS A 38 0.89 -16.69 -1.59
N VAL A 39 1.31 -15.45 -1.33
CA VAL A 39 0.62 -14.61 -0.37
C VAL A 39 0.45 -13.19 -0.90
N SER A 40 -0.74 -12.62 -0.72
CA SER A 40 -1.03 -11.27 -1.19
C SER A 40 -1.46 -10.38 -0.04
N GLY A 41 -1.00 -9.14 -0.05
CA GLY A 41 -1.36 -8.20 1.00
C GLY A 41 -2.63 -7.45 0.70
N PHE A 42 -3.62 -7.59 1.59
CA PHE A 42 -4.90 -6.92 1.42
C PHE A 42 -4.89 -5.53 2.08
N ILE A 43 -4.98 -4.49 1.26
CA ILE A 43 -4.98 -3.13 1.76
C ILE A 43 -6.30 -2.44 1.45
N GLU A 44 -6.75 -1.60 2.38
CA GLU A 44 -8.01 -0.86 2.21
C GLU A 44 -7.76 0.64 2.13
N ALA A 45 -8.53 1.32 1.29
CA ALA A 45 -8.38 2.76 1.12
C ALA A 45 -9.73 3.47 1.33
N GLU A 46 -9.88 4.12 2.48
CA GLU A 46 -11.11 4.84 2.79
C GLU A 46 -12.33 4.00 2.40
N GLY A 47 -12.50 2.86 3.06
CA GLY A 47 -13.62 2.00 2.76
C GLY A 47 -13.32 1.00 1.66
N TYR A 48 -12.60 1.45 0.65
CA TYR A 48 -12.25 0.59 -0.48
C TYR A 48 -11.39 -0.58 -0.02
N VAL A 49 -11.60 -1.74 -0.64
CA VAL A 49 -10.85 -2.93 -0.30
C VAL A 49 -10.23 -3.57 -1.54
N TYR A 50 -8.91 -3.48 -1.64
CA TYR A 50 -8.19 -4.05 -2.78
C TYR A 50 -6.91 -4.75 -2.32
N THR A 51 -6.70 -5.96 -2.83
CA THR A 51 -5.51 -6.73 -2.48
C THR A 51 -4.40 -6.53 -3.50
N VAL A 52 -3.15 -6.74 -3.08
CA VAL A 52 -2.01 -6.59 -3.96
C VAL A 52 -0.92 -7.61 -3.63
N GLY A 53 -0.23 -8.07 -4.67
CA GLY A 53 0.82 -9.05 -4.48
C GLY A 53 2.09 -8.69 -5.23
N VAL A 54 3.12 -9.53 -5.08
CA VAL A 54 4.40 -9.28 -5.74
C VAL A 54 4.19 -8.73 -7.14
N GLY A 55 4.52 -7.46 -7.33
CA GLY A 55 4.37 -6.84 -8.63
C GLY A 55 2.94 -6.40 -8.89
N ASN A 56 2.45 -5.47 -8.08
CA ASN A 56 1.09 -4.96 -8.24
C ASN A 56 1.05 -3.44 -8.09
N TYR A 57 -0.14 -2.87 -8.19
CA TYR A 57 -0.31 -1.43 -8.07
C TYR A 57 -1.04 -1.07 -6.79
N LEU A 58 -0.75 0.11 -6.26
CA LEU A 58 -1.37 0.58 -5.03
C LEU A 58 -0.97 2.02 -4.72
N GLY A 59 -1.48 2.55 -3.61
CA GLY A 59 -1.17 3.90 -3.23
C GLY A 59 -2.12 4.92 -3.82
N GLN A 60 -1.65 6.15 -4.00
CA GLN A 60 -2.47 7.21 -4.56
C GLN A 60 -1.91 7.68 -5.90
N ASN A 61 -0.61 7.92 -5.94
CA ASN A 61 0.05 8.37 -7.16
C ASN A 61 0.43 7.18 -8.04
N TYR A 62 1.63 6.64 -7.81
CA TYR A 62 2.10 5.50 -8.57
C TYR A 62 2.84 4.50 -7.68
N GLY A 63 2.08 3.78 -6.86
CA GLY A 63 2.67 2.81 -5.96
C GLY A 63 2.69 1.41 -6.55
N ARG A 64 3.85 0.76 -6.48
CA ARG A 64 4.00 -0.59 -7.02
C ARG A 64 4.63 -1.52 -5.98
N ILE A 65 3.88 -2.52 -5.55
CA ILE A 65 4.37 -3.48 -4.56
C ILE A 65 5.37 -4.44 -5.20
N GLU A 66 6.54 -4.56 -4.57
CA GLU A 66 7.58 -5.45 -5.06
C GLU A 66 7.41 -6.86 -4.49
N SER A 67 7.47 -6.97 -3.18
CA SER A 67 7.32 -8.27 -2.51
C SER A 67 6.49 -8.14 -1.24
N ILE A 68 6.00 -9.26 -0.74
CA ILE A 68 5.20 -9.28 0.47
C ILE A 68 5.91 -9.98 1.61
N THR A 69 5.48 -9.73 2.84
CA THR A 69 6.08 -10.35 4.02
C THR A 69 5.05 -10.56 5.11
N ASP A 70 5.39 -11.42 6.07
CA ASP A 70 4.49 -11.72 7.19
C ASP A 70 4.23 -10.46 8.02
N ASP A 71 3.00 -9.95 7.94
CA ASP A 71 2.63 -8.76 8.69
C ASP A 71 3.39 -7.53 8.18
N SER A 72 3.75 -7.56 6.91
CA SER A 72 4.48 -6.46 6.30
C SER A 72 4.49 -6.58 4.79
N ILE A 73 4.69 -5.45 4.10
CA ILE A 73 4.71 -5.42 2.65
C ILE A 73 5.72 -4.40 2.13
N VAL A 74 6.55 -4.83 1.20
CA VAL A 74 7.56 -3.96 0.61
C VAL A 74 7.12 -3.43 -0.74
N LEU A 75 6.77 -2.15 -0.79
CA LEU A 75 6.31 -1.52 -2.03
C LEU A 75 7.10 -0.24 -2.31
N ASN A 76 6.98 0.27 -3.52
CA ASN A 76 7.67 1.49 -3.92
C ASN A 76 6.69 2.54 -4.42
N GLU A 77 6.46 3.57 -3.61
CA GLU A 77 5.54 4.64 -3.98
C GLU A 77 6.26 5.70 -4.80
N LEU A 78 5.67 6.04 -5.95
CA LEU A 78 6.26 7.05 -6.83
C LEU A 78 5.45 8.34 -6.78
N ILE A 79 6.13 9.45 -6.50
CA ILE A 79 5.48 10.74 -6.43
C ILE A 79 6.42 11.87 -6.87
N GLU A 80 5.87 12.88 -7.52
CA GLU A 80 6.66 14.01 -7.99
C GLU A 80 7.43 14.65 -6.83
N ASP A 81 8.56 15.26 -7.14
CA ASP A 81 9.38 15.92 -6.14
C ASP A 81 10.12 17.13 -6.72
N SER A 82 11.09 17.63 -5.99
CA SER A 82 11.86 18.80 -6.43
C SER A 82 12.47 18.55 -7.81
N THR A 83 12.67 17.28 -8.13
CA THR A 83 13.26 16.89 -9.41
C THR A 83 12.31 17.24 -10.56
N GLY A 84 11.07 17.57 -10.23
CA GLY A 84 10.10 17.91 -11.24
C GLY A 84 9.54 16.69 -11.95
N ASN A 85 9.72 15.53 -11.33
CA ASN A 85 9.23 14.27 -11.91
C ASN A 85 8.97 13.25 -10.82
N TRP A 86 8.05 12.33 -11.08
CA TRP A 86 7.71 11.29 -10.12
C TRP A 86 8.94 10.50 -9.71
N VAL A 87 9.25 10.53 -8.41
CA VAL A 87 10.41 9.82 -7.89
C VAL A 87 9.99 8.57 -7.12
N SER A 88 10.69 7.47 -7.35
CA SER A 88 10.39 6.22 -6.67
C SER A 88 10.88 6.24 -5.23
N ARG A 89 10.01 5.82 -4.31
CA ARG A 89 10.35 5.80 -2.90
C ARG A 89 9.94 4.48 -2.26
N LYS A 90 10.93 3.65 -1.95
CA LYS A 90 10.68 2.34 -1.34
C LYS A 90 10.20 2.50 0.10
N ALA A 91 9.18 1.73 0.46
CA ALA A 91 8.62 1.79 1.81
C ALA A 91 8.07 0.43 2.24
N GLU A 92 8.14 0.15 3.53
CA GLU A 92 7.63 -1.11 4.06
C GLU A 92 6.58 -0.87 5.14
N LEU A 93 5.34 -1.24 4.84
CA LEU A 93 4.24 -1.07 5.78
C LEU A 93 4.11 -2.29 6.68
N LEU A 94 3.73 -2.05 7.94
CA LEU A 94 3.55 -3.14 8.90
C LEU A 94 2.07 -3.40 9.17
N LEU A 95 1.68 -4.67 9.06
CA LEU A 95 0.29 -5.05 9.29
C LEU A 95 -0.18 -4.62 10.68
N ASN A 96 -1.32 -3.93 10.72
CA ASN A 96 -1.87 -3.44 11.98
C ASN A 96 -2.84 -4.47 12.57
N SER A 97 -2.42 -5.73 12.59
CA SER A 97 -3.26 -6.81 13.12
C SER A 97 -3.64 -6.53 14.56
N SER A 98 -4.57 -7.32 15.09
CA SER A 98 -5.03 -7.16 16.47
C SER A 98 -3.90 -7.46 17.45
N ASP A 99 -3.20 -6.43 17.86
CA ASP A 99 -2.09 -6.58 18.81
C ASP A 99 -2.29 -5.68 20.03
N LYS A 100 -3.48 -5.70 20.59
CA LYS A 100 -3.79 -4.89 21.76
C LYS A 100 -4.09 -5.76 22.98
N ASN A 101 -4.36 -5.12 24.11
CA ASN A 101 -4.66 -5.85 25.33
C ASN A 101 -6.10 -5.59 25.77
N THR A 102 -7.01 -6.46 25.34
CA THR A 102 -8.42 -6.33 25.69
C THR A 102 -8.99 -7.65 26.17
N GLU A 103 -8.62 -8.05 27.38
CA GLU A 103 -9.10 -9.30 27.96
C GLU A 103 -10.58 -9.21 28.31
N GLN A 104 -11.41 -9.91 27.55
CA GLN A 104 -12.85 -9.90 27.78
C GLN A 104 -13.27 -11.09 28.65
N ALA A 105 -14.49 -11.05 29.14
CA ALA A 105 -15.01 -12.12 29.99
C ALA A 105 -16.48 -12.40 29.67
N ALA A 106 -16.99 -13.53 30.17
CA ALA A 106 -18.37 -13.92 29.94
C ALA A 106 -19.11 -14.11 31.25
N ALA A 107 -20.42 -14.30 31.16
CA ALA A 107 -21.25 -14.50 32.36
C ALA A 107 -20.73 -15.66 33.20
N PRO A 108 -21.13 -15.68 34.48
CA PRO A 108 -20.72 -16.72 35.42
C PRO A 108 -21.34 -18.08 35.09
N ALA A 109 -20.62 -18.90 34.34
CA ALA A 109 -21.11 -20.22 33.95
C ALA A 109 -20.98 -21.20 35.11
N ALA A 110 -22.10 -21.48 35.78
CA ALA A 110 -22.11 -22.41 36.90
C ALA A 110 -22.02 -23.86 36.41
N GLU A 111 -21.44 -24.72 37.25
CA GLU A 111 -21.30 -26.13 36.91
C GLU A 111 -22.58 -26.90 37.20
N GLN A 112 -22.84 -27.92 36.41
CA GLN A 112 -24.03 -28.74 36.57
C GLN A 112 -24.04 -29.43 37.94
N ASN A 113 -22.84 -29.64 38.49
CA ASN A 113 -22.71 -30.29 39.79
C ASN A 113 -22.71 -29.25 40.91
N GLU A 1 6.38 -24.35 -6.16
CA GLU A 1 6.14 -23.50 -7.34
C GLU A 1 6.18 -22.02 -6.94
N THR A 2 7.33 -21.39 -7.16
CA THR A 2 7.50 -19.98 -6.83
C THR A 2 8.20 -19.23 -7.95
N ASP A 3 7.99 -17.92 -8.00
CA ASP A 3 8.61 -17.08 -9.02
C ASP A 3 8.84 -15.66 -8.52
N LYS A 4 10.10 -15.26 -8.45
CA LYS A 4 10.45 -13.93 -7.98
C LYS A 4 11.02 -13.07 -9.11
N LYS A 5 10.14 -12.54 -9.94
CA LYS A 5 10.55 -11.71 -11.07
C LYS A 5 9.88 -10.33 -11.00
N GLY A 6 10.55 -9.33 -11.55
CA GLY A 6 10.00 -7.98 -11.55
C GLY A 6 11.07 -6.92 -11.31
N GLU A 7 11.90 -6.70 -12.33
CA GLU A 7 12.98 -5.71 -12.22
C GLU A 7 12.43 -4.30 -12.45
N ASN A 8 13.31 -3.31 -12.38
CA ASN A 8 12.92 -1.92 -12.57
C ASN A 8 12.60 -1.65 -14.04
N ALA A 9 11.39 -2.02 -14.45
CA ALA A 9 10.95 -1.81 -15.83
C ALA A 9 10.29 -0.46 -15.99
N PRO A 10 10.23 0.02 -17.25
CA PRO A 10 9.62 1.32 -17.58
C PRO A 10 8.11 1.32 -17.38
N ASP A 11 7.47 2.39 -17.83
CA ASP A 11 6.02 2.51 -17.71
C ASP A 11 5.32 1.28 -18.26
N THR A 12 4.77 0.46 -17.37
CA THR A 12 4.08 -0.76 -17.76
C THR A 12 2.89 -0.44 -18.66
N LYS A 13 2.07 -1.45 -18.93
CA LYS A 13 0.90 -1.28 -19.78
C LYS A 13 -0.35 -1.04 -18.93
N ARG A 14 -0.25 -1.33 -17.64
CA ARG A 14 -1.37 -1.14 -16.73
C ARG A 14 -1.93 0.26 -16.84
N ILE A 15 -3.22 0.42 -16.53
CA ILE A 15 -3.88 1.71 -16.59
C ILE A 15 -4.36 2.15 -15.21
N LYS A 16 -4.77 3.42 -15.11
CA LYS A 16 -5.26 3.96 -13.86
C LYS A 16 -6.39 3.11 -13.30
N GLU A 17 -6.72 3.35 -12.03
CA GLU A 17 -7.79 2.60 -11.37
C GLU A 17 -8.52 3.47 -10.35
N THR A 18 -9.65 2.97 -9.87
CA THR A 18 -10.44 3.71 -8.89
C THR A 18 -9.60 4.15 -7.70
N LEU A 19 -8.61 3.33 -7.35
CA LEU A 19 -7.72 3.64 -6.24
C LEU A 19 -7.08 5.01 -6.41
N GLU A 20 -6.99 5.46 -7.66
CA GLU A 20 -6.40 6.77 -7.97
C GLU A 20 -7.14 7.88 -7.23
N LYS A 21 -8.38 7.60 -6.82
CA LYS A 21 -9.20 8.57 -6.11
C LYS A 21 -9.04 8.42 -4.60
N PHE A 22 -7.95 7.79 -4.19
CA PHE A 22 -7.69 7.57 -2.77
C PHE A 22 -6.26 7.99 -2.40
N SER A 23 -6.12 8.69 -1.29
CA SER A 23 -4.83 9.16 -0.83
C SER A 23 -4.05 8.04 -0.13
N LEU A 24 -2.75 8.22 0.00
CA LEU A 24 -1.90 7.23 0.65
C LEU A 24 -2.18 7.17 2.15
N GLU A 25 -2.24 8.34 2.78
CA GLU A 25 -2.51 8.42 4.22
C GLU A 25 -3.78 7.64 4.58
N ASN A 26 -4.66 7.47 3.60
CA ASN A 26 -5.91 6.75 3.82
C ASN A 26 -5.69 5.25 3.71
N MET A 27 -4.76 4.84 2.85
CA MET A 27 -4.46 3.43 2.67
C MET A 27 -3.77 2.85 3.90
N ARG A 28 -4.15 1.63 4.25
CA ARG A 28 -3.58 0.96 5.42
C ARG A 28 -3.72 -0.56 5.29
N TYR A 29 -2.84 -1.28 5.98
CA TYR A 29 -2.87 -2.74 5.95
C TYR A 29 -4.03 -3.29 6.75
N VAL A 30 -4.90 -4.05 6.09
CA VAL A 30 -6.07 -4.63 6.73
C VAL A 30 -5.87 -6.12 6.97
N GLY A 31 -5.30 -6.81 5.97
CA GLY A 31 -5.07 -8.23 6.10
C GLY A 31 -4.35 -8.80 4.90
N ILE A 32 -4.39 -10.13 4.75
CA ILE A 32 -3.72 -10.79 3.64
C ILE A 32 -4.60 -11.90 3.07
N LEU A 33 -4.32 -12.31 1.83
CA LEU A 33 -5.07 -13.36 1.17
C LEU A 33 -4.17 -14.22 0.30
N LYS A 34 -4.14 -15.52 0.60
CA LYS A 34 -3.31 -16.46 -0.16
C LYS A 34 -4.02 -16.90 -1.43
N SER A 35 -3.25 -17.20 -2.47
CA SER A 35 -3.81 -17.63 -3.75
C SER A 35 -3.27 -19.00 -4.14
N GLY A 36 -3.68 -20.03 -3.39
CA GLY A 36 -3.22 -21.38 -3.67
C GLY A 36 -1.86 -21.67 -3.08
N GLN A 37 -0.82 -21.15 -3.72
CA GLN A 37 0.55 -21.35 -3.25
C GLN A 37 1.30 -20.03 -3.15
N LYS A 38 0.69 -19.05 -2.48
CA LYS A 38 1.31 -17.74 -2.33
C LYS A 38 0.51 -16.88 -1.35
N VAL A 39 1.03 -15.71 -1.04
CA VAL A 39 0.38 -14.79 -0.11
C VAL A 39 0.41 -13.36 -0.64
N SER A 40 -0.76 -12.73 -0.68
CA SER A 40 -0.87 -11.36 -1.16
C SER A 40 -1.29 -10.41 -0.04
N GLY A 41 -0.84 -9.17 -0.12
CA GLY A 41 -1.18 -8.19 0.90
C GLY A 41 -2.47 -7.47 0.61
N PHE A 42 -3.39 -7.50 1.56
CA PHE A 42 -4.68 -6.84 1.40
C PHE A 42 -4.68 -5.45 2.04
N ILE A 43 -4.80 -4.43 1.21
CA ILE A 43 -4.81 -3.05 1.68
C ILE A 43 -6.14 -2.37 1.39
N GLU A 44 -6.59 -1.53 2.32
CA GLU A 44 -7.85 -0.82 2.16
C GLU A 44 -7.63 0.69 2.18
N ALA A 45 -8.38 1.41 1.35
CA ALA A 45 -8.27 2.85 1.28
C ALA A 45 -9.64 3.52 1.32
N GLU A 46 -9.89 4.30 2.36
CA GLU A 46 -11.17 4.98 2.51
C GLU A 46 -12.33 4.03 2.26
N GLY A 47 -12.29 2.88 2.93
CA GLY A 47 -13.35 1.90 2.77
C GLY A 47 -13.07 0.92 1.65
N TYR A 48 -12.50 1.42 0.56
CA TYR A 48 -12.18 0.58 -0.59
C TYR A 48 -11.24 -0.55 -0.20
N VAL A 49 -11.61 -1.77 -0.54
CA VAL A 49 -10.80 -2.94 -0.23
C VAL A 49 -10.17 -3.54 -1.49
N TYR A 50 -8.86 -3.42 -1.61
CA TYR A 50 -8.14 -3.94 -2.76
C TYR A 50 -6.89 -4.70 -2.33
N THR A 51 -6.72 -5.91 -2.85
CA THR A 51 -5.57 -6.74 -2.53
C THR A 51 -4.48 -6.58 -3.57
N VAL A 52 -3.23 -6.81 -3.15
CA VAL A 52 -2.09 -6.71 -4.05
C VAL A 52 -1.08 -7.82 -3.79
N GLY A 53 -0.32 -8.17 -4.82
CA GLY A 53 0.68 -9.22 -4.68
C GLY A 53 1.97 -8.89 -5.41
N VAL A 54 2.92 -9.81 -5.36
CA VAL A 54 4.21 -9.62 -6.02
C VAL A 54 4.03 -8.99 -7.40
N GLY A 55 4.44 -7.73 -7.53
CA GLY A 55 4.32 -7.04 -8.80
C GLY A 55 2.91 -6.53 -9.04
N ASN A 56 2.43 -5.65 -8.17
CA ASN A 56 1.09 -5.08 -8.30
C ASN A 56 1.11 -3.58 -8.07
N TYR A 57 -0.07 -2.97 -8.16
CA TYR A 57 -0.18 -1.52 -7.97
C TYR A 57 -0.91 -1.21 -6.66
N LEU A 58 -0.65 -0.02 -6.12
CA LEU A 58 -1.28 0.40 -4.88
C LEU A 58 -0.92 1.85 -4.56
N GLY A 59 -1.47 2.36 -3.46
CA GLY A 59 -1.20 3.73 -3.05
C GLY A 59 -2.08 4.72 -3.79
N GLN A 60 -1.67 6.00 -3.75
CA GLN A 60 -2.43 7.06 -4.42
C GLN A 60 -1.83 7.36 -5.78
N ASN A 61 -0.68 8.03 -5.78
CA ASN A 61 -0.01 8.40 -7.03
C ASN A 61 0.24 7.15 -7.89
N TYR A 62 1.42 6.57 -7.74
CA TYR A 62 1.79 5.38 -8.51
C TYR A 62 2.67 4.45 -7.68
N GLY A 63 2.03 3.64 -6.84
CA GLY A 63 2.76 2.71 -6.00
C GLY A 63 2.77 1.30 -6.56
N ARG A 64 3.92 0.64 -6.51
CA ARG A 64 4.05 -0.72 -7.02
C ARG A 64 4.64 -1.64 -5.96
N ILE A 65 3.93 -2.72 -5.67
CA ILE A 65 4.38 -3.69 -4.67
C ILE A 65 5.27 -4.75 -5.29
N GLU A 66 6.38 -5.06 -4.63
CA GLU A 66 7.31 -6.06 -5.13
C GLU A 66 7.50 -7.19 -4.11
N SER A 67 7.69 -6.81 -2.86
CA SER A 67 7.88 -7.78 -1.78
C SER A 67 6.67 -7.81 -0.85
N ILE A 68 6.22 -9.02 -0.52
CA ILE A 68 5.07 -9.19 0.36
C ILE A 68 5.32 -10.29 1.39
N THR A 69 5.52 -9.89 2.64
CA THR A 69 5.77 -10.84 3.71
C THR A 69 4.64 -10.83 4.73
N ASP A 70 4.67 -11.79 5.66
CA ASP A 70 3.65 -11.88 6.70
C ASP A 70 3.68 -10.67 7.61
N ASP A 71 2.61 -9.87 7.57
CA ASP A 71 2.52 -8.68 8.39
C ASP A 71 3.52 -7.62 7.93
N SER A 72 3.84 -7.63 6.65
CA SER A 72 4.80 -6.68 6.08
C SER A 72 4.75 -6.71 4.56
N ILE A 73 4.91 -5.54 3.95
CA ILE A 73 4.89 -5.44 2.49
C ILE A 73 5.79 -4.29 2.02
N VAL A 74 6.67 -4.61 1.08
CA VAL A 74 7.59 -3.62 0.54
C VAL A 74 7.18 -3.20 -0.88
N LEU A 75 6.90 -1.91 -1.04
CA LEU A 75 6.49 -1.37 -2.33
C LEU A 75 7.19 -0.04 -2.63
N ASN A 76 7.19 0.34 -3.89
CA ASN A 76 7.83 1.60 -4.30
C ASN A 76 6.79 2.62 -4.72
N GLU A 77 6.55 3.60 -3.84
CA GLU A 77 5.57 4.65 -4.11
C GLU A 77 6.20 5.77 -4.94
N LEU A 78 5.59 6.06 -6.08
CA LEU A 78 6.09 7.12 -6.96
C LEU A 78 5.31 8.41 -6.77
N ILE A 79 6.02 9.49 -6.47
CA ILE A 79 5.39 10.79 -6.26
C ILE A 79 6.33 11.92 -6.64
N GLU A 80 5.77 12.97 -7.24
CA GLU A 80 6.55 14.13 -7.66
C GLU A 80 7.29 14.74 -6.47
N ASP A 81 8.43 15.37 -6.75
CA ASP A 81 9.23 16.00 -5.70
C ASP A 81 9.92 17.26 -6.24
N SER A 82 10.88 17.76 -5.47
CA SER A 82 11.62 18.96 -5.87
C SER A 82 12.23 18.80 -7.25
N THR A 83 12.48 17.55 -7.64
CA THR A 83 13.07 17.25 -8.94
C THR A 83 12.10 17.62 -10.07
N GLY A 84 10.86 17.90 -9.72
CA GLY A 84 9.87 18.27 -10.71
C GLY A 84 9.35 17.06 -11.47
N ASN A 85 9.56 15.87 -10.93
CA ASN A 85 9.11 14.64 -11.56
C ASN A 85 8.86 13.55 -10.53
N TRP A 86 7.96 12.64 -10.85
CA TRP A 86 7.64 11.54 -9.94
C TRP A 86 8.88 10.76 -9.57
N VAL A 87 9.18 10.71 -8.27
CA VAL A 87 10.35 9.99 -7.77
C VAL A 87 9.95 8.69 -7.09
N SER A 88 10.74 7.64 -7.30
CA SER A 88 10.46 6.34 -6.71
C SER A 88 10.92 6.31 -5.25
N ARG A 89 10.02 5.90 -4.37
CA ARG A 89 10.33 5.81 -2.94
C ARG A 89 9.92 4.46 -2.37
N LYS A 90 10.91 3.61 -2.10
CA LYS A 90 10.66 2.28 -1.55
C LYS A 90 10.39 2.36 -0.05
N ALA A 91 9.32 1.69 0.39
CA ALA A 91 8.97 1.68 1.80
C ALA A 91 8.33 0.34 2.18
N GLU A 92 8.58 -0.08 3.42
CA GLU A 92 8.03 -1.34 3.91
C GLU A 92 7.06 -1.10 5.07
N LEU A 93 5.78 -1.32 4.81
CA LEU A 93 4.75 -1.12 5.83
C LEU A 93 4.48 -2.42 6.58
N LEU A 94 4.19 -2.29 7.87
CA LEU A 94 3.91 -3.45 8.72
C LEU A 94 2.43 -3.53 9.06
N LEU A 95 1.87 -4.73 8.98
CA LEU A 95 0.46 -4.94 9.29
C LEU A 95 0.11 -4.33 10.64
N ASN A 96 -0.95 -3.51 10.66
CA ASN A 96 -1.39 -2.86 11.88
C ASN A 96 -2.43 -3.72 12.61
N SER A 97 -2.11 -5.00 12.76
CA SER A 97 -3.01 -5.94 13.43
C SER A 97 -3.33 -5.45 14.85
N SER A 98 -4.31 -6.10 15.48
CA SER A 98 -4.71 -5.74 16.83
C SER A 98 -3.59 -6.02 17.82
N ASP A 99 -2.77 -5.01 18.10
CA ASP A 99 -1.67 -5.14 19.04
C ASP A 99 -1.47 -3.87 19.84
N LYS A 100 -2.55 -3.11 20.00
CA LYS A 100 -2.50 -1.85 20.75
C LYS A 100 -3.30 -1.96 22.05
N ASN A 101 -3.40 -0.84 22.76
CA ASN A 101 -4.14 -0.81 24.02
C ASN A 101 -5.57 -0.32 23.80
N THR A 102 -6.52 -1.25 23.87
CA THR A 102 -7.93 -0.91 23.67
C THR A 102 -8.72 -1.10 24.96
N GLU A 103 -8.44 -0.26 25.95
CA GLU A 103 -9.13 -0.34 27.23
C GLU A 103 -10.63 -0.17 27.06
N GLN A 104 -11.37 -0.19 28.17
CA GLN A 104 -12.82 -0.04 28.14
C GLN A 104 -13.21 1.21 27.37
N ALA A 105 -12.35 2.22 27.40
CA ALA A 105 -12.61 3.47 26.70
C ALA A 105 -12.66 3.25 25.19
N ALA A 106 -13.75 3.72 24.57
CA ALA A 106 -13.91 3.57 23.13
C ALA A 106 -15.18 4.27 22.65
N ALA A 107 -15.40 4.27 21.34
CA ALA A 107 -16.58 4.90 20.76
C ALA A 107 -16.61 6.39 21.09
N PRO A 108 -15.70 7.16 20.47
CA PRO A 108 -15.60 8.60 20.68
C PRO A 108 -16.78 9.35 20.07
N ALA A 109 -16.85 10.66 20.32
CA ALA A 109 -17.92 11.49 19.79
C ALA A 109 -17.71 11.77 18.31
N ALA A 110 -18.19 10.86 17.47
CA ALA A 110 -18.05 11.02 16.02
C ALA A 110 -19.22 10.36 15.29
N GLU A 111 -20.03 11.17 14.62
CA GLU A 111 -21.18 10.68 13.89
C GLU A 111 -20.82 10.42 12.43
N GLN A 112 -21.41 9.38 11.85
CA GLN A 112 -21.16 9.02 10.47
C GLN A 112 -21.52 10.15 9.53
N ASN A 113 -22.69 10.74 9.75
CA ASN A 113 -23.16 11.85 8.93
C ASN A 113 -23.17 13.15 9.71
N GLU A 1 -15.44 3.05 -35.65
CA GLU A 1 -14.73 1.78 -35.79
C GLU A 1 -13.23 1.99 -35.78
N THR A 2 -12.60 1.64 -34.67
CA THR A 2 -11.15 1.78 -34.52
C THR A 2 -10.54 0.56 -33.87
N ASP A 3 -9.21 0.57 -33.72
CA ASP A 3 -8.50 -0.55 -33.11
C ASP A 3 -8.91 -0.71 -31.65
N LYS A 4 -9.29 -1.93 -31.29
CA LYS A 4 -9.71 -2.24 -29.93
C LYS A 4 -8.75 -3.22 -29.27
N LYS A 5 -7.51 -3.24 -29.74
CA LYS A 5 -6.50 -4.13 -29.19
C LYS A 5 -5.29 -3.35 -28.69
N GLY A 6 -4.39 -4.03 -28.00
CA GLY A 6 -3.20 -3.38 -27.47
C GLY A 6 -1.93 -4.13 -27.82
N GLU A 7 -0.91 -3.39 -28.27
CA GLU A 7 0.36 -3.98 -28.65
C GLU A 7 1.11 -4.49 -27.42
N ASN A 8 2.16 -5.27 -27.65
CA ASN A 8 2.96 -5.81 -26.56
C ASN A 8 3.85 -4.74 -25.94
N ALA A 9 3.23 -3.85 -25.17
CA ALA A 9 3.97 -2.77 -24.52
C ALA A 9 5.16 -3.31 -23.73
N PRO A 10 6.12 -2.43 -23.43
CA PRO A 10 7.33 -2.79 -22.68
C PRO A 10 7.03 -3.10 -21.22
N ASP A 11 5.81 -2.77 -20.79
CA ASP A 11 5.40 -3.01 -19.41
C ASP A 11 3.93 -3.42 -19.34
N THR A 12 3.43 -3.65 -18.13
CA THR A 12 2.04 -4.05 -17.94
C THR A 12 1.09 -3.03 -18.56
N LYS A 13 -0.18 -3.39 -18.62
CA LYS A 13 -1.20 -2.52 -19.19
C LYS A 13 -1.96 -1.78 -18.09
N ARG A 14 -1.29 -1.53 -16.98
CA ARG A 14 -1.90 -0.84 -15.85
C ARG A 14 -2.55 0.48 -16.31
N ILE A 15 -3.64 0.84 -15.65
CA ILE A 15 -4.36 2.07 -15.98
C ILE A 15 -5.00 2.69 -14.75
N LYS A 16 -5.45 3.93 -14.88
CA LYS A 16 -6.08 4.64 -13.78
C LYS A 16 -7.21 3.81 -13.17
N GLU A 17 -6.95 3.21 -12.02
CA GLU A 17 -7.95 2.39 -11.34
C GLU A 17 -8.68 3.20 -10.28
N THR A 18 -9.76 2.63 -9.75
CA THR A 18 -10.56 3.30 -8.72
C THR A 18 -9.68 3.75 -7.56
N LEU A 19 -8.70 2.92 -7.21
CA LEU A 19 -7.79 3.23 -6.11
C LEU A 19 -7.13 4.59 -6.32
N GLU A 20 -7.02 5.00 -7.59
CA GLU A 20 -6.41 6.28 -7.93
C GLU A 20 -7.17 7.43 -7.28
N LYS A 21 -8.41 7.17 -6.87
CA LYS A 21 -9.23 8.19 -6.24
C LYS A 21 -9.08 8.14 -4.72
N PHE A 22 -8.01 7.51 -4.25
CA PHE A 22 -7.75 7.39 -2.83
C PHE A 22 -6.33 7.82 -2.49
N SER A 23 -6.17 8.49 -1.36
CA SER A 23 -4.86 8.96 -0.92
C SER A 23 -4.15 7.92 -0.08
N LEU A 24 -2.83 7.90 -0.15
CA LEU A 24 -2.02 6.94 0.61
C LEU A 24 -2.22 7.14 2.11
N GLU A 25 -2.47 8.39 2.51
CA GLU A 25 -2.69 8.71 3.92
C GLU A 25 -3.92 8.00 4.46
N ASN A 26 -4.84 7.65 3.55
CA ASN A 26 -6.07 6.97 3.94
C ASN A 26 -5.93 5.46 3.79
N MET A 27 -4.85 5.04 3.15
CA MET A 27 -4.60 3.61 2.94
C MET A 27 -3.91 3.00 4.16
N ARG A 28 -4.29 1.76 4.49
CA ARG A 28 -3.71 1.08 5.64
C ARG A 28 -3.77 -0.43 5.44
N TYR A 29 -2.88 -1.15 6.12
CA TYR A 29 -2.82 -2.60 6.01
C TYR A 29 -3.93 -3.25 6.84
N VAL A 30 -4.83 -3.97 6.17
CA VAL A 30 -5.93 -4.64 6.84
C VAL A 30 -5.60 -6.11 7.11
N GLY A 31 -4.98 -6.76 6.13
CA GLY A 31 -4.62 -8.16 6.28
C GLY A 31 -3.94 -8.72 5.05
N ILE A 32 -3.95 -10.04 4.91
CA ILE A 32 -3.32 -10.70 3.77
C ILE A 32 -4.29 -11.70 3.13
N LEU A 33 -3.98 -12.09 1.89
CA LEU A 33 -4.81 -13.04 1.17
C LEU A 33 -3.97 -13.86 0.20
N LYS A 34 -3.98 -15.17 0.38
CA LYS A 34 -3.23 -16.08 -0.48
C LYS A 34 -4.00 -16.39 -1.76
N SER A 35 -3.28 -16.56 -2.85
CA SER A 35 -3.88 -16.86 -4.14
C SER A 35 -3.46 -18.24 -4.64
N GLY A 36 -3.95 -19.28 -3.97
CA GLY A 36 -3.60 -20.63 -4.36
C GLY A 36 -2.28 -21.09 -3.78
N GLN A 37 -1.19 -20.62 -4.37
CA GLN A 37 0.14 -20.98 -3.90
C GLN A 37 1.02 -19.75 -3.74
N LYS A 38 0.48 -18.72 -3.11
CA LYS A 38 1.21 -17.48 -2.90
C LYS A 38 0.53 -16.62 -1.83
N VAL A 39 1.08 -15.43 -1.60
CA VAL A 39 0.52 -14.52 -0.61
C VAL A 39 0.45 -13.10 -1.15
N SER A 40 -0.67 -12.43 -0.91
CA SER A 40 -0.85 -11.05 -1.38
C SER A 40 -1.32 -10.15 -0.24
N GLY A 41 -0.68 -8.99 -0.11
CA GLY A 41 -1.04 -8.06 0.95
C GLY A 41 -2.36 -7.38 0.68
N PHE A 42 -3.26 -7.44 1.66
CA PHE A 42 -4.57 -6.82 1.52
C PHE A 42 -4.59 -5.42 2.15
N ILE A 43 -4.74 -4.40 1.31
CA ILE A 43 -4.77 -3.03 1.78
C ILE A 43 -6.12 -2.37 1.49
N GLU A 44 -6.57 -1.54 2.41
CA GLU A 44 -7.85 -0.85 2.25
C GLU A 44 -7.64 0.67 2.17
N ALA A 45 -8.44 1.31 1.33
CA ALA A 45 -8.35 2.76 1.15
C ALA A 45 -9.72 3.42 1.28
N GLU A 46 -9.90 4.17 2.36
CA GLU A 46 -11.18 4.86 2.60
C GLU A 46 -12.35 3.91 2.37
N GLY A 47 -12.35 2.78 3.07
CA GLY A 47 -13.42 1.82 2.92
C GLY A 47 -13.14 0.80 1.83
N TYR A 48 -12.50 1.26 0.76
CA TYR A 48 -12.18 0.38 -0.37
C TYR A 48 -11.27 -0.75 0.07
N VAL A 49 -11.47 -1.93 -0.51
CA VAL A 49 -10.65 -3.09 -0.19
C VAL A 49 -10.02 -3.70 -1.43
N TYR A 50 -8.70 -3.56 -1.54
CA TYR A 50 -7.98 -4.08 -2.70
C TYR A 50 -6.69 -4.78 -2.25
N THR A 51 -6.47 -5.99 -2.78
CA THR A 51 -5.29 -6.77 -2.43
C THR A 51 -4.20 -6.58 -3.48
N VAL A 52 -2.96 -6.82 -3.07
CA VAL A 52 -1.81 -6.68 -3.97
C VAL A 52 -0.83 -7.82 -3.79
N GLY A 53 -0.18 -8.23 -4.88
CA GLY A 53 0.77 -9.32 -4.82
C GLY A 53 2.08 -8.97 -5.51
N VAL A 54 3.03 -9.90 -5.48
CA VAL A 54 4.33 -9.69 -6.10
C VAL A 54 4.18 -9.00 -7.46
N GLY A 55 4.58 -7.74 -7.52
CA GLY A 55 4.48 -6.99 -8.76
C GLY A 55 3.07 -6.51 -9.05
N ASN A 56 2.55 -5.67 -8.16
CA ASN A 56 1.19 -5.14 -8.31
C ASN A 56 1.18 -3.63 -8.11
N TYR A 57 0.00 -3.04 -8.21
CA TYR A 57 -0.15 -1.60 -8.04
C TYR A 57 -0.89 -1.28 -6.74
N LEU A 58 -0.60 -0.10 -6.18
CA LEU A 58 -1.24 0.32 -4.95
C LEU A 58 -0.86 1.76 -4.61
N GLY A 59 -1.41 2.27 -3.51
CA GLY A 59 -1.12 3.64 -3.10
C GLY A 59 -1.98 4.66 -3.83
N GLN A 60 -1.58 5.93 -3.75
CA GLN A 60 -2.32 7.00 -4.40
C GLN A 60 -1.70 7.35 -5.74
N ASN A 61 -0.54 8.01 -5.70
CA ASN A 61 0.16 8.41 -6.92
C ASN A 61 0.48 7.20 -7.78
N TYR A 62 1.66 6.61 -7.56
CA TYR A 62 2.08 5.45 -8.32
C TYR A 62 2.89 4.49 -7.44
N GLY A 63 2.19 3.61 -6.74
CA GLY A 63 2.86 2.65 -5.88
C GLY A 63 2.86 1.25 -6.46
N ARG A 64 4.01 0.59 -6.39
CA ARG A 64 4.14 -0.76 -6.91
C ARG A 64 4.71 -1.71 -5.85
N ILE A 65 3.99 -2.79 -5.58
CA ILE A 65 4.42 -3.77 -4.59
C ILE A 65 5.32 -4.83 -5.22
N GLU A 66 6.42 -5.14 -4.55
CA GLU A 66 7.37 -6.13 -5.04
C GLU A 66 7.53 -7.28 -4.04
N SER A 67 7.54 -6.94 -2.75
CA SER A 67 7.69 -7.94 -1.70
C SER A 67 6.48 -7.92 -0.76
N ILE A 68 6.00 -9.10 -0.40
CA ILE A 68 4.85 -9.21 0.49
C ILE A 68 5.08 -10.31 1.52
N THR A 69 5.29 -9.90 2.77
CA THR A 69 5.52 -10.85 3.86
C THR A 69 4.38 -10.80 4.86
N ASP A 70 4.37 -11.77 5.77
CA ASP A 70 3.33 -11.84 6.80
C ASP A 70 3.40 -10.64 7.73
N ASP A 71 2.35 -9.83 7.70
CA ASP A 71 2.28 -8.64 8.55
C ASP A 71 3.31 -7.60 8.10
N SER A 72 3.62 -7.60 6.81
CA SER A 72 4.60 -6.66 6.25
C SER A 72 4.58 -6.69 4.73
N ILE A 73 4.65 -5.51 4.12
CA ILE A 73 4.64 -5.41 2.67
C ILE A 73 5.61 -4.34 2.19
N VAL A 74 6.46 -4.69 1.23
CA VAL A 74 7.44 -3.76 0.69
C VAL A 74 7.06 -3.32 -0.73
N LEU A 75 6.84 -2.03 -0.90
CA LEU A 75 6.47 -1.48 -2.21
C LEU A 75 7.21 -0.17 -2.47
N ASN A 76 7.20 0.26 -3.73
CA ASN A 76 7.86 1.50 -4.12
C ASN A 76 6.84 2.55 -4.54
N GLU A 77 6.63 3.55 -3.69
CA GLU A 77 5.68 4.62 -3.96
C GLU A 77 6.34 5.74 -4.77
N LEU A 78 5.74 6.10 -5.89
CA LEU A 78 6.27 7.15 -6.74
C LEU A 78 5.45 8.43 -6.59
N ILE A 79 6.13 9.53 -6.31
CA ILE A 79 5.47 10.81 -6.14
C ILE A 79 6.38 11.96 -6.60
N GLU A 80 5.77 12.98 -7.19
CA GLU A 80 6.52 14.14 -7.67
C GLU A 80 7.28 14.81 -6.53
N ASP A 81 8.44 15.36 -6.84
CA ASP A 81 9.27 16.03 -5.85
C ASP A 81 9.98 17.24 -6.45
N SER A 82 10.97 17.77 -5.74
CA SER A 82 11.71 18.93 -6.20
C SER A 82 12.31 18.67 -7.58
N THR A 83 12.48 17.41 -7.93
CA THR A 83 13.03 17.02 -9.22
C THR A 83 12.09 17.39 -10.36
N GLY A 84 10.85 17.74 -10.00
CA GLY A 84 9.88 18.11 -11.01
C GLY A 84 9.27 16.91 -11.71
N ASN A 85 9.49 15.73 -11.14
CA ASN A 85 8.97 14.49 -11.72
C ASN A 85 8.76 13.44 -10.64
N TRP A 86 7.82 12.53 -10.88
CA TRP A 86 7.52 11.46 -9.93
C TRP A 86 8.77 10.67 -9.60
N VAL A 87 9.16 10.67 -8.32
CA VAL A 87 10.34 9.95 -7.88
C VAL A 87 9.94 8.69 -7.11
N SER A 88 10.63 7.59 -7.41
CA SER A 88 10.36 6.31 -6.75
C SER A 88 10.91 6.31 -5.33
N ARG A 89 10.11 5.81 -4.39
CA ARG A 89 10.51 5.74 -2.99
C ARG A 89 10.08 4.42 -2.36
N LYS A 90 11.04 3.55 -2.11
CA LYS A 90 10.76 2.25 -1.51
C LYS A 90 10.39 2.40 -0.04
N ALA A 91 9.34 1.69 0.37
CA ALA A 91 8.88 1.75 1.76
C ALA A 91 8.20 0.45 2.16
N GLU A 92 8.43 0.02 3.40
CA GLU A 92 7.86 -1.21 3.91
C GLU A 92 6.95 -0.94 5.10
N LEU A 93 5.67 -1.27 4.97
CA LEU A 93 4.70 -1.06 6.03
C LEU A 93 4.41 -2.36 6.78
N LEU A 94 4.17 -2.25 8.08
CA LEU A 94 3.88 -3.42 8.91
C LEU A 94 2.40 -3.45 9.30
N LEU A 95 1.81 -4.64 9.23
CA LEU A 95 0.40 -4.82 9.57
C LEU A 95 0.09 -4.16 10.92
N ASN A 96 -0.95 -3.33 10.93
CA ASN A 96 -1.35 -2.64 12.15
C ASN A 96 -2.37 -3.47 12.92
N SER A 97 -2.07 -4.75 13.10
CA SER A 97 -2.97 -5.65 13.83
C SER A 97 -3.21 -5.16 15.25
N SER A 98 -2.28 -4.34 15.74
CA SER A 98 -2.39 -3.80 17.09
C SER A 98 -3.76 -3.14 17.31
N ASP A 99 -4.08 -2.88 18.57
CA ASP A 99 -5.35 -2.25 18.92
C ASP A 99 -5.15 -1.15 19.95
N LYS A 100 -4.41 -0.12 19.56
CA LYS A 100 -4.14 1.00 20.45
C LYS A 100 -5.44 1.64 20.93
N ASN A 101 -5.32 2.58 21.87
CA ASN A 101 -6.50 3.27 22.41
C ASN A 101 -6.86 4.47 21.55
N THR A 102 -7.99 4.39 20.85
CA THR A 102 -8.44 5.48 20.00
C THR A 102 -9.78 5.14 19.36
N GLU A 103 -10.84 5.16 20.16
CA GLU A 103 -12.18 4.86 19.66
C GLU A 103 -12.98 6.14 19.45
N GLN A 104 -14.06 6.04 18.67
CA GLN A 104 -14.90 7.18 18.39
C GLN A 104 -16.34 6.75 18.10
N ALA A 105 -17.28 7.27 18.87
CA ALA A 105 -18.68 6.94 18.70
C ALA A 105 -19.56 7.71 19.69
N ALA A 106 -20.87 7.54 19.56
CA ALA A 106 -21.82 8.21 20.44
C ALA A 106 -22.05 7.42 21.72
N ALA A 107 -22.83 7.99 22.63
CA ALA A 107 -23.14 7.34 23.90
C ALA A 107 -24.34 7.99 24.57
N PRO A 108 -25.54 7.71 24.04
CA PRO A 108 -26.78 8.25 24.57
C PRO A 108 -27.15 7.65 25.92
N ALA A 109 -28.19 8.18 26.54
CA ALA A 109 -28.65 7.69 27.83
C ALA A 109 -30.00 7.01 27.72
N ALA A 110 -30.41 6.32 28.79
CA ALA A 110 -31.69 5.62 28.80
C ALA A 110 -32.01 5.11 30.21
N GLU A 111 -33.15 4.43 30.33
CA GLU A 111 -33.58 3.89 31.62
C GLU A 111 -34.83 3.03 31.47
N GLN A 112 -35.23 2.38 32.55
CA GLN A 112 -36.41 1.52 32.53
C GLN A 112 -37.33 1.84 33.71
N ASN A 113 -38.63 1.67 33.50
CA ASN A 113 -39.61 1.94 34.55
C ASN A 113 -39.47 0.94 35.69
N GLU A 1 -28.87 2.24 -36.74
CA GLU A 1 -27.58 1.66 -37.09
C GLU A 1 -27.08 0.74 -35.98
N THR A 2 -27.24 -0.57 -36.18
CA THR A 2 -26.82 -1.55 -35.20
C THR A 2 -25.32 -1.80 -35.30
N ASP A 3 -24.56 -1.20 -34.38
CA ASP A 3 -23.12 -1.36 -34.35
C ASP A 3 -22.65 -1.97 -33.04
N LYS A 4 -21.88 -3.04 -33.12
CA LYS A 4 -21.37 -3.71 -31.93
C LYS A 4 -19.86 -3.88 -32.01
N LYS A 5 -19.16 -2.79 -32.33
CA LYS A 5 -17.71 -2.81 -32.43
C LYS A 5 -17.08 -3.22 -31.11
N GLY A 6 -15.76 -3.45 -31.13
CA GLY A 6 -15.07 -3.85 -29.91
C GLY A 6 -15.33 -2.91 -28.76
N GLU A 7 -15.27 -3.44 -27.54
CA GLU A 7 -15.50 -2.64 -26.35
C GLU A 7 -14.20 -2.02 -25.84
N ASN A 8 -14.30 -0.84 -25.24
CA ASN A 8 -13.13 -0.15 -24.70
C ASN A 8 -13.20 -0.09 -23.18
N ALA A 9 -12.95 -1.22 -22.54
CA ALA A 9 -12.97 -1.30 -21.07
C ALA A 9 -11.56 -1.45 -20.52
N PRO A 10 -10.91 -0.32 -20.22
CA PRO A 10 -9.55 -0.31 -19.67
C PRO A 10 -9.49 -0.83 -18.24
N ASP A 11 -10.66 -1.04 -17.65
CA ASP A 11 -10.75 -1.54 -16.28
C ASP A 11 -9.96 -2.84 -16.13
N THR A 12 -8.77 -2.74 -15.55
CA THR A 12 -7.91 -3.90 -15.34
C THR A 12 -6.80 -3.61 -14.35
N LYS A 13 -5.95 -4.59 -14.11
CA LYS A 13 -4.84 -4.43 -13.17
C LYS A 13 -3.90 -3.32 -13.62
N ARG A 14 -3.79 -3.14 -14.94
CA ARG A 14 -2.94 -2.11 -15.51
C ARG A 14 -3.68 -0.78 -15.61
N ILE A 15 -2.95 0.28 -15.95
CA ILE A 15 -3.53 1.61 -16.10
C ILE A 15 -4.17 2.06 -14.78
N LYS A 16 -4.47 3.35 -14.70
CA LYS A 16 -5.09 3.92 -13.50
C LYS A 16 -6.32 3.11 -13.09
N GLU A 17 -6.77 3.32 -11.85
CA GLU A 17 -7.93 2.61 -11.34
C GLU A 17 -8.71 3.49 -10.36
N THR A 18 -9.80 2.95 -9.83
CA THR A 18 -10.62 3.68 -8.87
C THR A 18 -9.80 4.21 -7.71
N LEU A 19 -8.74 3.48 -7.36
CA LEU A 19 -7.86 3.88 -6.27
C LEU A 19 -7.29 5.27 -6.52
N GLU A 20 -7.28 5.69 -7.78
CA GLU A 20 -6.77 7.01 -8.15
C GLU A 20 -7.49 8.12 -7.39
N LYS A 21 -8.70 7.81 -6.90
CA LYS A 21 -9.48 8.76 -6.15
C LYS A 21 -9.23 8.63 -4.64
N PHE A 22 -8.12 8.00 -4.29
CA PHE A 22 -7.75 7.81 -2.89
C PHE A 22 -6.33 8.28 -2.62
N SER A 23 -6.08 8.68 -1.39
CA SER A 23 -4.75 9.16 -1.00
C SER A 23 -4.04 8.15 -0.10
N LEU A 24 -2.72 8.16 -0.14
CA LEU A 24 -1.92 7.24 0.67
C LEU A 24 -2.33 7.33 2.14
N GLU A 25 -2.56 8.55 2.62
CA GLU A 25 -2.96 8.76 4.00
C GLU A 25 -4.15 7.88 4.36
N ASN A 26 -4.95 7.53 3.36
CA ASN A 26 -6.13 6.70 3.57
C ASN A 26 -5.78 5.22 3.43
N MET A 27 -4.77 4.93 2.61
CA MET A 27 -4.34 3.56 2.38
C MET A 27 -3.63 3.01 3.62
N ARG A 28 -3.98 1.78 4.01
CA ARG A 28 -3.37 1.14 5.16
C ARG A 28 -3.42 -0.38 5.03
N TYR A 29 -2.49 -1.05 5.68
CA TYR A 29 -2.41 -2.50 5.63
C TYR A 29 -3.48 -3.14 6.53
N VAL A 30 -4.39 -3.88 5.93
CA VAL A 30 -5.45 -4.54 6.67
C VAL A 30 -5.10 -5.98 6.98
N GLY A 31 -4.51 -6.66 6.00
CA GLY A 31 -4.12 -8.05 6.19
C GLY A 31 -3.52 -8.66 4.94
N ILE A 32 -3.60 -9.98 4.83
CA ILE A 32 -3.05 -10.69 3.68
C ILE A 32 -4.10 -11.59 3.04
N LEU A 33 -3.90 -11.93 1.77
CA LEU A 33 -4.83 -12.79 1.05
C LEU A 33 -4.08 -13.78 0.16
N LYS A 34 -4.19 -15.07 0.48
CA LYS A 34 -3.53 -16.11 -0.27
C LYS A 34 -4.20 -16.31 -1.63
N SER A 35 -3.44 -16.80 -2.59
CA SER A 35 -3.96 -17.04 -3.94
C SER A 35 -3.54 -18.40 -4.46
N GLY A 36 -4.09 -19.46 -3.86
CA GLY A 36 -3.75 -20.81 -4.28
C GLY A 36 -2.68 -21.43 -3.41
N GLN A 37 -1.44 -20.96 -3.57
CA GLN A 37 -0.32 -21.48 -2.79
C GLN A 37 0.68 -20.38 -2.47
N LYS A 38 0.17 -19.16 -2.29
CA LYS A 38 1.02 -18.02 -1.98
C LYS A 38 0.31 -17.06 -1.03
N VAL A 39 0.92 -15.92 -0.76
CA VAL A 39 0.35 -14.91 0.13
C VAL A 39 0.50 -13.51 -0.44
N SER A 40 -0.61 -12.80 -0.57
CA SER A 40 -0.60 -11.45 -1.10
C SER A 40 -0.94 -10.44 -0.02
N GLY A 41 -0.57 -9.18 -0.26
CA GLY A 41 -0.84 -8.12 0.71
C GLY A 41 -2.17 -7.44 0.47
N PHE A 42 -3.02 -7.42 1.49
CA PHE A 42 -4.34 -6.80 1.39
C PHE A 42 -4.32 -5.39 1.96
N ILE A 43 -4.56 -4.41 1.11
CA ILE A 43 -4.58 -3.01 1.54
C ILE A 43 -5.94 -2.38 1.30
N GLU A 44 -6.35 -1.51 2.22
CA GLU A 44 -7.64 -0.83 2.11
C GLU A 44 -7.46 0.69 2.10
N ALA A 45 -8.27 1.37 1.32
CA ALA A 45 -8.21 2.83 1.22
C ALA A 45 -9.59 3.45 1.39
N GLU A 46 -9.81 4.12 2.51
CA GLU A 46 -11.09 4.76 2.79
C GLU A 46 -12.24 3.82 2.47
N GLY A 47 -12.27 2.66 3.13
CA GLY A 47 -13.32 1.69 2.92
C GLY A 47 -13.00 0.74 1.78
N TYR A 48 -12.42 1.27 0.71
CA TYR A 48 -12.07 0.45 -0.45
C TYR A 48 -11.11 -0.68 -0.05
N VAL A 49 -11.42 -1.89 -0.48
CA VAL A 49 -10.60 -3.05 -0.17
C VAL A 49 -10.00 -3.65 -1.43
N TYR A 50 -8.69 -3.51 -1.59
CA TYR A 50 -7.99 -4.03 -2.76
C TYR A 50 -6.72 -4.78 -2.34
N THR A 51 -6.57 -5.99 -2.86
CA THR A 51 -5.40 -6.81 -2.54
C THR A 51 -4.32 -6.68 -3.62
N VAL A 52 -3.09 -7.00 -3.25
CA VAL A 52 -1.97 -6.91 -4.19
C VAL A 52 -0.95 -8.00 -3.93
N GLY A 53 -0.22 -8.40 -4.97
CA GLY A 53 0.79 -9.43 -4.82
C GLY A 53 2.08 -9.07 -5.52
N VAL A 54 3.07 -9.96 -5.41
CA VAL A 54 4.37 -9.74 -6.04
C VAL A 54 4.22 -9.13 -7.43
N GLY A 55 4.58 -7.85 -7.55
CA GLY A 55 4.47 -7.17 -8.83
C GLY A 55 3.07 -6.69 -9.12
N ASN A 56 2.56 -5.80 -8.28
CA ASN A 56 1.22 -5.26 -8.43
C ASN A 56 1.20 -3.75 -8.23
N TYR A 57 0.02 -3.15 -8.31
CA TYR A 57 -0.13 -1.71 -8.15
C TYR A 57 -0.85 -1.39 -6.84
N LEU A 58 -0.58 -0.21 -6.30
CA LEU A 58 -1.21 0.22 -5.05
C LEU A 58 -0.85 1.68 -4.74
N GLY A 59 -1.41 2.19 -3.64
CA GLY A 59 -1.13 3.56 -3.25
C GLY A 59 -2.06 4.55 -3.92
N GLN A 60 -1.59 5.79 -4.07
CA GLN A 60 -2.39 6.84 -4.69
C GLN A 60 -1.88 7.15 -6.10
N ASN A 61 -0.74 7.84 -6.16
CA ASN A 61 -0.14 8.21 -7.43
C ASN A 61 0.16 6.96 -8.27
N TYR A 62 1.35 6.40 -8.06
CA TYR A 62 1.75 5.21 -8.80
C TYR A 62 2.64 4.31 -7.93
N GLY A 63 2.00 3.47 -7.11
CA GLY A 63 2.73 2.58 -6.24
C GLY A 63 2.78 1.16 -6.78
N ARG A 64 3.93 0.52 -6.65
CA ARG A 64 4.11 -0.85 -7.13
C ARG A 64 4.65 -1.75 -6.03
N ILE A 65 3.97 -2.86 -5.78
CA ILE A 65 4.38 -3.80 -4.76
C ILE A 65 5.30 -4.87 -5.33
N GLU A 66 6.36 -5.19 -4.60
CA GLU A 66 7.32 -6.20 -5.03
C GLU A 66 7.42 -7.33 -4.01
N SER A 67 7.59 -6.96 -2.75
CA SER A 67 7.70 -7.94 -1.68
C SER A 67 6.47 -7.91 -0.78
N ILE A 68 6.02 -9.10 -0.37
CA ILE A 68 4.85 -9.21 0.49
C ILE A 68 5.04 -10.29 1.54
N THR A 69 5.23 -9.88 2.79
CA THR A 69 5.43 -10.83 3.88
C THR A 69 4.30 -10.72 4.91
N ASP A 70 4.29 -11.64 5.86
CA ASP A 70 3.26 -11.65 6.90
C ASP A 70 3.40 -10.42 7.80
N ASP A 71 2.38 -9.58 7.79
CA ASP A 71 2.38 -8.37 8.61
C ASP A 71 3.43 -7.38 8.11
N SER A 72 3.74 -7.46 6.82
CA SER A 72 4.74 -6.58 6.22
C SER A 72 4.67 -6.64 4.70
N ILE A 73 4.86 -5.49 4.06
CA ILE A 73 4.83 -5.42 2.60
C ILE A 73 5.76 -4.34 2.08
N VAL A 74 6.59 -4.70 1.11
CA VAL A 74 7.54 -3.75 0.53
C VAL A 74 7.10 -3.33 -0.87
N LEU A 75 6.93 -2.02 -1.04
CA LEU A 75 6.50 -1.48 -2.32
C LEU A 75 7.18 -0.14 -2.61
N ASN A 76 7.13 0.30 -3.87
CA ASN A 76 7.75 1.56 -4.25
C ASN A 76 6.69 2.55 -4.74
N GLU A 77 6.39 3.54 -3.91
CA GLU A 77 5.39 4.55 -4.24
C GLU A 77 6.02 5.68 -5.05
N LEU A 78 5.42 5.99 -6.20
CA LEU A 78 5.93 7.05 -7.06
C LEU A 78 5.11 8.33 -6.89
N ILE A 79 5.79 9.42 -6.57
CA ILE A 79 5.13 10.72 -6.38
C ILE A 79 6.08 11.87 -6.67
N GLU A 80 5.54 12.93 -7.27
CA GLU A 80 6.34 14.10 -7.61
C GLU A 80 6.93 14.74 -6.35
N ASP A 81 8.15 15.23 -6.47
CA ASP A 81 8.82 15.87 -5.34
C ASP A 81 9.52 17.16 -5.78
N SER A 82 10.39 17.68 -4.92
CA SER A 82 11.11 18.91 -5.21
C SER A 82 11.87 18.79 -6.53
N THR A 83 12.15 17.55 -6.94
CA THR A 83 12.87 17.30 -8.18
C THR A 83 12.04 17.71 -9.39
N GLY A 84 10.75 17.96 -9.16
CA GLY A 84 9.88 18.36 -10.24
C GLY A 84 9.42 17.18 -11.09
N ASN A 85 9.61 15.97 -10.57
CA ASN A 85 9.23 14.76 -11.29
C ASN A 85 8.90 13.64 -10.31
N TRP A 86 8.02 12.73 -10.74
CA TRP A 86 7.63 11.60 -9.90
C TRP A 86 8.86 10.80 -9.45
N VAL A 87 9.07 10.75 -8.14
CA VAL A 87 10.20 10.03 -7.58
C VAL A 87 9.75 8.72 -6.94
N SER A 88 10.53 7.66 -7.16
CA SER A 88 10.21 6.35 -6.61
C SER A 88 10.71 6.22 -5.18
N ARG A 89 9.83 5.77 -4.29
CA ARG A 89 10.19 5.60 -2.88
C ARG A 89 9.82 4.20 -2.40
N LYS A 90 10.84 3.36 -2.21
CA LYS A 90 10.64 2.00 -1.74
C LYS A 90 10.68 1.93 -0.22
N ALA A 91 9.70 1.25 0.37
CA ALA A 91 9.63 1.11 1.82
C ALA A 91 8.82 -0.13 2.21
N GLU A 92 9.01 -0.58 3.44
CA GLU A 92 8.29 -1.75 3.94
C GLU A 92 7.37 -1.39 5.09
N LEU A 93 6.06 -1.39 4.81
CA LEU A 93 5.08 -1.04 5.83
C LEU A 93 4.70 -2.28 6.66
N LEU A 94 4.46 -2.06 7.95
CA LEU A 94 4.09 -3.14 8.84
C LEU A 94 2.60 -3.12 9.15
N LEU A 95 1.98 -4.31 9.13
CA LEU A 95 0.55 -4.42 9.40
C LEU A 95 0.16 -3.66 10.66
N ASN A 96 -0.81 -2.76 10.53
CA ASN A 96 -1.27 -1.96 11.66
C ASN A 96 -2.52 -2.58 12.28
N SER A 97 -2.46 -3.88 12.55
CA SER A 97 -3.59 -4.59 13.15
C SER A 97 -3.67 -4.31 14.65
N SER A 98 -2.55 -3.91 15.23
CA SER A 98 -2.49 -3.61 16.66
C SER A 98 -3.57 -2.61 17.05
N ASP A 99 -4.36 -2.96 18.06
CA ASP A 99 -5.43 -2.07 18.53
C ASP A 99 -4.96 -1.26 19.73
N LYS A 100 -3.73 -0.77 19.67
CA LYS A 100 -3.17 0.03 20.75
C LYS A 100 -3.67 1.47 20.68
N ASN A 101 -3.83 2.10 21.84
CA ASN A 101 -4.32 3.47 21.91
C ASN A 101 -3.15 4.45 21.82
N THR A 102 -3.39 5.61 21.21
CA THR A 102 -2.36 6.63 21.06
C THR A 102 -2.85 7.98 21.59
N GLU A 103 -3.00 8.07 22.91
CA GLU A 103 -3.46 9.30 23.54
C GLU A 103 -2.42 10.40 23.40
N GLN A 104 -2.82 11.64 23.71
CA GLN A 104 -1.91 12.78 23.62
C GLN A 104 -0.68 12.56 24.48
N ALA A 105 0.24 13.53 24.47
CA ALA A 105 1.45 13.45 25.25
C ALA A 105 1.27 14.10 26.62
N ALA A 106 2.23 13.84 27.52
CA ALA A 106 2.16 14.40 28.86
C ALA A 106 3.08 15.62 29.00
N ALA A 107 2.69 16.55 29.85
CA ALA A 107 3.48 17.76 30.06
C ALA A 107 3.80 17.95 31.54
N PRO A 108 4.68 17.07 32.07
CA PRO A 108 5.10 17.11 33.47
C PRO A 108 5.97 18.32 33.78
N ALA A 109 6.33 18.49 35.05
CA ALA A 109 7.17 19.60 35.47
C ALA A 109 8.53 19.55 34.81
N ALA A 110 9.39 20.52 35.12
CA ALA A 110 10.72 20.57 34.55
C ALA A 110 11.52 19.31 34.89
N GLU A 111 12.06 18.67 33.86
CA GLU A 111 12.84 17.45 34.05
C GLU A 111 14.32 17.77 34.19
N GLN A 112 15.10 16.79 34.64
CA GLN A 112 16.54 16.97 34.82
C GLN A 112 17.31 15.85 34.14
N ASN A 113 18.53 16.14 33.72
CA ASN A 113 19.37 15.16 33.05
C ASN A 113 20.08 14.27 34.07
N GLU A 1 -9.11 -23.23 -17.95
CA GLU A 1 -9.27 -23.63 -16.56
C GLU A 1 -7.96 -23.44 -15.80
N THR A 2 -6.84 -23.60 -16.49
CA THR A 2 -5.53 -23.45 -15.87
C THR A 2 -5.32 -22.01 -15.38
N ASP A 3 -4.70 -21.88 -14.21
CA ASP A 3 -4.44 -20.57 -13.64
C ASP A 3 -3.61 -19.71 -14.59
N LYS A 4 -3.95 -18.43 -14.69
CA LYS A 4 -3.24 -17.50 -15.56
C LYS A 4 -2.32 -16.60 -14.76
N LYS A 5 -1.54 -17.20 -13.85
CA LYS A 5 -0.61 -16.45 -13.02
C LYS A 5 0.36 -15.65 -13.88
N GLY A 6 0.95 -14.62 -13.29
CA GLY A 6 1.90 -13.79 -14.02
C GLY A 6 3.32 -13.92 -13.49
N GLU A 7 4.29 -13.76 -14.36
CA GLU A 7 5.69 -13.87 -13.98
C GLU A 7 6.25 -12.51 -13.58
N ASN A 8 7.51 -12.49 -13.15
CA ASN A 8 8.17 -11.24 -12.74
C ASN A 8 8.50 -10.39 -13.95
N ALA A 9 7.50 -9.67 -14.45
CA ALA A 9 7.70 -8.79 -15.61
C ALA A 9 8.07 -7.38 -15.18
N PRO A 10 8.66 -6.61 -16.11
CA PRO A 10 9.07 -5.23 -15.85
C PRO A 10 7.89 -4.29 -15.68
N ASP A 11 8.17 -2.99 -15.62
CA ASP A 11 7.13 -1.99 -15.46
C ASP A 11 6.03 -2.17 -16.50
N THR A 12 4.89 -2.71 -16.07
CA THR A 12 3.76 -2.94 -16.96
C THR A 12 3.11 -1.63 -17.39
N LYS A 13 2.10 -1.72 -18.23
CA LYS A 13 1.38 -0.54 -18.71
C LYS A 13 -0.05 -0.52 -18.20
N ARG A 14 -0.25 -0.96 -16.97
CA ARG A 14 -1.58 -0.99 -16.36
C ARG A 14 -2.26 0.36 -16.49
N ILE A 15 -3.59 0.35 -16.55
CA ILE A 15 -4.36 1.57 -16.67
C ILE A 15 -4.85 2.05 -15.30
N LYS A 16 -5.32 3.30 -15.25
CA LYS A 16 -5.81 3.87 -14.01
C LYS A 16 -6.85 2.97 -13.37
N GLU A 17 -7.14 3.21 -12.10
CA GLU A 17 -8.13 2.43 -11.36
C GLU A 17 -8.86 3.28 -10.33
N THR A 18 -9.94 2.73 -9.78
CA THR A 18 -10.73 3.45 -8.78
C THR A 18 -9.85 3.95 -7.65
N LEU A 19 -8.83 3.17 -7.30
CA LEU A 19 -7.91 3.55 -6.23
C LEU A 19 -7.33 4.94 -6.47
N GLU A 20 -7.29 5.35 -7.74
CA GLU A 20 -6.76 6.66 -8.10
C GLU A 20 -7.52 7.77 -7.38
N LYS A 21 -8.73 7.46 -6.93
CA LYS A 21 -9.56 8.42 -6.23
C LYS A 21 -9.36 8.32 -4.72
N PHE A 22 -8.24 7.73 -4.32
CA PHE A 22 -7.93 7.56 -2.90
C PHE A 22 -6.51 8.05 -2.60
N SER A 23 -6.32 8.60 -1.40
CA SER A 23 -5.02 9.10 -0.98
C SER A 23 -4.26 8.04 -0.18
N LEU A 24 -2.96 8.24 -0.05
CA LEU A 24 -2.11 7.32 0.69
C LEU A 24 -2.43 7.36 2.19
N GLU A 25 -2.62 8.57 2.71
CA GLU A 25 -2.93 8.75 4.12
C GLU A 25 -4.12 7.88 4.53
N ASN A 26 -4.95 7.54 3.56
CA ASN A 26 -6.13 6.71 3.81
C ASN A 26 -5.79 5.23 3.67
N MET A 27 -4.84 4.93 2.79
CA MET A 27 -4.43 3.55 2.55
C MET A 27 -3.80 2.95 3.80
N ARG A 28 -4.20 1.73 4.13
CA ARG A 28 -3.68 1.04 5.31
C ARG A 28 -3.71 -0.48 5.12
N TYR A 29 -2.80 -1.17 5.79
CA TYR A 29 -2.73 -2.63 5.69
C TYR A 29 -3.81 -3.28 6.54
N VAL A 30 -4.71 -4.02 5.90
CA VAL A 30 -5.78 -4.70 6.61
C VAL A 30 -5.41 -6.15 6.89
N GLY A 31 -4.81 -6.82 5.91
CA GLY A 31 -4.42 -8.19 6.08
C GLY A 31 -3.79 -8.78 4.83
N ILE A 32 -3.82 -10.11 4.72
CA ILE A 32 -3.25 -10.79 3.56
C ILE A 32 -4.29 -11.68 2.89
N LEU A 33 -3.95 -12.18 1.70
CA LEU A 33 -4.84 -13.06 0.96
C LEU A 33 -4.06 -14.11 0.18
N LYS A 34 -4.18 -15.36 0.60
CA LYS A 34 -3.48 -16.46 -0.05
C LYS A 34 -4.19 -16.86 -1.34
N SER A 35 -3.42 -17.25 -2.35
CA SER A 35 -3.97 -17.66 -3.63
C SER A 35 -3.52 -19.06 -4.00
N GLY A 36 -4.02 -20.05 -3.26
CA GLY A 36 -3.66 -21.43 -3.53
C GLY A 36 -2.41 -21.86 -2.77
N GLN A 37 -1.27 -21.30 -3.15
CA GLN A 37 0.00 -21.62 -2.50
C GLN A 37 0.89 -20.40 -2.39
N LYS A 38 0.27 -19.22 -2.47
CA LYS A 38 1.00 -17.96 -2.38
C LYS A 38 0.39 -17.05 -1.32
N VAL A 39 1.00 -15.88 -1.13
CA VAL A 39 0.51 -14.92 -0.15
C VAL A 39 0.54 -13.50 -0.71
N SER A 40 -0.62 -12.85 -0.74
CA SER A 40 -0.72 -11.50 -1.26
C SER A 40 -1.07 -10.52 -0.14
N GLY A 41 -0.79 -9.24 -0.38
CA GLY A 41 -1.07 -8.22 0.62
C GLY A 41 -2.40 -7.53 0.38
N PHE A 42 -3.25 -7.51 1.39
CA PHE A 42 -4.56 -6.87 1.29
C PHE A 42 -4.55 -5.47 1.90
N ILE A 43 -4.75 -4.47 1.06
CA ILE A 43 -4.77 -3.08 1.52
C ILE A 43 -6.12 -2.43 1.28
N GLU A 44 -6.54 -1.59 2.22
CA GLU A 44 -7.83 -0.90 2.10
C GLU A 44 -7.62 0.61 2.07
N ALA A 45 -8.45 1.30 1.28
CA ALA A 45 -8.36 2.75 1.17
C ALA A 45 -9.73 3.40 1.38
N GLU A 46 -9.90 4.03 2.52
CA GLU A 46 -11.17 4.70 2.84
C GLU A 46 -12.35 3.78 2.52
N GLY A 47 -12.37 2.61 3.17
CA GLY A 47 -13.46 1.67 2.95
C GLY A 47 -13.16 0.71 1.81
N TYR A 48 -12.57 1.22 0.75
CA TYR A 48 -12.23 0.40 -0.41
C TYR A 48 -11.30 -0.74 -0.02
N VAL A 49 -11.54 -1.92 -0.56
CA VAL A 49 -10.72 -3.09 -0.28
C VAL A 49 -10.10 -3.66 -1.55
N TYR A 50 -8.79 -3.52 -1.69
CA TYR A 50 -8.10 -4.02 -2.87
C TYR A 50 -6.83 -4.78 -2.47
N THR A 51 -6.65 -5.96 -3.04
CA THR A 51 -5.48 -6.78 -2.74
C THR A 51 -4.38 -6.56 -3.77
N VAL A 52 -3.15 -6.85 -3.36
CA VAL A 52 -2.00 -6.69 -4.24
C VAL A 52 -0.92 -7.71 -3.95
N GLY A 53 -0.21 -8.15 -4.99
CA GLY A 53 0.85 -9.13 -4.81
C GLY A 53 2.11 -8.76 -5.57
N VAL A 54 3.14 -9.58 -5.41
CA VAL A 54 4.42 -9.34 -6.08
C VAL A 54 4.20 -8.79 -7.48
N GLY A 55 4.51 -7.51 -7.67
CA GLY A 55 4.33 -6.87 -8.97
C GLY A 55 2.92 -6.39 -9.19
N ASN A 56 2.46 -5.48 -8.35
CA ASN A 56 1.11 -4.94 -8.46
C ASN A 56 1.11 -3.43 -8.21
N TYR A 57 -0.08 -2.84 -8.26
CA TYR A 57 -0.23 -1.40 -8.04
C TYR A 57 -0.95 -1.13 -6.72
N LEU A 58 -0.67 0.03 -6.14
CA LEU A 58 -1.29 0.42 -4.87
C LEU A 58 -0.93 1.85 -4.51
N GLY A 59 -1.48 2.33 -3.39
CA GLY A 59 -1.20 3.68 -2.94
C GLY A 59 -2.05 4.72 -3.66
N GLN A 60 -1.62 5.97 -3.60
CA GLN A 60 -2.35 7.06 -4.24
C GLN A 60 -1.69 7.46 -5.56
N ASN A 61 -0.56 8.16 -5.46
CA ASN A 61 0.16 8.60 -6.64
C ASN A 61 0.47 7.43 -7.56
N TYR A 62 1.62 6.81 -7.35
CA TYR A 62 2.03 5.67 -8.16
C TYR A 62 2.84 4.67 -7.34
N GLY A 63 2.12 3.80 -6.63
CA GLY A 63 2.78 2.80 -5.80
C GLY A 63 2.74 1.42 -6.42
N ARG A 64 3.89 0.74 -6.42
CA ARG A 64 3.98 -0.60 -6.99
C ARG A 64 4.64 -1.57 -6.01
N ILE A 65 3.94 -2.66 -5.73
CA ILE A 65 4.46 -3.67 -4.80
C ILE A 65 5.32 -4.70 -5.53
N GLU A 66 6.35 -5.19 -4.85
CA GLU A 66 7.24 -6.18 -5.43
C GLU A 66 7.47 -7.34 -4.46
N SER A 67 7.70 -7.01 -3.19
CA SER A 67 7.94 -8.02 -2.17
C SER A 67 6.82 -8.02 -1.13
N ILE A 68 6.52 -9.20 -0.60
CA ILE A 68 5.46 -9.33 0.40
C ILE A 68 5.93 -10.18 1.59
N THR A 69 5.37 -9.93 2.76
CA THR A 69 5.72 -10.66 3.96
C THR A 69 4.61 -10.61 5.00
N ASP A 70 4.72 -11.44 6.03
CA ASP A 70 3.72 -11.47 7.09
C ASP A 70 3.57 -10.10 7.74
N ASP A 71 2.34 -9.62 7.80
CA ASP A 71 2.06 -8.32 8.40
C ASP A 71 3.09 -7.27 7.95
N SER A 72 3.52 -7.38 6.70
CA SER A 72 4.50 -6.45 6.15
C SER A 72 4.59 -6.60 4.63
N ILE A 73 4.54 -5.47 3.93
CA ILE A 73 4.62 -5.46 2.47
C ILE A 73 5.67 -4.47 1.98
N VAL A 74 6.42 -4.86 0.97
CA VAL A 74 7.45 -4.00 0.40
C VAL A 74 7.06 -3.51 -0.99
N LEU A 75 6.89 -2.19 -1.12
CA LEU A 75 6.51 -1.58 -2.38
C LEU A 75 7.25 -0.27 -2.61
N ASN A 76 7.22 0.22 -3.84
CA ASN A 76 7.88 1.47 -4.18
C ASN A 76 6.87 2.54 -4.56
N GLU A 77 6.69 3.52 -3.68
CA GLU A 77 5.75 4.61 -3.92
C GLU A 77 6.40 5.73 -4.71
N LEU A 78 5.75 6.14 -5.80
CA LEU A 78 6.28 7.21 -6.65
C LEU A 78 5.48 8.51 -6.44
N ILE A 79 6.20 9.59 -6.13
CA ILE A 79 5.56 10.88 -5.92
C ILE A 79 6.47 12.02 -6.36
N GLU A 80 5.87 13.07 -6.91
CA GLU A 80 6.62 14.23 -7.36
C GLU A 80 7.38 14.89 -6.21
N ASP A 81 8.59 15.37 -6.50
CA ASP A 81 9.40 16.02 -5.49
C ASP A 81 10.12 17.24 -6.07
N SER A 82 11.13 17.73 -5.34
CA SER A 82 11.89 18.89 -5.79
C SER A 82 12.46 18.65 -7.18
N THR A 83 12.59 17.39 -7.56
CA THR A 83 13.13 17.04 -8.88
C THR A 83 12.19 17.47 -9.99
N GLY A 84 10.96 17.84 -9.62
CA GLY A 84 9.99 18.27 -10.60
C GLY A 84 9.35 17.11 -11.33
N ASN A 85 9.56 15.90 -10.82
CA ASN A 85 9.00 14.70 -11.42
C ASN A 85 8.80 13.61 -10.38
N TRP A 86 7.84 12.73 -10.64
CA TRP A 86 7.54 11.63 -9.72
C TRP A 86 8.79 10.80 -9.44
N VAL A 87 9.20 10.75 -8.18
CA VAL A 87 10.38 9.99 -7.79
C VAL A 87 9.99 8.70 -7.07
N SER A 88 10.66 7.61 -7.43
CA SER A 88 10.38 6.31 -6.82
C SER A 88 10.98 6.23 -5.42
N ARG A 89 10.19 5.70 -4.48
CA ARG A 89 10.65 5.56 -3.10
C ARG A 89 10.24 4.21 -2.53
N LYS A 90 11.22 3.33 -2.37
CA LYS A 90 10.96 1.99 -1.83
C LYS A 90 10.75 2.05 -0.33
N ALA A 91 9.67 1.43 0.14
CA ALA A 91 9.36 1.40 1.56
C ALA A 91 8.54 0.18 1.93
N GLU A 92 8.68 -0.29 3.16
CA GLU A 92 7.96 -1.47 3.63
C GLU A 92 7.01 -1.10 4.76
N LEU A 93 5.71 -1.26 4.53
CA LEU A 93 4.70 -0.95 5.53
C LEU A 93 4.43 -2.15 6.42
N LEU A 94 4.18 -1.90 7.70
CA LEU A 94 3.89 -2.97 8.65
C LEU A 94 2.41 -2.99 9.00
N LEU A 95 1.85 -4.21 9.07
CA LEU A 95 0.45 -4.37 9.41
C LEU A 95 0.07 -3.56 10.64
N ASN A 96 -0.98 -2.76 10.52
CA ASN A 96 -1.44 -1.93 11.63
C ASN A 96 -2.62 -2.59 12.34
N SER A 97 -2.50 -3.88 12.62
CA SER A 97 -3.55 -4.62 13.30
C SER A 97 -3.63 -4.23 14.77
N SER A 98 -4.41 -4.98 15.54
CA SER A 98 -4.59 -4.70 16.96
C SER A 98 -3.24 -4.58 17.65
N ASP A 99 -3.25 -4.00 18.85
CA ASP A 99 -2.03 -3.81 19.63
C ASP A 99 -2.28 -4.04 21.11
N LYS A 100 -2.61 -5.28 21.47
CA LYS A 100 -2.88 -5.63 22.86
C LYS A 100 -1.74 -5.20 23.76
N ASN A 101 -1.95 -5.31 25.07
CA ASN A 101 -0.92 -4.93 26.04
C ASN A 101 0.24 -5.91 26.02
N THR A 102 1.17 -5.70 25.10
CA THR A 102 2.33 -6.57 24.97
C THR A 102 3.61 -5.87 25.43
N GLU A 103 3.67 -5.53 26.71
CA GLU A 103 4.83 -4.86 27.26
C GLU A 103 6.11 -5.65 27.00
N GLN A 104 7.25 -4.99 27.10
CA GLN A 104 8.53 -5.63 26.88
C GLN A 104 9.58 -5.14 27.89
N ALA A 105 10.78 -5.70 27.80
CA ALA A 105 11.86 -5.32 28.71
C ALA A 105 13.05 -4.77 27.94
N ALA A 106 13.51 -3.59 28.33
CA ALA A 106 14.65 -2.94 27.68
C ALA A 106 15.27 -1.89 28.58
N ALA A 107 16.37 -1.29 28.11
CA ALA A 107 17.05 -0.26 28.87
C ALA A 107 16.12 0.90 29.21
N PRO A 108 16.50 1.70 30.23
CA PRO A 108 15.70 2.85 30.66
C PRO A 108 15.70 3.98 29.65
N ALA A 109 15.03 5.07 29.98
CA ALA A 109 14.96 6.22 29.10
C ALA A 109 14.81 7.52 29.89
N ALA A 110 14.84 8.64 29.18
CA ALA A 110 14.70 9.95 29.83
C ALA A 110 14.48 11.04 28.79
N GLU A 111 14.32 12.28 29.27
CA GLU A 111 14.10 13.42 28.38
C GLU A 111 14.12 14.73 29.17
N GLN A 112 14.07 15.84 28.44
CA GLN A 112 14.08 17.16 29.07
C GLN A 112 12.97 18.04 28.50
N ASN A 113 12.36 18.84 29.37
CA ASN A 113 11.29 19.74 28.96
C ASN A 113 11.85 21.06 28.45
N GLU A 1 -14.12 23.72 -22.69
CA GLU A 1 -14.71 22.78 -23.62
C GLU A 1 -15.55 23.51 -24.67
N THR A 2 -14.96 24.53 -25.29
CA THR A 2 -15.65 25.31 -26.30
C THR A 2 -15.69 24.56 -27.63
N ASP A 3 -14.71 23.69 -27.84
CA ASP A 3 -14.64 22.91 -29.07
C ASP A 3 -14.34 21.45 -28.77
N LYS A 4 -14.65 20.57 -29.72
CA LYS A 4 -14.41 19.14 -29.56
C LYS A 4 -13.38 18.64 -30.58
N LYS A 5 -12.18 19.21 -30.53
CA LYS A 5 -11.12 18.81 -31.45
C LYS A 5 -10.01 18.08 -30.71
N GLY A 6 -9.08 17.51 -31.46
CA GLY A 6 -7.97 16.79 -30.85
C GLY A 6 -6.63 17.23 -31.41
N GLU A 7 -5.77 17.73 -30.53
CA GLU A 7 -4.44 18.19 -30.92
C GLU A 7 -3.36 17.27 -30.36
N ASN A 8 -2.11 17.60 -30.68
CA ASN A 8 -0.97 16.81 -30.19
C ASN A 8 -0.72 17.06 -28.72
N ALA A 9 -1.51 16.43 -27.86
CA ALA A 9 -1.38 16.59 -26.41
C ALA A 9 -1.32 15.23 -25.72
N PRO A 10 -0.10 14.70 -25.55
CA PRO A 10 0.13 13.40 -24.90
C PRO A 10 -0.18 13.45 -23.40
N ASP A 11 -0.19 14.65 -22.85
CA ASP A 11 -0.46 14.83 -21.42
C ASP A 11 -1.91 15.29 -21.20
N THR A 12 -2.85 14.38 -21.43
CA THR A 12 -4.26 14.69 -21.26
C THR A 12 -4.64 14.75 -19.78
N LYS A 13 -5.90 15.06 -19.52
CA LYS A 13 -6.39 15.15 -18.15
C LYS A 13 -7.28 13.96 -17.80
N ARG A 14 -6.96 12.81 -18.37
CA ARG A 14 -7.73 11.59 -18.13
C ARG A 14 -7.46 11.04 -16.72
N ILE A 15 -8.33 10.15 -16.27
CA ILE A 15 -8.18 9.56 -14.94
C ILE A 15 -7.72 8.11 -15.05
N LYS A 16 -7.28 7.55 -13.92
CA LYS A 16 -6.81 6.17 -13.88
C LYS A 16 -7.68 5.33 -12.95
N GLU A 17 -7.08 4.31 -12.36
CA GLU A 17 -7.81 3.42 -11.46
C GLU A 17 -8.64 4.22 -10.46
N THR A 18 -9.68 3.59 -9.93
CA THR A 18 -10.57 4.24 -8.97
C THR A 18 -9.82 4.63 -7.71
N LEU A 19 -8.81 3.83 -7.36
CA LEU A 19 -8.01 4.08 -6.16
C LEU A 19 -7.33 5.45 -6.23
N GLU A 20 -7.25 5.99 -7.45
CA GLU A 20 -6.61 7.29 -7.66
C GLU A 20 -7.28 8.36 -6.79
N LYS A 21 -8.60 8.27 -6.66
CA LYS A 21 -9.36 9.23 -5.85
C LYS A 21 -8.97 9.12 -4.38
N PHE A 22 -8.26 8.05 -4.04
CA PHE A 22 -7.83 7.83 -2.66
C PHE A 22 -6.36 8.22 -2.48
N SER A 23 -6.03 8.66 -1.27
CA SER A 23 -4.66 9.08 -0.96
C SER A 23 -3.95 8.03 -0.12
N LEU A 24 -2.62 8.01 -0.21
CA LEU A 24 -1.83 7.05 0.54
C LEU A 24 -2.15 7.11 2.03
N GLU A 25 -2.29 8.33 2.55
CA GLU A 25 -2.60 8.53 3.95
C GLU A 25 -3.82 7.71 4.37
N ASN A 26 -4.68 7.41 3.40
CA ASN A 26 -5.88 6.64 3.65
C ASN A 26 -5.60 5.14 3.55
N MET A 27 -4.67 4.78 2.66
CA MET A 27 -4.30 3.39 2.46
C MET A 27 -3.65 2.82 3.72
N ARG A 28 -4.10 1.64 4.14
CA ARG A 28 -3.57 0.99 5.33
C ARG A 28 -3.62 -0.53 5.18
N TYR A 29 -2.71 -1.22 5.87
CA TYR A 29 -2.65 -2.67 5.82
C TYR A 29 -3.75 -3.29 6.67
N VAL A 30 -4.68 -3.98 6.01
CA VAL A 30 -5.79 -4.63 6.69
C VAL A 30 -5.48 -6.10 6.97
N GLY A 31 -4.87 -6.77 6.00
CA GLY A 31 -4.54 -8.16 6.14
C GLY A 31 -3.89 -8.75 4.91
N ILE A 32 -4.04 -10.06 4.72
CA ILE A 32 -3.47 -10.73 3.57
C ILE A 32 -4.46 -11.74 2.97
N LEU A 33 -4.18 -12.18 1.75
CA LEU A 33 -5.05 -13.14 1.07
C LEU A 33 -4.22 -14.09 0.21
N LYS A 34 -4.32 -15.38 0.51
CA LYS A 34 -3.59 -16.40 -0.23
C LYS A 34 -3.88 -16.28 -1.73
N SER A 35 -2.97 -16.82 -2.55
CA SER A 35 -3.12 -16.78 -3.99
C SER A 35 -2.55 -18.03 -4.64
N GLY A 36 -3.21 -19.17 -4.43
CA GLY A 36 -2.74 -20.42 -5.00
C GLY A 36 -1.72 -21.10 -4.12
N GLN A 37 -0.54 -20.49 -4.00
CA GLN A 37 0.53 -21.06 -3.19
C GLN A 37 1.39 -19.95 -2.58
N LYS A 38 0.83 -18.74 -2.51
CA LYS A 38 1.54 -17.61 -1.95
C LYS A 38 0.59 -16.72 -1.15
N VAL A 39 1.14 -15.67 -0.54
CA VAL A 39 0.34 -14.74 0.25
C VAL A 39 0.37 -13.34 -0.34
N SER A 40 -0.79 -12.75 -0.52
CA SER A 40 -0.89 -11.40 -1.08
C SER A 40 -1.27 -10.38 0.00
N GLY A 41 -0.73 -9.18 -0.12
CA GLY A 41 -1.03 -8.14 0.85
C GLY A 41 -2.34 -7.43 0.56
N PHE A 42 -3.25 -7.45 1.54
CA PHE A 42 -4.54 -6.80 1.39
C PHE A 42 -4.54 -5.40 2.00
N ILE A 43 -4.74 -4.39 1.15
CA ILE A 43 -4.75 -3.02 1.61
C ILE A 43 -6.11 -2.36 1.34
N GLU A 44 -6.53 -1.50 2.26
CA GLU A 44 -7.80 -0.81 2.12
C GLU A 44 -7.61 0.70 2.11
N ALA A 45 -8.41 1.39 1.30
CA ALA A 45 -8.32 2.85 1.20
C ALA A 45 -9.69 3.50 1.42
N GLU A 46 -9.86 4.11 2.59
CA GLU A 46 -11.12 4.75 2.92
C GLU A 46 -12.31 3.90 2.50
N GLY A 47 -12.45 2.74 3.13
CA GLY A 47 -13.56 1.85 2.80
C GLY A 47 -13.21 0.89 1.68
N TYR A 48 -12.55 1.40 0.65
CA TYR A 48 -12.16 0.58 -0.49
C TYR A 48 -11.25 -0.56 -0.05
N VAL A 49 -11.52 -1.75 -0.58
CA VAL A 49 -10.74 -2.94 -0.26
C VAL A 49 -10.12 -3.56 -1.50
N TYR A 50 -8.81 -3.42 -1.63
CA TYR A 50 -8.09 -3.97 -2.78
C TYR A 50 -6.84 -4.71 -2.35
N THR A 51 -6.68 -5.94 -2.84
CA THR A 51 -5.52 -6.76 -2.50
C THR A 51 -4.43 -6.63 -3.56
N VAL A 52 -3.20 -6.97 -3.17
CA VAL A 52 -2.07 -6.89 -4.09
C VAL A 52 -1.05 -7.98 -3.79
N GLY A 53 -0.28 -8.36 -4.82
CA GLY A 53 0.73 -9.39 -4.64
C GLY A 53 2.03 -9.05 -5.34
N VAL A 54 3.00 -9.96 -5.25
CA VAL A 54 4.30 -9.75 -5.88
C VAL A 54 4.16 -9.13 -7.26
N GLY A 55 4.55 -7.87 -7.39
CA GLY A 55 4.45 -7.19 -8.67
C GLY A 55 3.04 -6.73 -8.98
N ASN A 56 2.51 -5.84 -8.14
CA ASN A 56 1.16 -5.33 -8.33
C ASN A 56 1.12 -3.81 -8.17
N TYR A 57 -0.07 -3.24 -8.28
CA TYR A 57 -0.24 -1.80 -8.14
C TYR A 57 -0.97 -1.44 -6.85
N LEU A 58 -0.73 -0.24 -6.35
CA LEU A 58 -1.37 0.22 -5.12
C LEU A 58 -1.06 1.69 -4.86
N GLY A 59 -1.60 2.22 -3.77
CA GLY A 59 -1.35 3.61 -3.43
C GLY A 59 -2.22 4.56 -4.23
N GLN A 60 -1.89 5.84 -4.18
CA GLN A 60 -2.64 6.86 -4.91
C GLN A 60 -2.01 7.14 -6.28
N ASN A 61 -0.89 7.84 -6.26
CA ASN A 61 -0.19 8.18 -7.49
C ASN A 61 0.13 6.92 -8.30
N TYR A 62 1.31 6.36 -8.08
CA TYR A 62 1.73 5.16 -8.80
C TYR A 62 2.60 4.28 -7.91
N GLY A 63 1.96 3.42 -7.12
CA GLY A 63 2.70 2.53 -6.24
C GLY A 63 2.73 1.10 -6.74
N ARG A 64 3.87 0.45 -6.58
CA ARG A 64 4.03 -0.93 -7.02
C ARG A 64 4.59 -1.81 -5.91
N ILE A 65 3.94 -2.93 -5.66
CA ILE A 65 4.36 -3.86 -4.61
C ILE A 65 5.29 -4.93 -5.19
N GLU A 66 6.35 -5.24 -4.44
CA GLU A 66 7.31 -6.25 -4.87
C GLU A 66 7.38 -7.38 -3.86
N SER A 67 7.79 -7.06 -2.64
CA SER A 67 7.90 -8.07 -1.58
C SER A 67 6.67 -8.03 -0.67
N ILE A 68 6.18 -9.22 -0.31
CA ILE A 68 5.02 -9.33 0.55
C ILE A 68 5.22 -10.41 1.61
N THR A 69 5.42 -9.99 2.85
CA THR A 69 5.63 -10.91 3.96
C THR A 69 4.48 -10.84 4.96
N ASP A 70 4.48 -11.77 5.93
CA ASP A 70 3.44 -11.79 6.95
C ASP A 70 3.53 -10.57 7.85
N ASP A 71 2.49 -9.74 7.82
CA ASP A 71 2.45 -8.54 8.64
C ASP A 71 3.48 -7.53 8.16
N SER A 72 3.82 -7.59 6.88
CA SER A 72 4.81 -6.69 6.30
C SER A 72 4.80 -6.77 4.78
N ILE A 73 4.92 -5.62 4.12
CA ILE A 73 4.92 -5.56 2.67
C ILE A 73 5.86 -4.47 2.16
N VAL A 74 6.75 -4.84 1.25
CA VAL A 74 7.69 -3.89 0.68
C VAL A 74 7.26 -3.45 -0.71
N LEU A 75 6.96 -2.16 -0.85
CA LEU A 75 6.53 -1.61 -2.13
C LEU A 75 7.23 -0.29 -2.42
N ASN A 76 7.05 0.22 -3.63
CA ASN A 76 7.69 1.47 -4.03
C ASN A 76 6.64 2.44 -4.59
N GLU A 77 6.34 3.49 -3.83
CA GLU A 77 5.36 4.49 -4.26
C GLU A 77 6.03 5.59 -5.07
N LEU A 78 5.38 5.96 -6.18
CA LEU A 78 5.92 7.00 -7.05
C LEU A 78 5.11 8.28 -6.92
N ILE A 79 5.79 9.39 -6.61
CA ILE A 79 5.14 10.67 -6.46
C ILE A 79 6.09 11.82 -6.79
N GLU A 80 5.55 12.86 -7.41
CA GLU A 80 6.36 14.02 -7.79
C GLU A 80 6.96 14.68 -6.55
N ASP A 81 8.12 15.32 -6.74
CA ASP A 81 8.79 15.99 -5.64
C ASP A 81 9.58 17.20 -6.15
N SER A 82 10.48 17.71 -5.31
CA SER A 82 11.29 18.86 -5.67
C SER A 82 12.04 18.61 -6.98
N THR A 83 12.22 17.34 -7.32
CA THR A 83 12.93 16.97 -8.54
C THR A 83 12.14 17.38 -9.77
N GLY A 84 10.87 17.75 -9.57
CA GLY A 84 10.04 18.16 -10.67
C GLY A 84 9.49 16.99 -11.46
N ASN A 85 9.65 15.79 -10.91
CA ASN A 85 9.18 14.58 -11.57
C ASN A 85 8.88 13.49 -10.54
N TRP A 86 7.99 12.56 -10.91
CA TRP A 86 7.61 11.47 -10.03
C TRP A 86 8.84 10.69 -9.56
N VAL A 87 9.06 10.67 -8.25
CA VAL A 87 10.20 9.96 -7.68
C VAL A 87 9.77 8.67 -7.01
N SER A 88 10.57 7.61 -7.20
CA SER A 88 10.26 6.31 -6.62
C SER A 88 10.72 6.25 -5.17
N ARG A 89 9.83 5.78 -4.30
CA ARG A 89 10.14 5.67 -2.87
C ARG A 89 9.79 4.28 -2.35
N LYS A 90 10.81 3.48 -2.10
CA LYS A 90 10.63 2.12 -1.60
C LYS A 90 10.55 2.11 -0.06
N ALA A 91 9.61 1.35 0.47
CA ALA A 91 9.44 1.26 1.92
C ALA A 91 8.64 0.01 2.30
N GLU A 92 8.87 -0.49 3.51
CA GLU A 92 8.17 -1.67 3.99
C GLU A 92 7.20 -1.33 5.12
N LEU A 93 5.91 -1.45 4.84
CA LEU A 93 4.88 -1.15 5.83
C LEU A 93 4.59 -2.36 6.71
N LEU A 94 4.34 -2.11 7.98
CA LEU A 94 4.05 -3.19 8.93
C LEU A 94 2.56 -3.24 9.24
N LEU A 95 1.98 -4.44 9.20
CA LEU A 95 0.57 -4.63 9.48
C LEU A 95 0.19 -3.96 10.79
N ASN A 96 -0.86 -3.13 10.74
CA ASN A 96 -1.33 -2.43 11.93
C ASN A 96 -2.36 -3.27 12.69
N SER A 97 -2.02 -4.53 12.94
CA SER A 97 -2.91 -5.43 13.65
C SER A 97 -3.17 -4.93 15.07
N SER A 98 -4.01 -5.66 15.81
CA SER A 98 -4.34 -5.29 17.17
C SER A 98 -3.25 -5.73 18.14
N ASP A 99 -2.33 -4.83 18.44
CA ASP A 99 -1.23 -5.12 19.34
C ASP A 99 -1.55 -4.65 20.76
N LYS A 100 -2.82 -4.71 21.12
CA LYS A 100 -3.27 -4.29 22.44
C LYS A 100 -3.73 -5.48 23.27
N ASN A 101 -3.92 -5.26 24.56
CA ASN A 101 -4.37 -6.32 25.46
C ASN A 101 -5.88 -6.33 25.59
N THR A 102 -6.45 -7.53 25.68
CA THR A 102 -7.90 -7.68 25.80
C THR A 102 -8.28 -8.30 27.14
N GLU A 103 -8.08 -7.54 28.21
CA GLU A 103 -8.39 -8.02 29.56
C GLU A 103 -9.89 -8.30 29.69
N GLN A 104 -10.23 -9.28 30.53
CA GLN A 104 -11.61 -9.65 30.75
C GLN A 104 -12.46 -8.43 31.11
N ALA A 105 -13.72 -8.44 30.69
CA ALA A 105 -14.64 -7.34 30.97
C ALA A 105 -16.08 -7.82 31.03
N ALA A 106 -16.85 -7.25 31.95
CA ALA A 106 -18.25 -7.62 32.10
C ALA A 106 -18.99 -7.54 30.77
N ALA A 107 -20.02 -8.37 30.61
CA ALA A 107 -20.81 -8.39 29.38
C ALA A 107 -22.00 -9.33 29.52
N PRO A 108 -23.00 -9.13 28.65
CA PRO A 108 -24.23 -9.95 28.65
C PRO A 108 -23.96 -11.38 28.18
N ALA A 109 -24.68 -12.33 28.77
CA ALA A 109 -24.53 -13.74 28.41
C ALA A 109 -25.76 -14.53 28.81
N ALA A 110 -26.52 -14.99 27.81
CA ALA A 110 -27.72 -15.77 28.05
C ALA A 110 -27.89 -16.86 26.99
N GLU A 111 -28.17 -18.08 27.45
CA GLU A 111 -28.35 -19.20 26.54
C GLU A 111 -29.75 -19.82 26.71
N GLN A 112 -30.27 -20.37 25.61
CA GLN A 112 -31.59 -20.98 25.63
C GLN A 112 -31.64 -22.14 26.62
N ASN A 113 -31.03 -23.26 26.24
CA ASN A 113 -31.01 -24.45 27.10
C ASN A 113 -30.50 -24.11 28.49
N GLU A 1 -9.49 -3.41 -38.88
CA GLU A 1 -8.10 -3.35 -38.46
C GLU A 1 -7.96 -3.69 -36.97
N THR A 2 -8.84 -4.56 -36.49
CA THR A 2 -8.82 -4.96 -35.08
C THR A 2 -7.85 -6.10 -34.85
N ASP A 3 -7.01 -5.95 -33.83
CA ASP A 3 -6.02 -6.97 -33.49
C ASP A 3 -6.00 -7.24 -31.98
N LYS A 4 -5.60 -8.44 -31.61
CA LYS A 4 -5.53 -8.82 -30.20
C LYS A 4 -4.20 -9.49 -29.89
N LYS A 5 -3.11 -8.84 -30.26
CA LYS A 5 -1.78 -9.38 -30.01
C LYS A 5 -1.10 -8.62 -28.87
N GLY A 6 -0.01 -9.20 -28.36
CA GLY A 6 0.73 -8.56 -27.27
C GLY A 6 2.17 -9.00 -27.22
N GLU A 7 3.05 -8.20 -27.81
CA GLU A 7 4.48 -8.51 -27.82
C GLU A 7 5.04 -8.56 -26.41
N ASN A 8 6.33 -8.84 -26.30
CA ASN A 8 7.00 -8.91 -25.00
C ASN A 8 7.86 -7.69 -24.77
N ALA A 9 7.24 -6.51 -24.81
CA ALA A 9 7.95 -5.26 -24.59
C ALA A 9 7.95 -4.86 -23.12
N PRO A 10 8.88 -3.99 -22.74
CA PRO A 10 9.00 -3.51 -21.35
C PRO A 10 7.85 -2.61 -20.95
N ASP A 11 7.18 -2.02 -21.94
CA ASP A 11 6.05 -1.13 -21.68
C ASP A 11 4.87 -1.91 -21.11
N THR A 12 4.66 -1.77 -19.80
CA THR A 12 3.56 -2.46 -19.13
C THR A 12 2.22 -2.00 -19.66
N LYS A 13 1.15 -2.67 -19.24
CA LYS A 13 -0.20 -2.33 -19.68
C LYS A 13 -1.02 -1.76 -18.51
N ARG A 14 -0.35 -1.03 -17.63
CA ARG A 14 -1.02 -0.44 -16.47
C ARG A 14 -2.05 0.58 -16.91
N ILE A 15 -3.03 0.83 -16.05
CA ILE A 15 -4.09 1.79 -16.35
C ILE A 15 -4.67 2.39 -15.07
N LYS A 16 -5.46 3.45 -15.23
CA LYS A 16 -6.08 4.12 -14.09
C LYS A 16 -7.14 3.23 -13.45
N GLU A 17 -7.20 3.26 -12.12
CA GLU A 17 -8.18 2.45 -11.39
C GLU A 17 -8.92 3.32 -10.36
N THR A 18 -10.00 2.76 -9.82
CA THR A 18 -10.80 3.47 -8.83
C THR A 18 -9.94 3.99 -7.69
N LEU A 19 -8.91 3.21 -7.32
CA LEU A 19 -8.01 3.59 -6.25
C LEU A 19 -7.41 4.98 -6.50
N GLU A 20 -7.38 5.38 -7.76
CA GLU A 20 -6.83 6.68 -8.13
C GLU A 20 -7.59 7.80 -7.42
N LYS A 21 -8.79 7.50 -6.96
CA LYS A 21 -9.61 8.49 -6.25
C LYS A 21 -9.39 8.40 -4.74
N PHE A 22 -8.26 7.82 -4.35
CA PHE A 22 -7.93 7.67 -2.94
C PHE A 22 -6.51 8.17 -2.66
N SER A 23 -6.28 8.65 -1.44
CA SER A 23 -4.98 9.16 -1.05
C SER A 23 -4.21 8.11 -0.24
N LEU A 24 -2.91 8.32 -0.10
CA LEU A 24 -2.06 7.41 0.65
C LEU A 24 -2.37 7.45 2.14
N GLU A 25 -2.52 8.66 2.67
CA GLU A 25 -2.83 8.85 4.08
C GLU A 25 -4.05 8.01 4.48
N ASN A 26 -4.90 7.71 3.51
CA ASN A 26 -6.10 6.92 3.77
C ASN A 26 -5.81 5.43 3.61
N MET A 27 -4.87 5.10 2.74
CA MET A 27 -4.50 3.71 2.50
C MET A 27 -3.77 3.13 3.71
N ARG A 28 -4.13 1.91 4.08
CA ARG A 28 -3.52 1.24 5.22
C ARG A 28 -3.57 -0.28 5.04
N TYR A 29 -2.62 -0.97 5.68
CA TYR A 29 -2.55 -2.43 5.59
C TYR A 29 -3.60 -3.08 6.49
N VAL A 30 -4.51 -3.83 5.88
CA VAL A 30 -5.56 -4.51 6.61
C VAL A 30 -5.19 -5.96 6.92
N GLY A 31 -4.56 -6.61 5.94
CA GLY A 31 -4.15 -7.99 6.12
C GLY A 31 -3.51 -8.57 4.88
N ILE A 32 -3.58 -9.89 4.74
CA ILE A 32 -3.01 -10.58 3.59
C ILE A 32 -4.03 -11.46 2.91
N LEU A 33 -3.69 -11.97 1.73
CA LEU A 33 -4.58 -12.84 0.98
C LEU A 33 -3.80 -13.92 0.24
N LYS A 34 -3.91 -15.15 0.73
CA LYS A 34 -3.22 -16.28 0.11
C LYS A 34 -3.99 -16.80 -1.10
N SER A 35 -3.25 -17.33 -2.07
CA SER A 35 -3.85 -17.85 -3.29
C SER A 35 -3.25 -19.20 -3.66
N GLY A 36 -3.55 -20.21 -2.85
CA GLY A 36 -3.03 -21.54 -3.11
C GLY A 36 -1.63 -21.74 -2.55
N GLN A 37 -0.62 -21.37 -3.33
CA GLN A 37 0.76 -21.51 -2.91
C GLN A 37 1.48 -20.16 -2.94
N LYS A 38 0.79 -19.12 -2.47
CA LYS A 38 1.36 -17.78 -2.44
C LYS A 38 0.61 -16.90 -1.43
N VAL A 39 1.21 -15.76 -1.10
CA VAL A 39 0.60 -14.83 -0.16
C VAL A 39 0.69 -13.40 -0.67
N SER A 40 -0.46 -12.74 -0.78
CA SER A 40 -0.52 -11.36 -1.26
C SER A 40 -0.85 -10.40 -0.12
N GLY A 41 -0.71 -9.11 -0.39
CA GLY A 41 -1.02 -8.11 0.62
C GLY A 41 -2.35 -7.42 0.39
N PHE A 42 -3.16 -7.36 1.43
CA PHE A 42 -4.47 -6.73 1.35
C PHE A 42 -4.45 -5.32 1.93
N ILE A 43 -4.70 -4.33 1.08
CA ILE A 43 -4.71 -2.94 1.51
C ILE A 43 -6.07 -2.30 1.28
N GLU A 44 -6.48 -1.44 2.22
CA GLU A 44 -7.77 -0.76 2.11
C GLU A 44 -7.58 0.75 2.07
N ALA A 45 -8.41 1.43 1.28
CA ALA A 45 -8.33 2.88 1.15
C ALA A 45 -9.70 3.52 1.36
N GLU A 46 -9.86 4.18 2.51
CA GLU A 46 -11.12 4.83 2.84
C GLU A 46 -12.30 3.92 2.55
N GLY A 47 -12.34 2.77 3.21
CA GLY A 47 -13.42 1.83 3.01
C GLY A 47 -13.14 0.85 1.89
N TYR A 48 -12.55 1.35 0.81
CA TYR A 48 -12.22 0.52 -0.35
C TYR A 48 -11.28 -0.61 0.05
N VAL A 49 -11.54 -1.81 -0.46
CA VAL A 49 -10.71 -2.96 -0.17
C VAL A 49 -10.13 -3.57 -1.45
N TYR A 50 -8.82 -3.43 -1.61
CA TYR A 50 -8.14 -3.95 -2.79
C TYR A 50 -6.86 -4.70 -2.39
N THR A 51 -6.72 -5.91 -2.93
CA THR A 51 -5.55 -6.73 -2.63
C THR A 51 -4.47 -6.56 -3.70
N VAL A 52 -3.24 -6.88 -3.34
CA VAL A 52 -2.11 -6.77 -4.27
C VAL A 52 -1.10 -7.89 -4.05
N GLY A 53 -0.32 -8.19 -5.09
CA GLY A 53 0.68 -9.23 -4.98
C GLY A 53 1.97 -8.87 -5.67
N VAL A 54 2.93 -9.79 -5.66
CA VAL A 54 4.22 -9.56 -6.28
C VAL A 54 4.07 -8.88 -7.64
N GLY A 55 4.45 -7.60 -7.71
CA GLY A 55 4.34 -6.87 -8.95
C GLY A 55 2.93 -6.38 -9.21
N ASN A 56 2.42 -5.53 -8.32
CA ASN A 56 1.07 -4.99 -8.46
C ASN A 56 1.07 -3.48 -8.22
N TYR A 57 -0.13 -2.89 -8.28
CA TYR A 57 -0.26 -1.45 -8.08
C TYR A 57 -0.98 -1.16 -6.76
N LEU A 58 -0.71 0.01 -6.19
CA LEU A 58 -1.32 0.41 -4.93
C LEU A 58 -0.95 1.85 -4.58
N GLY A 59 -1.49 2.33 -3.47
CA GLY A 59 -1.20 3.70 -3.04
C GLY A 59 -2.07 4.72 -3.74
N GLN A 60 -1.67 5.98 -3.66
CA GLN A 60 -2.41 7.07 -4.30
C GLN A 60 -1.86 7.38 -5.68
N ASN A 61 -0.71 8.05 -5.70
CA ASN A 61 -0.06 8.42 -6.96
C ASN A 61 0.17 7.19 -7.83
N TYR A 62 1.36 6.60 -7.69
CA TYR A 62 1.71 5.41 -8.47
C TYR A 62 2.61 4.49 -7.66
N GLY A 63 2.00 3.64 -6.84
CA GLY A 63 2.75 2.72 -6.02
C GLY A 63 2.76 1.31 -6.59
N ARG A 64 3.91 0.65 -6.53
CA ARG A 64 4.03 -0.71 -7.05
C ARG A 64 4.62 -1.64 -5.99
N ILE A 65 3.90 -2.73 -5.71
CA ILE A 65 4.34 -3.70 -4.72
C ILE A 65 5.17 -4.81 -5.36
N GLU A 66 6.16 -5.30 -4.64
CA GLU A 66 7.02 -6.37 -5.14
C GLU A 66 7.17 -7.47 -4.10
N SER A 67 7.49 -7.09 -2.87
CA SER A 67 7.67 -8.05 -1.79
C SER A 67 6.42 -8.14 -0.93
N ILE A 68 5.96 -9.37 -0.70
CA ILE A 68 4.77 -9.59 0.12
C ILE A 68 5.06 -10.53 1.27
N THR A 69 5.10 -9.98 2.48
CA THR A 69 5.38 -10.78 3.68
C THR A 69 4.21 -10.70 4.67
N ASP A 70 4.15 -11.66 5.57
CA ASP A 70 3.10 -11.69 6.58
C ASP A 70 3.20 -10.50 7.52
N ASP A 71 2.18 -9.65 7.51
CA ASP A 71 2.15 -8.46 8.36
C ASP A 71 3.23 -7.47 7.94
N SER A 72 3.61 -7.52 6.66
CA SER A 72 4.64 -6.63 6.14
C SER A 72 4.72 -6.74 4.62
N ILE A 73 4.67 -5.59 3.95
CA ILE A 73 4.74 -5.56 2.49
C ILE A 73 5.69 -4.47 2.02
N VAL A 74 6.49 -4.79 0.99
CA VAL A 74 7.44 -3.82 0.44
C VAL A 74 7.00 -3.36 -0.95
N LEU A 75 6.86 -2.05 -1.11
CA LEU A 75 6.46 -1.48 -2.38
C LEU A 75 7.17 -0.16 -2.64
N ASN A 76 7.12 0.31 -3.89
CA ASN A 76 7.76 1.56 -4.25
C ASN A 76 6.73 2.60 -4.68
N GLU A 77 6.47 3.56 -3.80
CA GLU A 77 5.50 4.61 -4.08
C GLU A 77 6.13 5.74 -4.89
N LEU A 78 5.51 6.07 -6.02
CA LEU A 78 6.01 7.13 -6.90
C LEU A 78 5.24 8.42 -6.68
N ILE A 79 5.97 9.49 -6.36
CA ILE A 79 5.35 10.80 -6.13
C ILE A 79 6.32 11.93 -6.48
N GLU A 80 5.78 12.99 -7.06
CA GLU A 80 6.59 14.15 -7.44
C GLU A 80 7.28 14.75 -6.21
N ASP A 81 8.44 15.36 -6.44
CA ASP A 81 9.20 15.98 -5.37
C ASP A 81 10.00 17.17 -5.88
N SER A 82 10.96 17.63 -5.08
CA SER A 82 11.79 18.76 -5.45
C SER A 82 12.47 18.52 -6.80
N THR A 83 12.59 17.25 -7.18
CA THR A 83 13.21 16.89 -8.44
C THR A 83 12.38 17.36 -9.62
N GLY A 84 11.14 17.76 -9.35
CA GLY A 84 10.27 18.24 -10.40
C GLY A 84 9.64 17.10 -11.18
N ASN A 85 9.79 15.88 -10.68
CA ASN A 85 9.23 14.71 -11.34
C ASN A 85 8.96 13.60 -10.33
N TRP A 86 8.03 12.72 -10.67
CA TRP A 86 7.66 11.61 -9.78
C TRP A 86 8.89 10.79 -9.41
N VAL A 87 9.18 10.72 -8.12
CA VAL A 87 10.32 9.96 -7.63
C VAL A 87 9.88 8.66 -6.98
N SER A 88 10.62 7.58 -7.24
CA SER A 88 10.30 6.27 -6.68
C SER A 88 10.81 6.15 -5.26
N ARG A 89 9.94 5.71 -4.36
CA ARG A 89 10.30 5.56 -2.96
C ARG A 89 9.94 4.17 -2.45
N LYS A 90 10.95 3.33 -2.26
CA LYS A 90 10.73 1.97 -1.77
C LYS A 90 10.69 1.93 -0.25
N ALA A 91 9.66 1.29 0.29
CA ALA A 91 9.51 1.18 1.74
C ALA A 91 8.68 -0.05 2.11
N GLU A 92 8.86 -0.52 3.34
CA GLU A 92 8.13 -1.70 3.81
C GLU A 92 7.21 -1.32 4.97
N LEU A 93 5.90 -1.42 4.74
CA LEU A 93 4.92 -1.10 5.77
C LEU A 93 4.54 -2.34 6.58
N LEU A 94 4.32 -2.16 7.87
CA LEU A 94 3.95 -3.26 8.75
C LEU A 94 2.46 -3.23 9.06
N LEU A 95 1.82 -4.39 8.99
CA LEU A 95 0.40 -4.50 9.27
C LEU A 95 0.04 -3.81 10.58
N ASN A 96 -0.90 -2.88 10.53
CA ASN A 96 -1.32 -2.14 11.71
C ASN A 96 -2.41 -2.91 12.46
N SER A 97 -2.15 -4.18 12.76
CA SER A 97 -3.11 -5.02 13.46
C SER A 97 -3.58 -4.35 14.74
N SER A 98 -4.61 -4.92 15.36
CA SER A 98 -5.16 -4.38 16.60
C SER A 98 -4.35 -4.85 17.81
N ASP A 99 -3.19 -4.21 18.02
CA ASP A 99 -2.33 -4.57 19.14
C ASP A 99 -1.93 -3.32 19.93
N LYS A 100 -2.93 -2.55 20.34
CA LYS A 100 -2.68 -1.33 21.09
C LYS A 100 -2.60 -1.63 22.60
N ASN A 101 -2.44 -0.57 23.39
CA ASN A 101 -2.34 -0.72 24.84
C ASN A 101 -3.73 -0.72 25.47
N THR A 102 -4.06 -1.81 26.17
CA THR A 102 -5.36 -1.93 26.83
C THR A 102 -5.20 -2.35 28.28
N GLU A 103 -4.79 -1.42 29.13
CA GLU A 103 -4.60 -1.70 30.54
C GLU A 103 -5.90 -2.18 31.18
N GLN A 104 -5.87 -2.36 32.51
CA GLN A 104 -7.05 -2.81 33.23
C GLN A 104 -8.26 -1.94 32.90
N ALA A 105 -9.41 -2.58 32.74
CA ALA A 105 -10.65 -1.86 32.44
C ALA A 105 -11.85 -2.54 33.07
N ALA A 106 -13.03 -1.94 32.90
CA ALA A 106 -14.25 -2.48 33.46
C ALA A 106 -14.45 -3.94 33.02
N ALA A 107 -15.44 -4.59 33.61
CA ALA A 107 -15.74 -5.99 33.28
C ALA A 107 -16.09 -6.15 31.81
N PRO A 108 -15.97 -7.37 31.30
CA PRO A 108 -16.27 -7.69 29.90
C PRO A 108 -17.76 -7.59 29.59
N ALA A 109 -18.11 -7.76 28.32
CA ALA A 109 -19.51 -7.69 27.88
C ALA A 109 -20.09 -9.08 27.70
N ALA A 110 -19.31 -9.97 27.08
CA ALA A 110 -19.75 -11.33 26.85
C ALA A 110 -18.82 -12.34 27.50
N GLU A 111 -19.32 -13.54 27.78
CA GLU A 111 -18.53 -14.58 28.41
C GLU A 111 -17.35 -14.97 27.52
N GLN A 112 -16.52 -15.89 28.01
CA GLN A 112 -15.35 -16.34 27.25
C GLN A 112 -15.26 -17.86 27.29
N ASN A 113 -14.71 -18.44 26.22
CA ASN A 113 -14.55 -19.89 26.13
C ASN A 113 -13.50 -20.38 27.09
N GLU A 1 8.88 3.06 -35.24
CA GLU A 1 9.28 4.40 -34.84
C GLU A 1 10.50 4.35 -33.92
N THR A 2 10.95 5.52 -33.46
CA THR A 2 12.11 5.61 -32.58
C THR A 2 11.73 6.18 -31.23
N ASP A 3 11.20 7.40 -31.22
CA ASP A 3 10.79 8.05 -29.98
C ASP A 3 9.57 8.93 -30.21
N LYS A 4 8.56 8.76 -29.37
CA LYS A 4 7.33 9.55 -29.48
C LYS A 4 6.92 10.08 -28.12
N LYS A 5 7.48 11.23 -27.74
CA LYS A 5 7.17 11.85 -26.46
C LYS A 5 6.54 13.23 -26.66
N GLY A 6 5.70 13.64 -25.72
CA GLY A 6 5.04 14.93 -25.82
C GLY A 6 4.18 15.05 -27.05
N GLU A 7 3.01 14.40 -27.01
CA GLU A 7 2.08 14.43 -28.14
C GLU A 7 0.77 15.11 -27.74
N ASN A 8 0.16 15.81 -28.70
CA ASN A 8 -1.09 16.50 -28.45
C ASN A 8 -2.26 15.51 -28.42
N ALA A 9 -2.29 14.67 -27.40
CA ALA A 9 -3.36 13.69 -27.26
C ALA A 9 -4.41 14.16 -26.27
N PRO A 10 -5.61 13.56 -26.34
CA PRO A 10 -6.73 13.89 -25.45
C PRO A 10 -6.49 13.43 -24.02
N ASP A 11 -5.95 12.22 -23.87
CA ASP A 11 -5.67 11.67 -22.55
C ASP A 11 -4.76 12.60 -21.75
N THR A 12 -5.35 13.36 -20.85
CA THR A 12 -4.60 14.29 -20.01
C THR A 12 -4.65 13.88 -18.55
N LYS A 13 -5.78 14.12 -17.90
CA LYS A 13 -5.95 13.78 -16.50
C LYS A 13 -6.64 12.42 -16.35
N ARG A 14 -6.50 11.57 -17.36
CA ARG A 14 -7.11 10.25 -17.33
C ARG A 14 -6.78 9.51 -16.04
N ILE A 15 -7.61 8.54 -15.69
CA ILE A 15 -7.41 7.76 -14.48
C ILE A 15 -7.13 6.30 -14.81
N LYS A 16 -6.48 5.61 -13.87
CA LYS A 16 -6.15 4.20 -14.05
C LYS A 16 -7.20 3.30 -13.38
N GLU A 17 -7.23 3.34 -12.05
CA GLU A 17 -8.18 2.53 -11.29
C GLU A 17 -8.93 3.39 -10.28
N THR A 18 -10.00 2.84 -9.72
CA THR A 18 -10.81 3.55 -8.74
C THR A 18 -9.95 4.07 -7.60
N LEU A 19 -8.88 3.35 -7.28
CA LEU A 19 -7.99 3.74 -6.21
C LEU A 19 -7.42 5.14 -6.45
N GLU A 20 -7.47 5.58 -7.70
CA GLU A 20 -6.97 6.90 -8.07
C GLU A 20 -7.69 7.99 -7.26
N LYS A 21 -8.88 7.66 -6.78
CA LYS A 21 -9.66 8.61 -5.99
C LYS A 21 -9.40 8.43 -4.50
N PHE A 22 -8.29 7.77 -4.17
CA PHE A 22 -7.92 7.53 -2.79
C PHE A 22 -6.47 7.95 -2.53
N SER A 23 -6.25 8.63 -1.42
CA SER A 23 -4.92 9.10 -1.05
C SER A 23 -4.17 8.04 -0.26
N LEU A 24 -2.86 8.18 -0.18
CA LEU A 24 -2.02 7.23 0.56
C LEU A 24 -2.33 7.28 2.05
N GLU A 25 -2.50 8.49 2.58
CA GLU A 25 -2.80 8.67 3.99
C GLU A 25 -3.99 7.80 4.41
N ASN A 26 -4.85 7.49 3.45
CA ASN A 26 -6.02 6.66 3.71
C ASN A 26 -5.68 5.17 3.59
N MET A 27 -4.75 4.86 2.69
CA MET A 27 -4.34 3.48 2.48
C MET A 27 -3.67 2.91 3.72
N ARG A 28 -4.09 1.71 4.13
CA ARG A 28 -3.53 1.06 5.31
C ARG A 28 -3.56 -0.45 5.16
N TYR A 29 -2.65 -1.13 5.85
CA TYR A 29 -2.57 -2.58 5.78
C TYR A 29 -3.65 -3.22 6.66
N VAL A 30 -4.57 -3.93 6.01
CA VAL A 30 -5.65 -4.61 6.72
C VAL A 30 -5.31 -6.06 7.01
N GLY A 31 -4.69 -6.72 6.03
CA GLY A 31 -4.31 -8.11 6.19
C GLY A 31 -3.75 -8.71 4.92
N ILE A 32 -3.82 -10.04 4.82
CA ILE A 32 -3.31 -10.74 3.65
C ILE A 32 -4.36 -11.71 3.10
N LEU A 33 -4.19 -12.10 1.84
CA LEU A 33 -5.12 -13.02 1.19
C LEU A 33 -4.35 -14.08 0.39
N LYS A 34 -4.87 -15.30 0.40
CA LYS A 34 -4.25 -16.40 -0.33
C LYS A 34 -4.38 -16.22 -1.83
N SER A 35 -3.34 -16.59 -2.58
CA SER A 35 -3.36 -16.46 -4.03
C SER A 35 -2.83 -17.72 -4.69
N GLY A 36 -3.60 -18.80 -4.61
CA GLY A 36 -3.19 -20.06 -5.21
C GLY A 36 -2.14 -20.77 -4.39
N GLN A 37 -0.91 -20.24 -4.43
CA GLN A 37 0.20 -20.83 -3.69
C GLN A 37 1.15 -19.75 -3.19
N LYS A 38 0.59 -18.70 -2.59
CA LYS A 38 1.39 -17.60 -2.07
C LYS A 38 0.54 -16.66 -1.23
N VAL A 39 1.18 -15.67 -0.62
CA VAL A 39 0.48 -14.69 0.21
C VAL A 39 0.50 -13.31 -0.44
N SER A 40 -0.65 -12.66 -0.48
CA SER A 40 -0.76 -11.34 -1.07
C SER A 40 -1.12 -10.29 -0.01
N GLY A 41 -0.57 -9.09 -0.16
CA GLY A 41 -0.85 -8.04 0.79
C GLY A 41 -2.18 -7.36 0.53
N PHE A 42 -3.07 -7.41 1.52
CA PHE A 42 -4.39 -6.80 1.39
C PHE A 42 -4.40 -5.40 2.00
N ILE A 43 -4.61 -4.41 1.14
CA ILE A 43 -4.64 -3.01 1.59
C ILE A 43 -6.01 -2.39 1.34
N GLU A 44 -6.44 -1.53 2.26
CA GLU A 44 -7.73 -0.86 2.14
C GLU A 44 -7.56 0.65 2.09
N ALA A 45 -8.38 1.31 1.28
CA ALA A 45 -8.32 2.76 1.15
C ALA A 45 -9.70 3.39 1.37
N GLU A 46 -9.87 4.04 2.52
CA GLU A 46 -11.14 4.68 2.85
C GLU A 46 -12.31 3.77 2.52
N GLY A 47 -12.36 2.61 3.18
CA GLY A 47 -13.43 1.67 2.94
C GLY A 47 -13.11 0.70 1.82
N TYR A 48 -12.52 1.19 0.76
CA TYR A 48 -12.16 0.36 -0.39
C TYR A 48 -11.21 -0.77 0.04
N VAL A 49 -11.45 -1.96 -0.48
CA VAL A 49 -10.62 -3.12 -0.17
C VAL A 49 -10.02 -3.73 -1.43
N TYR A 50 -8.71 -3.59 -1.57
CA TYR A 50 -8.00 -4.12 -2.74
C TYR A 50 -6.75 -4.87 -2.32
N THR A 51 -6.58 -6.08 -2.84
CA THR A 51 -5.41 -6.90 -2.52
C THR A 51 -4.33 -6.75 -3.58
N VAL A 52 -3.08 -6.95 -3.18
CA VAL A 52 -1.95 -6.84 -4.10
C VAL A 52 -0.93 -7.93 -3.83
N GLY A 53 -0.24 -8.36 -4.89
CA GLY A 53 0.77 -9.40 -4.75
C GLY A 53 2.06 -9.04 -5.45
N VAL A 54 3.06 -9.92 -5.33
CA VAL A 54 4.36 -9.69 -5.95
C VAL A 54 4.20 -9.08 -7.34
N GLY A 55 4.55 -7.80 -7.47
CA GLY A 55 4.45 -7.13 -8.74
C GLY A 55 3.04 -6.64 -9.03
N ASN A 56 2.54 -5.75 -8.18
CA ASN A 56 1.20 -5.21 -8.34
C ASN A 56 1.20 -3.69 -8.13
N TYR A 57 0.01 -3.10 -8.21
CA TYR A 57 -0.13 -1.65 -8.03
C TYR A 57 -0.87 -1.34 -6.73
N LEU A 58 -0.61 -0.15 -6.19
CA LEU A 58 -1.25 0.28 -4.95
C LEU A 58 -0.92 1.73 -4.64
N GLY A 59 -1.49 2.24 -3.56
CA GLY A 59 -1.24 3.62 -3.17
C GLY A 59 -2.11 4.60 -3.91
N GLN A 60 -1.72 5.87 -3.91
CA GLN A 60 -2.47 6.91 -4.59
C GLN A 60 -1.88 7.22 -5.96
N ASN A 61 -0.73 7.89 -5.97
CA ASN A 61 -0.06 8.24 -7.21
C ASN A 61 0.21 7.00 -8.06
N TYR A 62 1.40 6.43 -7.89
CA TYR A 62 1.77 5.24 -8.65
C TYR A 62 2.66 4.32 -7.81
N GLY A 63 2.03 3.51 -6.95
CA GLY A 63 2.77 2.60 -6.10
C GLY A 63 2.79 1.19 -6.64
N ARG A 64 3.95 0.53 -6.55
CA ARG A 64 4.09 -0.83 -7.03
C ARG A 64 4.64 -1.74 -5.94
N ILE A 65 3.93 -2.84 -5.67
CA ILE A 65 4.36 -3.78 -4.66
C ILE A 65 5.28 -4.85 -5.24
N GLU A 66 6.35 -5.17 -4.51
CA GLU A 66 7.30 -6.18 -4.96
C GLU A 66 7.43 -7.29 -3.94
N SER A 67 7.60 -6.92 -2.68
CA SER A 67 7.74 -7.90 -1.61
C SER A 67 6.52 -7.89 -0.69
N ILE A 68 6.07 -9.07 -0.29
CA ILE A 68 4.91 -9.20 0.58
C ILE A 68 5.12 -10.28 1.62
N THR A 69 5.33 -9.88 2.87
CA THR A 69 5.53 -10.83 3.96
C THR A 69 4.41 -10.75 4.98
N ASP A 70 4.41 -11.68 5.93
CA ASP A 70 3.39 -11.72 6.97
C ASP A 70 3.48 -10.48 7.87
N ASP A 71 2.44 -9.65 7.84
CA ASP A 71 2.40 -8.44 8.65
C ASP A 71 3.44 -7.44 8.16
N SER A 72 3.75 -7.50 6.87
CA SER A 72 4.74 -6.60 6.28
C SER A 72 4.67 -6.64 4.76
N ILE A 73 4.82 -5.48 4.13
CA ILE A 73 4.78 -5.39 2.67
C ILE A 73 5.72 -4.29 2.17
N VAL A 74 6.56 -4.64 1.20
CA VAL A 74 7.50 -3.69 0.62
C VAL A 74 7.07 -3.28 -0.78
N LEU A 75 6.89 -1.98 -0.98
CA LEU A 75 6.48 -1.45 -2.28
C LEU A 75 7.18 -0.13 -2.57
N ASN A 76 7.15 0.29 -3.83
CA ASN A 76 7.78 1.53 -4.25
C ASN A 76 6.74 2.54 -4.70
N GLU A 77 6.45 3.52 -3.84
CA GLU A 77 5.48 4.56 -4.15
C GLU A 77 6.11 5.67 -4.98
N LEU A 78 5.52 5.96 -6.14
CA LEU A 78 6.03 7.00 -7.02
C LEU A 78 5.24 8.30 -6.83
N ILE A 79 5.95 9.38 -6.53
CA ILE A 79 5.32 10.68 -6.32
C ILE A 79 6.28 11.81 -6.67
N GLU A 80 5.74 12.87 -7.27
CA GLU A 80 6.55 14.02 -7.65
C GLU A 80 7.22 14.64 -6.44
N ASP A 81 8.35 15.31 -6.66
CA ASP A 81 9.10 15.95 -5.59
C ASP A 81 9.90 17.14 -6.11
N SER A 82 10.84 17.61 -5.30
CA SER A 82 11.67 18.75 -5.68
C SER A 82 12.36 18.49 -7.02
N THR A 83 12.50 17.21 -7.37
CA THR A 83 13.15 16.83 -8.62
C THR A 83 12.32 17.28 -9.82
N GLY A 84 11.08 17.69 -9.57
CA GLY A 84 10.22 18.13 -10.65
C GLY A 84 9.61 16.98 -11.42
N ASN A 85 9.77 15.77 -10.89
CA ASN A 85 9.23 14.58 -11.55
C ASN A 85 8.94 13.48 -10.53
N TRP A 86 8.03 12.59 -10.87
CA TRP A 86 7.66 11.49 -9.98
C TRP A 86 8.90 10.69 -9.57
N VAL A 87 9.17 10.65 -8.28
CA VAL A 87 10.32 9.92 -7.76
C VAL A 87 9.88 8.64 -7.06
N SER A 88 10.61 7.55 -7.31
CA SER A 88 10.30 6.26 -6.71
C SER A 88 10.80 6.20 -5.27
N ARG A 89 9.91 5.78 -4.36
CA ARG A 89 10.26 5.67 -2.95
C ARG A 89 9.88 4.30 -2.40
N LYS A 90 10.89 3.47 -2.17
CA LYS A 90 10.66 2.12 -1.64
C LYS A 90 10.54 2.15 -0.11
N ALA A 91 9.53 1.47 0.41
CA ALA A 91 9.32 1.41 1.85
C ALA A 91 8.58 0.14 2.25
N GLU A 92 8.79 -0.30 3.49
CA GLU A 92 8.14 -1.51 3.99
C GLU A 92 7.20 -1.19 5.15
N LEU A 93 5.90 -1.31 4.91
CA LEU A 93 4.92 -1.03 5.94
C LEU A 93 4.58 -2.29 6.74
N LEU A 94 4.33 -2.12 8.03
CA LEU A 94 4.00 -3.24 8.90
C LEU A 94 2.52 -3.25 9.24
N LEU A 95 1.91 -4.43 9.20
CA LEU A 95 0.49 -4.58 9.50
C LEU A 95 0.14 -3.88 10.82
N ASN A 96 -0.85 -2.99 10.76
CA ASN A 96 -1.28 -2.26 11.95
C ASN A 96 -2.33 -3.05 12.72
N SER A 97 -2.02 -4.31 13.01
CA SER A 97 -2.95 -5.17 13.74
C SER A 97 -2.97 -4.80 15.22
N SER A 98 -1.89 -4.18 15.69
CA SER A 98 -1.78 -3.78 17.09
C SER A 98 -0.53 -2.96 17.32
N ASP A 99 -0.72 -1.70 17.72
CA ASP A 99 0.39 -0.80 17.98
C ASP A 99 0.44 -0.41 19.46
N LYS A 100 0.44 -1.41 20.33
CA LYS A 100 0.48 -1.17 21.77
C LYS A 100 1.78 -1.73 22.37
N ASN A 101 2.31 -1.02 23.37
CA ASN A 101 3.54 -1.44 24.03
C ASN A 101 3.25 -1.95 25.43
N THR A 102 3.12 -3.26 25.56
CA THR A 102 2.84 -3.89 26.85
C THR A 102 3.74 -5.10 27.08
N GLU A 103 5.02 -4.84 27.30
CA GLU A 103 5.99 -5.92 27.54
C GLU A 103 6.33 -6.02 29.01
N GLN A 104 5.41 -5.59 29.87
CA GLN A 104 5.61 -5.63 31.31
C GLN A 104 4.62 -6.57 31.98
N ALA A 105 3.37 -6.53 31.51
CA ALA A 105 2.32 -7.38 32.06
C ALA A 105 2.62 -8.86 31.82
N ALA A 106 2.40 -9.67 32.84
CA ALA A 106 2.66 -11.10 32.74
C ALA A 106 1.64 -11.90 33.56
N ALA A 107 1.18 -13.01 33.00
CA ALA A 107 0.21 -13.86 33.70
C ALA A 107 0.69 -14.21 35.10
N PRO A 108 -0.26 -14.63 35.96
CA PRO A 108 0.04 -15.01 37.34
C PRO A 108 0.83 -16.31 37.43
N ALA A 109 1.38 -16.59 38.61
CA ALA A 109 2.15 -17.80 38.83
C ALA A 109 1.26 -18.96 39.25
N ALA A 110 0.15 -18.63 39.92
CA ALA A 110 -0.79 -19.64 40.38
C ALA A 110 -2.23 -19.16 40.22
N GLU A 111 -3.17 -20.04 40.57
CA GLU A 111 -4.59 -19.70 40.47
C GLU A 111 -5.34 -20.14 41.72
N GLN A 112 -6.51 -19.55 41.94
CA GLN A 112 -7.33 -19.88 43.11
C GLN A 112 -8.74 -20.30 42.68
N ASN A 113 -9.01 -21.59 42.80
CA ASN A 113 -10.32 -22.13 42.42
C ASN A 113 -11.05 -22.70 43.64
N GLU A 1 11.79 -20.69 -10.93
CA GLU A 1 10.50 -20.03 -11.17
C GLU A 1 10.66 -18.88 -12.15
N THR A 2 9.87 -18.92 -13.22
CA THR A 2 9.91 -17.88 -14.24
C THR A 2 8.53 -17.30 -14.50
N ASP A 3 8.46 -16.34 -15.42
CA ASP A 3 7.18 -15.70 -15.75
C ASP A 3 7.32 -14.86 -17.03
N LYS A 4 6.26 -14.86 -17.83
CA LYS A 4 6.25 -14.11 -19.08
C LYS A 4 5.45 -12.82 -18.93
N LYS A 5 5.87 -11.97 -18.01
CA LYS A 5 5.20 -10.70 -17.76
C LYS A 5 5.58 -9.67 -18.83
N GLY A 6 4.74 -8.66 -18.98
CA GLY A 6 5.01 -7.61 -19.96
C GLY A 6 6.06 -6.64 -19.50
N GLU A 7 6.94 -6.23 -20.41
CA GLU A 7 8.00 -5.28 -20.09
C GLU A 7 7.42 -3.97 -19.58
N ASN A 8 8.27 -3.16 -18.95
CA ASN A 8 7.84 -1.88 -18.41
C ASN A 8 7.62 -0.86 -19.53
N ALA A 9 6.47 -0.94 -20.18
CA ALA A 9 6.14 -0.04 -21.26
C ALA A 9 5.56 1.27 -20.72
N PRO A 10 5.59 2.33 -21.56
CA PRO A 10 5.09 3.65 -21.19
C PRO A 10 3.56 3.66 -21.06
N ASP A 11 3.06 4.57 -20.24
CA ASP A 11 1.62 4.70 -20.05
C ASP A 11 1.20 6.17 -19.96
N THR A 12 0.09 6.50 -20.60
CA THR A 12 -0.41 7.87 -20.60
C THR A 12 -0.69 8.35 -19.18
N LYS A 13 -1.17 9.59 -19.08
CA LYS A 13 -1.49 10.17 -17.78
C LYS A 13 -3.00 10.20 -17.54
N ARG A 14 -3.69 9.23 -18.11
CA ARG A 14 -5.15 9.14 -17.96
C ARG A 14 -5.52 8.52 -16.63
N ILE A 15 -6.78 8.69 -16.22
CA ILE A 15 -7.26 8.15 -14.97
C ILE A 15 -6.87 6.67 -14.82
N LYS A 16 -7.00 6.16 -13.61
CA LYS A 16 -6.67 4.76 -13.34
C LYS A 16 -7.79 4.08 -12.54
N GLU A 17 -7.48 2.92 -11.97
CA GLU A 17 -8.46 2.17 -11.19
C GLU A 17 -9.14 3.07 -10.16
N THR A 18 -10.23 2.58 -9.58
CA THR A 18 -10.97 3.34 -8.57
C THR A 18 -10.04 3.85 -7.47
N LEU A 19 -9.04 3.06 -7.14
CA LEU A 19 -8.07 3.44 -6.11
C LEU A 19 -7.46 4.81 -6.40
N GLU A 20 -7.44 5.17 -7.67
CA GLU A 20 -6.87 6.46 -8.08
C GLU A 20 -7.63 7.61 -7.42
N LYS A 21 -8.84 7.33 -6.95
CA LYS A 21 -9.66 8.34 -6.30
C LYS A 21 -9.47 8.30 -4.79
N PHE A 22 -8.35 7.71 -4.35
CA PHE A 22 -8.04 7.60 -2.93
C PHE A 22 -6.59 8.00 -2.66
N SER A 23 -6.38 8.76 -1.59
CA SER A 23 -5.06 9.22 -1.21
C SER A 23 -4.32 8.14 -0.41
N LEU A 24 -2.99 8.13 -0.53
CA LEU A 24 -2.17 7.16 0.18
C LEU A 24 -2.23 7.40 1.68
N GLU A 25 -2.21 8.66 2.08
CA GLU A 25 -2.27 9.03 3.49
C GLU A 25 -3.44 8.34 4.19
N ASN A 26 -4.45 7.99 3.41
CA ASN A 26 -5.64 7.33 3.95
C ASN A 26 -5.51 5.81 3.85
N MET A 27 -4.74 5.35 2.86
CA MET A 27 -4.54 3.92 2.66
C MET A 27 -3.76 3.31 3.83
N ARG A 28 -4.11 2.08 4.18
CA ARG A 28 -3.46 1.38 5.28
C ARG A 28 -3.55 -0.13 5.10
N TYR A 29 -2.62 -0.86 5.71
CA TYR A 29 -2.59 -2.31 5.61
C TYR A 29 -3.64 -2.93 6.52
N VAL A 30 -4.57 -3.68 5.92
CA VAL A 30 -5.63 -4.33 6.68
C VAL A 30 -5.26 -5.77 7.01
N GLY A 31 -4.62 -6.45 6.06
CA GLY A 31 -4.23 -7.83 6.28
C GLY A 31 -3.61 -8.45 5.04
N ILE A 32 -3.69 -9.77 4.93
CA ILE A 32 -3.12 -10.49 3.80
C ILE A 32 -4.16 -11.40 3.16
N LEU A 33 -3.83 -11.93 1.98
CA LEU A 33 -4.73 -12.83 1.26
C LEU A 33 -3.96 -13.96 0.60
N LYS A 34 -4.24 -15.19 1.02
CA LYS A 34 -3.57 -16.35 0.46
C LYS A 34 -3.68 -16.38 -1.07
N SER A 35 -2.65 -16.86 -1.73
CA SER A 35 -2.63 -16.93 -3.18
C SER A 35 -2.07 -18.27 -3.66
N GLY A 36 -2.04 -18.45 -4.98
CA GLY A 36 -1.51 -19.68 -5.53
C GLY A 36 -0.10 -19.98 -5.08
N GLN A 37 0.03 -20.87 -4.09
CA GLN A 37 1.33 -21.23 -3.56
C GLN A 37 2.11 -20.00 -3.12
N LYS A 38 1.39 -18.95 -2.76
CA LYS A 38 2.01 -17.71 -2.33
C LYS A 38 1.08 -16.92 -1.40
N VAL A 39 1.52 -15.74 -0.98
CA VAL A 39 0.73 -14.89 -0.10
C VAL A 39 0.67 -13.47 -0.62
N SER A 40 -0.54 -12.93 -0.72
CA SER A 40 -0.74 -11.56 -1.20
C SER A 40 -1.07 -10.62 -0.05
N GLY A 41 -0.99 -9.32 -0.33
CA GLY A 41 -1.28 -8.34 0.70
C GLY A 41 -2.61 -7.64 0.47
N PHE A 42 -3.33 -7.39 1.56
CA PHE A 42 -4.63 -6.72 1.48
C PHE A 42 -4.55 -5.31 2.03
N ILE A 43 -4.84 -4.32 1.18
CA ILE A 43 -4.81 -2.93 1.58
C ILE A 43 -6.17 -2.27 1.38
N GLU A 44 -6.51 -1.34 2.27
CA GLU A 44 -7.78 -0.64 2.20
C GLU A 44 -7.56 0.87 2.05
N ALA A 45 -8.42 1.51 1.27
CA ALA A 45 -8.32 2.95 1.04
C ALA A 45 -9.64 3.64 1.32
N GLU A 46 -9.73 4.31 2.47
CA GLU A 46 -10.94 5.01 2.86
C GLU A 46 -12.18 4.15 2.62
N GLY A 47 -12.23 3.01 3.30
CA GLY A 47 -13.36 2.10 3.16
C GLY A 47 -13.13 1.08 2.06
N TYR A 48 -12.54 1.52 0.95
CA TYR A 48 -12.28 0.63 -0.18
C TYR A 48 -11.34 -0.51 0.23
N VAL A 49 -11.59 -1.69 -0.31
CA VAL A 49 -10.76 -2.85 0.00
C VAL A 49 -10.23 -3.50 -1.27
N TYR A 50 -8.92 -3.37 -1.50
CA TYR A 50 -8.28 -3.93 -2.67
C TYR A 50 -7.03 -4.72 -2.30
N THR A 51 -6.91 -5.92 -2.83
CA THR A 51 -5.77 -6.79 -2.56
C THR A 51 -4.70 -6.64 -3.62
N VAL A 52 -3.47 -7.02 -3.28
CA VAL A 52 -2.36 -6.93 -4.22
C VAL A 52 -1.35 -8.06 -3.98
N GLY A 53 -0.40 -8.20 -4.90
CA GLY A 53 0.61 -9.23 -4.77
C GLY A 53 1.92 -8.86 -5.45
N VAL A 54 2.85 -9.80 -5.49
CA VAL A 54 4.15 -9.56 -6.11
C VAL A 54 3.99 -8.88 -7.46
N GLY A 55 4.40 -7.61 -7.53
CA GLY A 55 4.30 -6.86 -8.76
C GLY A 55 2.89 -6.43 -9.07
N ASN A 56 2.33 -5.59 -8.19
CA ASN A 56 0.97 -5.10 -8.36
C ASN A 56 0.91 -3.58 -8.17
N TYR A 57 -0.28 -3.02 -8.31
CA TYR A 57 -0.47 -1.58 -8.16
C TYR A 57 -1.19 -1.26 -6.84
N LEU A 58 -0.91 -0.08 -6.30
CA LEU A 58 -1.52 0.34 -5.05
C LEU A 58 -1.16 1.79 -4.73
N GLY A 59 -1.70 2.30 -3.63
CA GLY A 59 -1.42 3.66 -3.23
C GLY A 59 -2.25 4.68 -3.99
N GLN A 60 -1.84 5.94 -3.95
CA GLN A 60 -2.56 7.00 -4.64
C GLN A 60 -1.90 7.31 -5.98
N ASN A 61 -0.77 8.01 -5.92
CA ASN A 61 -0.03 8.37 -7.13
C ASN A 61 0.27 7.15 -7.97
N TYR A 62 1.45 6.56 -7.75
CA TYR A 62 1.86 5.38 -8.50
C TYR A 62 2.66 4.43 -7.61
N GLY A 63 1.95 3.56 -6.88
CA GLY A 63 2.60 2.62 -5.99
C GLY A 63 2.64 1.22 -6.58
N ARG A 64 3.80 0.57 -6.50
CA ARG A 64 3.97 -0.77 -7.02
C ARG A 64 4.59 -1.69 -5.97
N ILE A 65 3.86 -2.75 -5.61
CA ILE A 65 4.33 -3.70 -4.61
C ILE A 65 5.12 -4.83 -5.28
N GLU A 66 6.11 -5.36 -4.55
CA GLU A 66 6.94 -6.44 -5.05
C GLU A 66 7.03 -7.58 -4.05
N SER A 67 7.38 -7.24 -2.81
CA SER A 67 7.51 -8.23 -1.75
C SER A 67 6.25 -8.28 -0.89
N ILE A 68 5.81 -9.49 -0.58
CA ILE A 68 4.61 -9.68 0.23
C ILE A 68 4.87 -10.63 1.40
N THR A 69 4.93 -10.07 2.61
CA THR A 69 5.18 -10.86 3.80
C THR A 69 4.02 -10.76 4.79
N ASP A 70 3.95 -11.70 5.71
CA ASP A 70 2.88 -11.71 6.72
C ASP A 70 3.02 -10.52 7.65
N ASP A 71 2.01 -9.65 7.65
CA ASP A 71 2.00 -8.46 8.49
C ASP A 71 3.10 -7.49 8.05
N SER A 72 3.47 -7.56 6.79
CA SER A 72 4.50 -6.67 6.24
C SER A 72 4.62 -6.84 4.73
N ILE A 73 4.66 -5.71 4.02
CA ILE A 73 4.77 -5.73 2.57
C ILE A 73 5.73 -4.66 2.08
N VAL A 74 6.50 -4.99 1.05
CA VAL A 74 7.46 -4.05 0.49
C VAL A 74 7.01 -3.55 -0.87
N LEU A 75 6.79 -2.24 -0.97
CA LEU A 75 6.35 -1.63 -2.22
C LEU A 75 7.12 -0.35 -2.51
N ASN A 76 6.94 0.19 -3.71
CA ASN A 76 7.62 1.42 -4.10
C ASN A 76 6.61 2.46 -4.60
N GLU A 77 6.34 3.45 -3.75
CA GLU A 77 5.40 4.51 -4.09
C GLU A 77 6.10 5.62 -4.87
N LEU A 78 5.50 6.01 -6.00
CA LEU A 78 6.06 7.07 -6.84
C LEU A 78 5.28 8.36 -6.67
N ILE A 79 5.99 9.44 -6.33
CA ILE A 79 5.37 10.74 -6.14
C ILE A 79 6.33 11.87 -6.49
N GLU A 80 5.79 12.94 -7.07
CA GLU A 80 6.61 14.09 -7.46
C GLU A 80 7.30 14.70 -6.24
N ASP A 81 8.52 15.17 -6.42
CA ASP A 81 9.28 15.79 -5.34
C ASP A 81 10.06 17.00 -5.84
N SER A 82 11.01 17.46 -5.04
CA SER A 82 11.83 18.62 -5.39
C SER A 82 12.51 18.40 -6.74
N THR A 83 12.65 17.14 -7.13
CA THR A 83 13.29 16.79 -8.39
C THR A 83 12.45 17.26 -9.58
N GLY A 84 11.20 17.64 -9.30
CA GLY A 84 10.32 18.11 -10.35
C GLY A 84 9.72 16.97 -11.15
N ASN A 85 9.87 15.75 -10.64
CA ASN A 85 9.34 14.56 -11.31
C ASN A 85 9.02 13.46 -10.30
N TRP A 86 8.06 12.61 -10.65
CA TRP A 86 7.66 11.52 -9.78
C TRP A 86 8.86 10.65 -9.42
N VAL A 87 9.17 10.58 -8.13
CA VAL A 87 10.29 9.78 -7.65
C VAL A 87 9.81 8.51 -6.97
N SER A 88 10.46 7.39 -7.30
CA SER A 88 10.09 6.10 -6.72
C SER A 88 10.67 5.94 -5.31
N ARG A 89 9.80 5.66 -4.35
CA ARG A 89 10.21 5.49 -2.97
C ARG A 89 9.87 4.09 -2.47
N LYS A 90 10.89 3.26 -2.31
CA LYS A 90 10.70 1.90 -1.84
C LYS A 90 10.70 1.84 -0.32
N ALA A 91 9.71 1.15 0.24
CA ALA A 91 9.60 1.01 1.70
C ALA A 91 8.71 -0.16 2.07
N GLU A 92 8.93 -0.71 3.26
CA GLU A 92 8.16 -1.85 3.74
C GLU A 92 7.24 -1.43 4.88
N LEU A 93 5.94 -1.52 4.66
CA LEU A 93 4.96 -1.15 5.67
C LEU A 93 4.57 -2.35 6.51
N LEU A 94 4.33 -2.12 7.80
CA LEU A 94 3.95 -3.18 8.72
C LEU A 94 2.46 -3.15 9.02
N LEU A 95 1.82 -4.31 9.00
CA LEU A 95 0.39 -4.41 9.28
C LEU A 95 0.02 -3.61 10.53
N ASN A 96 -1.02 -2.79 10.41
CA ASN A 96 -1.47 -1.97 11.53
C ASN A 96 -2.90 -2.35 11.93
N SER A 97 -3.10 -2.63 13.22
CA SER A 97 -4.41 -3.01 13.73
C SER A 97 -4.85 -2.05 14.84
N SER A 98 -6.03 -2.30 15.39
CA SER A 98 -6.57 -1.46 16.45
C SER A 98 -5.74 -1.58 17.72
N ASP A 99 -4.82 -0.64 17.91
CA ASP A 99 -3.95 -0.64 19.08
C ASP A 99 -3.20 0.68 19.20
N LYS A 100 -3.91 1.72 19.61
CA LYS A 100 -3.30 3.04 19.77
C LYS A 100 -2.04 2.97 20.62
N ASN A 101 -1.24 4.03 20.57
CA ASN A 101 0.01 4.09 21.34
C ASN A 101 0.13 5.42 22.07
N THR A 102 -0.65 5.58 23.12
CA THR A 102 -0.63 6.81 23.91
C THR A 102 -0.15 6.54 25.33
N GLU A 103 1.12 6.19 25.47
CA GLU A 103 1.70 5.91 26.77
C GLU A 103 2.13 7.20 27.47
N GLN A 104 2.42 8.22 26.68
CA GLN A 104 2.84 9.51 27.22
C GLN A 104 2.45 10.65 26.28
N ALA A 105 2.58 11.88 26.76
CA ALA A 105 2.23 13.06 25.97
C ALA A 105 3.25 14.17 26.18
N ALA A 106 3.34 15.07 25.21
CA ALA A 106 4.27 16.19 25.28
C ALA A 106 3.67 17.35 26.09
N ALA A 107 4.52 18.31 26.45
CA ALA A 107 4.08 19.47 27.22
C ALA A 107 2.85 20.11 26.59
N PRO A 108 1.70 19.95 27.25
CA PRO A 108 0.43 20.52 26.77
C PRO A 108 0.39 22.03 26.87
N ALA A 109 -0.73 22.63 26.47
CA ALA A 109 -0.89 24.07 26.51
C ALA A 109 -0.99 24.56 27.95
N ALA A 110 -1.90 23.97 28.71
CA ALA A 110 -2.10 24.34 30.11
C ALA A 110 -2.77 23.23 30.89
N GLU A 111 -2.64 23.27 32.22
CA GLU A 111 -3.24 22.27 33.08
C GLU A 111 -3.86 22.90 34.32
N GLN A 112 -4.59 22.09 35.09
CA GLN A 112 -5.24 22.58 36.30
C GLN A 112 -4.23 23.10 37.30
N ASN A 113 -4.56 24.21 37.95
CA ASN A 113 -3.66 24.82 38.93
C ASN A 113 -4.18 24.60 40.35
#